data_8FDW
#
_entry.id   8FDW
#
_cell.length_a   1.00
_cell.length_b   1.00
_cell.length_c   1.00
_cell.angle_alpha   90.00
_cell.angle_beta   90.00
_cell.angle_gamma   90.00
#
_symmetry.space_group_name_H-M   'P 1'
#
loop_
_entity.id
_entity.type
_entity.pdbx_description
1 polymer 'Spike protein S2'
2 branched alpha-D-mannopyranose-(1-3)-alpha-D-mannopyranose-(1-4)-2-acetamido-2-deoxy-beta-D-glucopyranose-(1-4)-2-acetamido-2-deoxy-beta-D-glucopyranose
3 branched alpha-D-mannopyranose-(1-4)-2-acetamido-2-deoxy-beta-D-glucopyranose-(1-4)-2-acetamido-2-deoxy-beta-D-glucopyranose
4 branched 2-acetamido-2-deoxy-beta-D-glucopyranose-(1-4)-2-acetamido-2-deoxy-beta-D-glucopyranose
5 non-polymer alpha-D-mannopyranose
6 non-polymer 2-acetamido-2-deoxy-beta-D-glucopyranose
#
_entity_poly.entity_id   1
_entity_poly.type   'polypeptide(L)'
_entity_poly.pdbx_seq_one_letter_code
;SVASQSIIAYTMSLGAENSVAYSNNSIAIPTNFTISVTTEILPVSMTKTSVDCTMYICGDSTECSNLLLQYGSFCTQLNR
ALTGIAVEQDKNTQEVFAQVKQIYKTPPIKDFGGFNFSQILPDPSKPSKRSFIEDLLFNKVTLADAGFIKQYGDCLGDIA
ARDLICAQKFNGLTVLPPLLTDEMIAQYTSALLAGTITSGWTFGAGAALQIPFAMQMAYRFNGIGVTQNVLYENQKLIAN
QFNSAIGKIQDSLSSTASALGKLQDVVNQNAQALNTLVKQLSSNFGAISSVLNDILSRLDKVEAEVQIDRLITGRLQSLQ
TYVTQQLIRAAEIRASANLAATKMSECVLGQSKRVDFCGKGYHLMSFPQSAPHGVVFLHVTYVPAQEKNFTTAPAICHDG
KAHFPREGVFVSNGTHWFVTQRNFYEPQIITTDNTFVSGNCDVVIGIVNNTVYDPLQPELDSFKEELDKYFKNHTSPDVD
LGDISGINASVVNIQKEIDRLNEVAKNLNESLIDLQELGKYEQYIKWPWYIWLGFIAGLIAIVMVTIMLCCMTSCCSCLK
GCCSCGSCCKFDEDDSEPVLKGVKLHYTLESGGGSAWSHPQFEKGGGSGGGSGGSSAWSHPQFEK
;
_entity_poly.pdbx_strand_id   B,A,C
#
# COMPACT_ATOMS: atom_id res chain seq x y z
N TYR A 10 18.09 33.30 -73.97
CA TYR A 10 19.21 34.23 -74.30
C TYR A 10 19.40 34.32 -75.82
N THR A 11 18.53 35.05 -76.54
CA THR A 11 18.67 35.20 -78.01
C THR A 11 19.62 36.35 -78.37
N MET A 12 20.43 36.14 -79.42
CA MET A 12 21.30 37.16 -80.02
C MET A 12 20.49 38.23 -80.80
N SER A 13 19.20 37.94 -81.09
CA SER A 13 18.31 38.78 -81.89
C SER A 13 16.85 38.68 -81.43
N LEU A 14 16.05 39.69 -81.78
CA LEU A 14 14.59 39.67 -81.80
C LEU A 14 14.09 40.68 -82.84
N GLY A 15 13.33 40.18 -83.82
CA GLY A 15 12.74 40.96 -84.89
C GLY A 15 13.60 41.80 -85.82
N ALA A 16 12.93 42.51 -86.72
CA ALA A 16 13.59 43.42 -87.64
C ALA A 16 12.96 44.79 -87.48
N GLU A 17 13.77 45.79 -87.15
CA GLU A 17 13.31 47.17 -86.96
C GLU A 17 12.16 47.30 -85.95
N ASN A 18 12.25 46.56 -84.85
CA ASN A 18 11.22 46.57 -83.81
C ASN A 18 11.72 45.98 -82.50
N SER A 19 11.97 46.86 -81.52
CA SER A 19 12.46 46.44 -80.20
C SER A 19 12.27 47.61 -79.22
N VAL A 20 12.28 47.34 -77.91
CA VAL A 20 12.33 48.40 -76.87
C VAL A 20 13.57 49.30 -77.02
N ALA A 21 14.62 48.77 -77.63
CA ALA A 21 15.87 49.54 -77.82
C ALA A 21 15.66 50.67 -78.83
N TYR A 22 14.57 50.61 -79.61
CA TYR A 22 14.34 51.62 -80.67
C TYR A 22 13.06 52.42 -80.36
N SER A 23 11.94 51.72 -80.13
CA SER A 23 10.66 52.41 -79.85
C SER A 23 10.90 53.69 -79.05
N ASN A 24 10.60 54.86 -79.63
CA ASN A 24 10.91 56.14 -78.94
C ASN A 24 9.67 56.64 -78.18
N ASN A 25 9.87 57.44 -77.13
CA ASN A 25 8.73 57.92 -76.30
C ASN A 25 9.16 59.12 -75.45
N SER A 26 8.22 59.74 -74.72
CA SER A 26 8.55 60.98 -73.95
C SER A 26 9.38 60.67 -72.70
N ILE A 27 10.32 61.55 -72.36
CA ILE A 27 11.13 61.38 -71.12
C ILE A 27 11.32 62.76 -70.48
N ALA A 28 11.47 62.82 -69.15
CA ALA A 28 11.57 64.13 -68.46
C ALA A 28 13.04 64.57 -68.35
N ILE A 29 13.45 65.54 -69.18
CA ILE A 29 14.82 66.07 -69.08
C ILE A 29 14.80 67.40 -68.29
N PRO A 30 15.62 67.54 -67.24
CA PRO A 30 15.80 68.82 -66.52
C PRO A 30 16.10 69.98 -67.47
N THR A 31 15.31 71.06 -67.33
CA THR A 31 15.50 72.25 -68.19
C THR A 31 16.10 73.38 -67.35
N ASN A 32 15.46 73.74 -66.25
CA ASN A 32 16.03 74.76 -65.32
C ASN A 32 16.29 74.10 -63.97
N PHE A 33 17.09 74.73 -63.10
CA PHE A 33 17.47 74.07 -61.82
C PHE A 33 17.22 75.00 -60.62
N THR A 34 17.42 74.48 -59.41
CA THR A 34 17.27 75.30 -58.18
C THR A 34 18.18 74.71 -57.09
N ILE A 35 18.87 75.57 -56.33
CA ILE A 35 19.82 75.09 -55.29
C ILE A 35 19.05 74.30 -54.22
N SER A 36 19.58 73.15 -53.80
CA SER A 36 18.93 72.33 -52.78
C SER A 36 19.92 71.70 -51.81
N VAL A 37 19.39 71.25 -50.68
CA VAL A 37 20.09 70.48 -49.66
C VAL A 37 19.24 69.29 -49.24
N THR A 38 19.87 68.29 -48.63
CA THR A 38 19.17 67.18 -47.98
C THR A 38 19.88 66.90 -46.67
N THR A 39 19.13 66.60 -45.61
CA THR A 39 19.68 65.97 -44.41
C THR A 39 19.47 64.46 -44.55
N GLU A 40 20.53 63.68 -44.68
CA GLU A 40 20.43 62.21 -44.73
C GLU A 40 21.06 61.57 -43.48
N ILE A 41 20.30 60.69 -42.82
CA ILE A 41 20.67 60.03 -41.56
C ILE A 41 20.93 58.55 -41.84
N LEU A 42 22.05 58.01 -41.33
CA LEU A 42 22.31 56.56 -41.28
C LEU A 42 22.77 56.13 -39.88
N PRO A 43 22.20 55.07 -39.30
CA PRO A 43 22.78 54.42 -38.12
C PRO A 43 24.01 53.60 -38.53
N VAL A 44 25.01 53.55 -37.63
CA VAL A 44 26.26 52.79 -37.93
C VAL A 44 26.60 51.93 -36.71
N SER A 45 25.96 52.22 -35.56
CA SER A 45 26.24 51.46 -34.32
C SER A 45 24.93 51.06 -33.65
N MET A 46 24.94 50.01 -32.82
CA MET A 46 23.72 49.57 -32.10
C MET A 46 24.10 49.19 -30.66
N THR A 47 23.42 49.77 -29.67
CA THR A 47 23.70 49.46 -28.24
C THR A 47 23.50 47.95 -28.02
N LYS A 48 24.55 47.25 -27.59
CA LYS A 48 24.41 45.79 -27.29
C LYS A 48 24.15 45.64 -25.79
N THR A 49 22.88 45.72 -25.37
CA THR A 49 22.53 45.64 -23.93
C THR A 49 22.51 44.17 -23.49
N SER A 50 22.73 43.92 -22.19
CA SER A 50 22.67 42.53 -21.66
C SER A 50 21.25 42.23 -21.18
N VAL A 51 20.68 41.10 -21.62
CA VAL A 51 19.32 40.74 -21.24
C VAL A 51 19.33 39.61 -20.21
N ASP A 52 18.53 39.77 -19.15
CA ASP A 52 18.45 38.76 -18.10
C ASP A 52 17.29 37.80 -18.40
N CYS A 53 17.63 36.59 -18.82
CA CYS A 53 16.65 35.57 -19.11
C CYS A 53 15.65 35.36 -17.99
N THR A 54 16.15 35.35 -16.75
CA THR A 54 15.25 35.15 -15.59
C THR A 54 14.18 36.23 -15.55
N MET A 55 14.53 37.50 -15.76
CA MET A 55 13.57 38.61 -15.83
C MET A 55 12.68 38.52 -17.08
N TYR A 56 13.20 37.99 -18.18
CA TYR A 56 12.47 37.86 -19.44
C TYR A 56 11.45 36.70 -19.42
N ILE A 57 11.93 35.52 -19.00
CA ILE A 57 11.05 34.32 -19.00
C ILE A 57 10.13 34.35 -17.78
N CYS A 58 10.69 34.48 -16.58
CA CYS A 58 9.83 34.40 -15.38
C CYS A 58 9.39 35.77 -14.78
N GLY A 59 10.27 36.78 -14.83
CA GLY A 59 9.94 38.12 -14.32
C GLY A 59 9.97 38.23 -12.80
N ASP A 60 8.95 37.70 -12.13
CA ASP A 60 8.77 37.75 -10.66
C ASP A 60 8.07 36.50 -10.07
N SER A 61 7.85 35.48 -10.91
CA SER A 61 7.17 34.23 -10.56
C SER A 61 8.15 33.23 -9.91
N THR A 62 8.31 33.31 -8.59
CA THR A 62 9.37 32.59 -7.85
C THR A 62 9.34 31.07 -8.08
N GLU A 63 8.16 30.47 -8.35
CA GLU A 63 8.01 29.05 -8.68
C GLU A 63 8.54 28.62 -10.08
N CYS A 64 9.21 29.61 -10.70
CA CYS A 64 9.85 29.54 -12.01
C CYS A 64 11.34 29.91 -11.88
N SER A 65 11.61 30.95 -11.09
CA SER A 65 13.01 31.42 -10.93
C SER A 65 13.92 30.23 -10.61
N ASN A 66 13.50 29.38 -9.67
CA ASN A 66 14.32 28.22 -9.26
C ASN A 66 14.54 27.27 -10.43
N LEU A 67 13.51 27.04 -11.25
CA LEU A 67 13.63 26.05 -12.37
C LEU A 67 14.69 26.53 -13.37
N LEU A 68 14.74 27.83 -13.65
CA LEU A 68 15.67 28.35 -14.68
C LEU A 68 17.13 27.96 -14.35
N LEU A 69 17.46 27.82 -13.07
CA LEU A 69 18.83 27.45 -12.67
C LEU A 69 19.21 26.13 -13.37
N GLN A 70 18.34 25.13 -13.32
CA GLN A 70 18.63 23.81 -13.93
C GLN A 70 18.82 23.96 -15.44
N TYR A 71 18.12 24.93 -16.05
CA TYR A 71 18.22 25.11 -17.51
C TYR A 71 19.66 25.42 -17.98
N GLY A 72 20.61 25.66 -17.07
CA GLY A 72 22.03 25.90 -17.37
C GLY A 72 22.34 27.29 -17.93
N SER A 73 23.54 27.46 -18.48
CA SER A 73 24.12 28.76 -18.88
C SER A 73 23.63 29.31 -20.23
N PHE A 74 22.43 28.93 -20.69
CA PHE A 74 21.84 29.42 -21.96
C PHE A 74 21.73 30.97 -21.98
N CYS A 75 21.54 31.57 -20.80
CA CYS A 75 21.41 33.01 -20.68
C CYS A 75 22.70 33.67 -21.12
N THR A 76 23.81 33.00 -20.83
CA THR A 76 25.11 33.54 -21.19
C THR A 76 25.31 33.41 -22.69
N GLN A 77 24.93 32.26 -23.24
CA GLN A 77 25.05 32.01 -24.68
C GLN A 77 24.27 33.04 -25.51
N LEU A 78 23.05 33.38 -25.05
CA LEU A 78 22.21 34.36 -25.69
C LEU A 78 22.77 35.79 -25.51
N ASN A 79 23.34 36.12 -24.34
CA ASN A 79 24.01 37.41 -24.15
C ASN A 79 25.33 37.54 -24.94
N ARG A 80 26.01 36.42 -25.15
CA ARG A 80 27.23 36.43 -25.94
C ARG A 80 26.86 36.79 -27.38
N ALA A 81 25.63 36.42 -27.77
CA ALA A 81 25.11 36.71 -29.10
C ALA A 81 24.71 38.18 -29.19
N LEU A 82 23.78 38.59 -28.32
CA LEU A 82 23.32 40.00 -28.31
C LEU A 82 24.54 40.93 -28.13
N THR A 83 25.35 40.67 -27.09
CA THR A 83 26.56 41.50 -26.85
C THR A 83 27.80 40.71 -27.28
N GLY A 84 28.53 41.22 -28.28
CA GLY A 84 29.72 40.50 -28.79
C GLY A 84 30.86 40.58 -27.81
N ILE A 85 30.62 40.23 -26.54
CA ILE A 85 31.68 40.29 -25.48
C ILE A 85 31.74 38.92 -24.80
N ALA A 86 32.88 38.23 -24.89
CA ALA A 86 33.04 36.92 -24.22
C ALA A 86 33.07 37.15 -22.71
N VAL A 87 31.91 37.39 -22.11
CA VAL A 87 31.85 37.68 -20.65
C VAL A 87 32.78 36.74 -19.87
N GLU A 88 33.75 37.32 -19.16
CA GLU A 88 34.69 36.54 -18.38
C GLU A 88 34.03 36.03 -17.10
N GLN A 89 33.32 34.92 -17.20
CA GLN A 89 32.63 34.33 -16.05
C GLN A 89 33.62 33.71 -15.06
N ASP A 90 33.19 33.57 -13.80
CA ASP A 90 34.04 33.00 -12.77
C ASP A 90 33.94 31.48 -12.76
N LYS A 91 34.67 30.84 -11.84
CA LYS A 91 34.67 29.39 -11.73
C LYS A 91 34.14 28.94 -10.37
N ASN A 92 33.20 28.00 -10.38
CA ASN A 92 32.61 27.48 -9.15
C ASN A 92 32.54 25.96 -9.16
N THR A 93 32.98 25.35 -8.06
CA THR A 93 32.97 23.89 -7.93
C THR A 93 31.97 23.44 -6.87
N GLN A 94 30.70 23.42 -7.23
CA GLN A 94 29.65 23.01 -6.31
C GLN A 94 28.81 21.87 -6.88
N GLU A 95 28.66 20.80 -6.10
CA GLU A 95 27.88 19.65 -6.51
C GLU A 95 27.06 19.10 -5.35
N VAL A 96 25.74 19.04 -5.54
CA VAL A 96 24.83 18.53 -4.51
C VAL A 96 24.80 17.01 -4.51
N PHE A 97 24.61 16.40 -3.35
CA PHE A 97 24.58 14.95 -3.24
C PHE A 97 23.59 14.48 -2.15
N ALA A 98 22.71 13.54 -2.49
CA ALA A 98 21.76 12.92 -1.57
C ALA A 98 22.08 11.42 -1.36
N GLN A 99 22.20 11.02 -0.11
CA GLN A 99 22.50 9.63 0.22
C GLN A 99 21.31 8.72 -0.07
N GLY A 147 -35.50 -62.19 48.29
CA GLY A 147 -35.70 -62.57 49.68
C GLY A 147 -37.03 -63.27 49.96
N PHE A 148 -37.05 -64.07 51.02
CA PHE A 148 -38.17 -64.94 51.39
C PHE A 148 -39.39 -64.23 51.99
N ILE A 149 -39.24 -62.98 52.37
CA ILE A 149 -40.16 -62.26 53.26
C ILE A 149 -41.60 -62.28 52.73
N LYS A 150 -41.79 -62.00 51.43
CA LYS A 150 -43.13 -61.98 50.83
C LYS A 150 -43.79 -63.35 50.86
N GLN A 151 -43.02 -64.41 50.64
CA GLN A 151 -43.54 -65.77 50.47
C GLN A 151 -44.12 -66.29 51.78
N TYR A 152 -43.49 -65.95 52.89
CA TYR A 152 -44.02 -66.20 54.23
C TYR A 152 -45.38 -65.53 54.39
N GLY A 153 -45.52 -64.28 53.96
CA GLY A 153 -46.81 -63.57 54.01
C GLY A 153 -47.84 -64.29 53.16
N ASP A 154 -47.58 -64.37 51.85
CA ASP A 154 -48.56 -64.98 50.91
C ASP A 154 -49.13 -66.27 51.49
N CYS A 155 -48.30 -67.08 52.16
CA CYS A 155 -48.77 -68.40 52.64
C CYS A 155 -49.44 -68.29 54.02
N LEU A 156 -48.79 -67.60 54.97
CA LEU A 156 -49.34 -67.52 56.36
C LEU A 156 -50.58 -66.62 56.37
N GLY A 157 -50.65 -65.64 55.45
CA GLY A 157 -51.78 -64.69 55.41
C GLY A 157 -52.06 -64.07 56.76
N ASP A 158 -53.30 -64.18 57.25
CA ASP A 158 -53.65 -63.64 58.59
C ASP A 158 -53.90 -64.80 59.55
N ILE A 159 -52.87 -65.62 59.80
CA ILE A 159 -53.04 -66.71 60.81
C ILE A 159 -51.78 -66.76 61.67
N ALA A 160 -51.83 -66.15 62.86
CA ALA A 160 -50.67 -66.25 63.79
C ALA A 160 -50.34 -67.72 64.00
N ALA A 161 -51.34 -68.59 63.84
CA ALA A 161 -51.10 -70.05 63.97
C ALA A 161 -50.22 -70.54 62.82
N ARG A 162 -50.45 -70.06 61.58
CA ARG A 162 -49.66 -70.63 60.49
C ARG A 162 -48.18 -70.22 60.53
N ASP A 163 -47.82 -69.42 61.53
CA ASP A 163 -46.47 -68.88 61.70
C ASP A 163 -45.29 -69.80 61.36
N LEU A 164 -45.16 -70.89 62.11
CA LEU A 164 -44.04 -71.81 61.96
C LEU A 164 -44.17 -72.69 60.71
N ILE A 165 -45.38 -73.15 60.38
CA ILE A 165 -45.61 -73.99 59.19
C ILE A 165 -45.38 -73.25 57.87
N CYS A 166 -45.22 -71.93 57.97
CA CYS A 166 -44.96 -71.10 56.75
C CYS A 166 -43.47 -70.77 56.61
N ALA A 167 -42.62 -71.28 57.53
CA ALA A 167 -41.18 -71.03 57.41
C ALA A 167 -40.63 -71.48 56.05
N GLN A 168 -39.92 -70.58 55.37
CA GLN A 168 -39.30 -70.80 54.08
C GLN A 168 -37.87 -71.36 54.23
N LYS A 169 -37.20 -71.57 53.11
CA LYS A 169 -35.86 -72.12 53.15
C LYS A 169 -34.92 -71.58 52.06
N PHE A 170 -33.85 -70.94 52.50
CA PHE A 170 -32.84 -70.40 51.60
C PHE A 170 -31.63 -71.28 51.83
N ASN A 171 -31.08 -71.83 50.74
CA ASN A 171 -29.93 -72.72 50.82
C ASN A 171 -30.23 -73.91 51.73
N GLY A 172 -29.35 -74.16 52.69
CA GLY A 172 -29.55 -75.27 53.61
C GLY A 172 -30.07 -74.90 54.98
N LEU A 173 -30.74 -73.77 55.08
CA LEU A 173 -31.29 -73.32 56.36
C LEU A 173 -32.74 -72.84 56.26
N THR A 174 -33.50 -73.06 57.33
CA THR A 174 -34.90 -72.64 57.38
C THR A 174 -34.97 -71.21 57.92
N VAL A 175 -35.81 -70.38 57.31
CA VAL A 175 -35.93 -68.98 57.73
C VAL A 175 -37.38 -68.52 57.91
N LEU A 176 -37.57 -67.59 58.85
CA LEU A 176 -38.80 -66.84 59.13
C LEU A 176 -38.48 -65.34 59.09
N PRO A 177 -39.52 -64.49 59.06
CA PRO A 177 -39.35 -63.04 59.08
C PRO A 177 -39.07 -62.63 60.53
N PRO A 178 -38.36 -61.51 60.74
CA PRO A 178 -38.03 -61.06 62.10
C PRO A 178 -39.05 -60.12 62.74
N LEU A 179 -40.31 -60.55 62.83
CA LEU A 179 -41.38 -59.70 63.42
C LEU A 179 -42.38 -60.60 64.16
N LEU A 180 -42.53 -60.41 65.47
CA LEU A 180 -43.55 -61.17 66.25
C LEU A 180 -44.68 -60.22 66.64
N THR A 181 -45.93 -60.59 66.38
CA THR A 181 -47.07 -59.68 66.67
C THR A 181 -47.83 -60.18 67.91
N ASP A 182 -48.57 -59.30 68.56
CA ASP A 182 -49.31 -59.67 69.78
C ASP A 182 -50.10 -60.99 69.63
N GLU A 183 -50.41 -61.38 68.39
CA GLU A 183 -51.14 -62.65 68.14
C GLU A 183 -50.15 -63.81 68.25
N MET A 184 -48.98 -63.67 67.63
CA MET A 184 -47.93 -64.67 67.59
C MET A 184 -47.28 -64.84 68.95
N ILE A 185 -46.97 -63.76 69.65
CA ILE A 185 -46.39 -63.83 70.99
C ILE A 185 -47.35 -64.51 71.94
N ALA A 186 -48.66 -64.26 71.83
CA ALA A 186 -49.65 -64.96 72.64
C ALA A 186 -49.57 -66.47 72.36
N GLN A 187 -49.53 -66.86 71.09
CA GLN A 187 -49.42 -68.26 70.71
C GLN A 187 -48.17 -68.88 71.34
N TYR A 188 -46.98 -68.36 71.06
CA TYR A 188 -45.73 -68.97 71.50
C TYR A 188 -45.47 -68.85 72.99
N THR A 189 -45.69 -67.70 73.61
CA THR A 189 -45.41 -67.58 75.05
C THR A 189 -46.38 -68.41 75.86
N SER A 190 -47.67 -68.47 75.49
CA SER A 190 -48.61 -69.38 76.15
C SER A 190 -48.36 -70.85 75.81
N ALA A 191 -47.79 -71.16 74.64
CA ALA A 191 -47.33 -72.50 74.34
C ALA A 191 -46.14 -72.87 75.20
N LEU A 192 -45.15 -71.99 75.34
CA LEU A 192 -44.00 -72.22 76.20
C LEU A 192 -44.45 -72.51 77.61
N LEU A 193 -45.26 -71.63 78.20
CA LEU A 193 -45.77 -71.81 79.55
C LEU A 193 -46.58 -73.10 79.65
N ALA A 194 -47.50 -73.39 78.73
CA ALA A 194 -48.28 -74.63 78.76
C ALA A 194 -47.40 -75.88 78.73
N GLY A 195 -46.32 -75.88 77.97
CA GLY A 195 -45.33 -76.95 78.04
C GLY A 195 -44.67 -77.10 79.40
N THR A 196 -44.43 -76.02 80.14
CA THR A 196 -43.95 -76.10 81.52
C THR A 196 -45.02 -76.57 82.51
N ILE A 197 -46.29 -76.30 82.25
CA ILE A 197 -47.41 -76.82 83.07
C ILE A 197 -47.55 -78.33 82.88
N THR A 198 -47.67 -78.80 81.64
CA THR A 198 -48.00 -80.21 81.35
C THR A 198 -46.93 -81.17 81.85
N SER A 199 -45.67 -80.77 81.72
CA SER A 199 -44.51 -81.58 82.08
C SER A 199 -44.47 -81.95 83.56
N GLY A 200 -45.15 -81.21 84.43
CA GLY A 200 -45.25 -81.50 85.87
C GLY A 200 -46.14 -82.69 86.19
N TRP A 201 -47.16 -82.96 85.38
CA TRP A 201 -48.09 -84.07 85.56
C TRP A 201 -47.78 -85.25 84.66
N THR A 202 -47.48 -84.98 83.39
CA THR A 202 -47.27 -86.00 82.35
C THR A 202 -46.06 -86.88 82.65
N PHE A 203 -46.17 -88.19 82.42
CA PHE A 203 -45.10 -89.17 82.71
C PHE A 203 -43.82 -88.88 81.91
N GLY A 204 -43.96 -88.34 80.70
CA GLY A 204 -42.86 -87.99 79.80
C GLY A 204 -42.93 -86.55 79.31
N ALA A 205 -42.77 -86.38 78.00
CA ALA A 205 -42.65 -85.09 77.34
C ALA A 205 -44.01 -84.40 77.10
N GLY A 206 -44.60 -83.83 78.15
CA GLY A 206 -45.59 -82.73 78.00
C GLY A 206 -44.99 -81.53 77.24
N ALA A 207 -43.67 -81.38 77.30
CA ALA A 207 -42.86 -80.43 76.55
C ALA A 207 -42.88 -80.59 75.03
N ALA A 208 -43.59 -81.57 74.47
CA ALA A 208 -43.89 -81.57 73.04
C ALA A 208 -44.54 -80.23 72.58
N LEU A 209 -45.25 -79.55 73.50
CA LEU A 209 -45.78 -78.19 73.30
C LEU A 209 -44.70 -77.10 73.11
N GLN A 210 -43.43 -77.35 73.44
CA GLN A 210 -42.38 -76.32 73.40
C GLN A 210 -41.58 -76.29 72.11
N ILE A 211 -41.63 -77.36 71.32
CA ILE A 211 -41.03 -77.41 69.98
C ILE A 211 -41.33 -76.13 69.18
N PRO A 212 -42.56 -75.63 69.07
CA PRO A 212 -42.81 -74.48 68.22
C PRO A 212 -42.13 -73.21 68.71
N PHE A 213 -42.01 -72.99 70.02
CA PHE A 213 -41.32 -71.82 70.56
C PHE A 213 -39.82 -71.89 70.28
N ALA A 214 -39.22 -73.05 70.54
CA ALA A 214 -37.79 -73.22 70.46
C ALA A 214 -37.33 -73.21 69.00
N MET A 215 -38.16 -73.74 68.10
CA MET A 215 -37.94 -73.72 66.66
C MET A 215 -38.15 -72.34 66.06
N GLN A 216 -39.26 -71.65 66.34
CA GLN A 216 -39.50 -70.34 65.76
C GLN A 216 -38.43 -69.34 66.17
N MET A 217 -37.88 -69.46 67.38
CA MET A 217 -36.71 -68.68 67.80
C MET A 217 -35.51 -68.94 66.89
N ALA A 218 -35.18 -70.22 66.69
CA ALA A 218 -34.05 -70.59 65.85
C ALA A 218 -34.22 -70.15 64.40
N TYR A 219 -35.40 -70.36 63.84
CA TYR A 219 -35.65 -69.98 62.42
C TYR A 219 -35.50 -68.47 62.24
N ARG A 220 -36.12 -67.69 63.13
CA ARG A 220 -36.08 -66.20 63.01
C ARG A 220 -34.63 -65.72 63.12
N PHE A 221 -33.87 -66.24 64.09
CA PHE A 221 -32.44 -65.87 64.16
C PHE A 221 -31.80 -66.12 62.79
N ASN A 222 -32.14 -67.24 62.15
CA ASN A 222 -31.62 -67.53 60.79
C ASN A 222 -32.15 -66.46 59.83
N GLY A 223 -33.46 -66.23 59.85
CA GLY A 223 -34.04 -65.16 59.02
C GLY A 223 -33.22 -63.89 59.21
N ILE A 224 -32.84 -63.60 60.46
CA ILE A 224 -32.06 -62.40 60.73
C ILE A 224 -30.64 -62.56 60.20
N GLY A 225 -30.09 -63.77 60.22
CA GLY A 225 -28.79 -64.06 59.62
C GLY A 225 -28.75 -63.88 58.13
N VAL A 226 -29.71 -64.45 57.39
CA VAL A 226 -29.75 -64.33 55.93
C VAL A 226 -29.99 -62.89 55.52
N THR A 227 -30.84 -62.18 56.25
CA THR A 227 -31.12 -60.76 56.00
C THR A 227 -29.98 -59.85 56.41
N GLN A 228 -29.18 -60.15 57.43
CA GLN A 228 -27.93 -59.41 57.66
C GLN A 228 -26.87 -59.70 56.62
N ASN A 229 -26.74 -60.97 56.23
CA ASN A 229 -25.70 -61.36 55.25
C ASN A 229 -25.90 -60.58 53.93
N VAL A 230 -27.12 -60.57 53.41
CA VAL A 230 -27.41 -59.87 52.12
C VAL A 230 -27.26 -58.35 52.35
N LEU A 231 -27.72 -57.84 53.50
CA LEU A 231 -27.54 -56.40 53.80
C LEU A 231 -26.03 -56.09 53.74
N TYR A 232 -25.21 -57.00 54.29
CA TYR A 232 -23.73 -56.82 54.22
C TYR A 232 -23.30 -56.90 52.75
N GLU A 233 -23.90 -57.82 51.98
CA GLU A 233 -23.52 -57.97 50.58
C GLU A 233 -24.09 -56.86 49.70
N ASN A 234 -25.24 -56.29 50.06
CA ASN A 234 -25.67 -55.03 49.49
C ASN A 234 -24.70 -53.92 49.88
N GLN A 235 -24.27 -53.84 51.15
CA GLN A 235 -23.36 -52.80 51.61
C GLN A 235 -22.04 -52.84 50.86
N LYS A 236 -21.51 -54.04 50.64
CA LYS A 236 -20.29 -54.16 49.81
C LYS A 236 -20.59 -53.63 48.41
N LEU A 237 -21.71 -54.07 47.82
CA LEU A 237 -22.03 -53.66 46.43
C LEU A 237 -22.04 -52.13 46.33
N ILE A 238 -22.84 -51.47 47.17
CA ILE A 238 -22.97 -49.99 47.11
C ILE A 238 -21.58 -49.36 47.34
N ALA A 239 -20.88 -49.80 48.38
CA ALA A 239 -19.52 -49.28 48.65
C ALA A 239 -18.65 -49.44 47.39
N ASN A 240 -18.58 -50.65 46.85
CA ASN A 240 -17.74 -50.92 45.66
C ASN A 240 -18.20 -50.03 44.49
N GLN A 241 -19.50 -50.06 44.16
CA GLN A 241 -19.95 -49.30 43.01
C GLN A 241 -19.77 -47.80 43.21
N PHE A 242 -19.89 -47.26 44.43
CA PHE A 242 -19.52 -45.89 44.72
C PHE A 242 -18.01 -45.67 44.65
N ASN A 243 -17.20 -46.60 45.16
CA ASN A 243 -15.74 -46.55 45.02
C ASN A 243 -15.32 -46.60 43.55
N SER A 244 -15.96 -47.44 42.73
CA SER A 244 -15.75 -47.50 41.29
C SER A 244 -16.22 -46.23 40.58
N ALA A 245 -17.38 -45.69 40.95
CA ALA A 245 -17.90 -44.48 40.39
C ALA A 245 -16.99 -43.31 40.70
N ILE A 246 -16.56 -43.10 41.95
CA ILE A 246 -15.61 -42.03 42.27
C ILE A 246 -14.24 -42.28 41.64
N GLY A 247 -13.85 -43.53 41.40
CA GLY A 247 -12.71 -43.84 40.54
C GLY A 247 -12.89 -43.34 39.11
N LYS A 248 -14.08 -43.43 38.53
CA LYS A 248 -14.40 -42.94 37.18
C LYS A 248 -14.65 -41.43 37.15
N ILE A 249 -15.19 -40.83 38.20
CA ILE A 249 -15.32 -39.38 38.29
C ILE A 249 -13.98 -38.74 38.58
N GLN A 250 -13.07 -39.48 39.19
CA GLN A 250 -11.71 -38.98 39.39
C GLN A 250 -11.02 -38.89 38.02
N ASP A 251 -11.24 -39.90 37.18
CA ASP A 251 -10.68 -39.93 35.83
C ASP A 251 -11.28 -38.76 35.06
N SER A 252 -12.60 -38.70 35.03
CA SER A 252 -13.33 -37.62 34.40
C SER A 252 -12.80 -36.24 34.75
N LEU A 253 -12.59 -35.92 36.02
CA LEU A 253 -12.10 -34.60 36.43
C LEU A 253 -10.62 -34.41 36.14
N SER A 254 -9.80 -35.46 36.12
CA SER A 254 -8.44 -35.36 35.58
C SER A 254 -8.47 -35.03 34.09
N SER A 255 -9.41 -35.62 33.35
CA SER A 255 -9.59 -35.40 31.92
C SER A 255 -10.20 -34.04 31.62
N THR A 256 -11.17 -33.58 32.41
CA THR A 256 -11.72 -32.25 32.30
C THR A 256 -10.67 -31.23 32.64
N ALA A 257 -9.86 -31.43 33.67
CA ALA A 257 -8.78 -30.52 33.99
C ALA A 257 -7.77 -30.42 32.86
N SER A 258 -7.44 -31.54 32.22
CA SER A 258 -6.52 -31.58 31.09
C SER A 258 -7.10 -30.87 29.87
N ALA A 259 -8.38 -31.09 29.58
CA ALA A 259 -9.10 -30.44 28.51
C ALA A 259 -9.16 -28.92 28.68
N LEU A 260 -9.62 -28.45 29.85
CA LEU A 260 -9.64 -27.03 30.21
C LEU A 260 -8.23 -26.43 30.14
N GLY A 261 -7.22 -27.13 30.64
CA GLY A 261 -5.84 -26.67 30.57
C GLY A 261 -5.34 -26.49 29.14
N LYS A 262 -5.66 -27.42 28.24
CA LYS A 262 -5.27 -27.33 26.84
C LYS A 262 -6.03 -26.23 26.10
N LEU A 263 -7.31 -26.04 26.41
CA LEU A 263 -8.12 -24.94 25.89
C LEU A 263 -7.62 -23.58 26.39
N GLN A 264 -7.06 -23.53 27.59
CA GLN A 264 -6.50 -22.31 28.13
C GLN A 264 -5.16 -21.99 27.45
N ASP A 265 -4.33 -23.02 27.27
CA ASP A 265 -3.00 -22.82 26.66
C ASP A 265 -3.16 -22.19 25.27
N VAL A 266 -3.94 -22.83 24.40
CA VAL A 266 -4.09 -22.34 22.99
C VAL A 266 -4.84 -21.00 22.95
N VAL A 267 -6.03 -20.94 23.56
CA VAL A 267 -6.84 -19.69 23.46
C VAL A 267 -5.94 -18.53 23.90
N ASN A 268 -5.12 -18.75 24.92
CA ASN A 268 -4.23 -17.71 25.40
C ASN A 268 -3.01 -17.51 24.49
N GLN A 269 -2.59 -18.58 23.82
CA GLN A 269 -1.50 -18.50 22.85
C GLN A 269 -1.99 -17.74 21.62
N ASN A 270 -3.21 -18.06 21.16
CA ASN A 270 -3.82 -17.41 20.00
C ASN A 270 -4.18 -15.96 20.30
N ALA A 271 -4.59 -15.61 21.51
CA ALA A 271 -4.74 -14.22 21.91
C ALA A 271 -3.41 -13.46 21.78
N GLN A 272 -2.32 -14.12 22.16
CA GLN A 272 -1.00 -13.53 22.02
C GLN A 272 -0.71 -13.32 20.52
N ALA A 273 -1.02 -14.34 19.72
CA ALA A 273 -0.81 -14.28 18.27
C ALA A 273 -1.61 -13.13 17.64
N LEU A 274 -2.86 -12.91 18.05
CA LEU A 274 -3.66 -11.76 17.60
C LEU A 274 -3.04 -10.46 18.06
N ASN A 275 -2.64 -10.35 19.33
CA ASN A 275 -1.92 -9.17 19.79
C ASN A 275 -0.67 -8.91 18.96
N THR A 276 0.17 -9.93 18.75
CA THR A 276 1.40 -9.76 17.99
C THR A 276 1.11 -9.33 16.55
N LEU A 277 0.14 -9.98 15.88
CA LEU A 277 -0.31 -9.59 14.56
C LEU A 277 -0.84 -8.16 14.56
N VAL A 278 -1.67 -7.77 15.52
CA VAL A 278 -2.19 -6.42 15.60
C VAL A 278 -1.06 -5.42 15.82
N LYS A 279 -0.07 -5.73 16.67
CA LYS A 279 1.07 -4.83 16.89
C LYS A 279 1.82 -4.62 15.58
N GLN A 280 2.16 -5.70 14.90
CA GLN A 280 2.90 -5.60 13.64
C GLN A 280 2.09 -4.96 12.51
N LEU A 281 0.87 -5.46 12.31
CA LEU A 281 -0.02 -4.98 11.26
C LEU A 281 -0.38 -3.51 11.40
N SER A 282 -0.69 -3.04 12.60
CA SER A 282 -0.98 -1.62 12.81
C SER A 282 0.27 -0.76 12.58
N SER A 283 1.47 -1.30 12.85
CA SER A 283 2.72 -0.66 12.46
C SER A 283 2.90 -0.66 10.95
N ASN A 284 2.57 -1.78 10.31
CA ASN A 284 2.71 -1.99 8.88
C ASN A 284 1.81 -1.02 8.09
N PHE A 285 0.55 -0.87 8.52
CA PHE A 285 -0.35 0.11 7.94
C PHE A 285 0.14 1.54 8.16
N GLY A 286 0.79 1.82 9.28
CA GLY A 286 1.49 3.09 9.49
C GLY A 286 2.64 3.31 8.50
N ALA A 287 3.42 2.24 8.25
CA ALA A 287 4.53 2.34 7.28
C ALA A 287 3.96 2.63 5.90
N ILE A 288 2.92 1.90 5.49
CA ILE A 288 2.27 2.15 4.18
C ILE A 288 1.79 3.61 4.15
N SER A 289 1.09 4.03 5.21
CA SER A 289 0.59 5.43 5.29
C SER A 289 1.73 6.39 4.94
N SER A 290 2.89 6.25 5.61
CA SER A 290 4.02 7.15 5.36
C SER A 290 4.55 7.07 3.92
N VAL A 291 4.62 5.87 3.34
CA VAL A 291 5.21 5.67 2.02
C VAL A 291 4.29 6.17 0.92
N LEU A 292 2.98 5.92 1.00
CA LEU A 292 2.06 6.45 0.00
C LEU A 292 2.04 7.97 0.04
N ASN A 293 2.21 8.57 1.23
CA ASN A 293 2.31 10.01 1.38
C ASN A 293 3.49 10.61 0.60
N ASP A 294 4.68 9.99 0.66
CA ASP A 294 5.81 10.39 -0.17
C ASP A 294 5.43 10.33 -1.67
N ILE A 295 5.08 9.14 -2.13
CA ILE A 295 4.70 8.98 -3.57
C ILE A 295 3.79 10.14 -3.96
N LEU A 296 2.68 10.33 -3.27
CA LEU A 296 1.69 11.32 -3.68
C LEU A 296 2.30 12.72 -3.65
N SER A 297 2.88 13.08 -2.50
CA SER A 297 3.51 14.39 -2.32
C SER A 297 4.55 14.71 -3.39
N ARG A 298 5.33 13.71 -3.80
CA ARG A 298 6.39 13.93 -4.83
C ARG A 298 5.75 13.92 -6.22
N LEU A 299 4.68 13.13 -6.41
CA LEU A 299 3.97 13.11 -7.71
C LEU A 299 3.37 14.49 -7.95
N ASP A 300 2.70 15.05 -6.94
CA ASP A 300 2.13 16.41 -7.04
C ASP A 300 3.23 17.36 -7.50
N LYS A 301 4.43 17.24 -6.92
CA LYS A 301 5.54 18.11 -7.24
C LYS A 301 5.83 17.98 -8.73
N VAL A 302 5.99 16.73 -9.18
CA VAL A 302 6.25 16.46 -10.60
C VAL A 302 5.16 17.02 -11.49
N GLU A 303 3.88 16.96 -11.08
CA GLU A 303 2.78 17.53 -11.85
C GLU A 303 2.77 19.06 -11.88
N ALA A 304 3.38 19.74 -10.91
CA ALA A 304 3.62 21.17 -11.01
C ALA A 304 4.77 21.45 -12.01
N GLU A 305 5.91 20.80 -11.82
CA GLU A 305 7.10 21.06 -12.64
C GLU A 305 6.86 20.74 -14.12
N VAL A 306 6.25 19.59 -14.43
CA VAL A 306 5.99 19.17 -15.81
C VAL A 306 5.01 20.09 -16.56
N GLN A 307 4.16 20.84 -15.85
CA GLN A 307 3.36 21.93 -16.44
C GLN A 307 4.18 23.21 -16.63
N ILE A 308 4.88 23.66 -15.58
CA ILE A 308 5.59 24.94 -15.56
C ILE A 308 6.71 24.98 -16.61
N ASP A 309 7.43 23.87 -16.78
CA ASP A 309 8.48 23.71 -17.81
C ASP A 309 7.96 23.87 -19.26
N ARG A 310 6.66 23.67 -19.53
CA ARG A 310 6.07 23.85 -20.88
C ARG A 310 5.92 25.32 -21.22
N LEU A 311 5.35 26.12 -20.32
CA LEU A 311 5.30 27.58 -20.49
C LEU A 311 6.71 28.19 -20.57
N ILE A 312 7.64 27.71 -19.72
CA ILE A 312 9.05 28.19 -19.79
C ILE A 312 9.58 27.93 -21.21
N THR A 313 9.36 26.72 -21.73
CA THR A 313 9.88 26.35 -23.07
C THR A 313 9.30 27.31 -24.12
N GLY A 314 8.00 27.61 -24.02
CA GLY A 314 7.36 28.55 -24.97
C GLY A 314 8.04 29.91 -24.92
N ARG A 315 8.34 30.40 -23.71
CA ARG A 315 9.04 31.71 -23.55
C ARG A 315 10.48 31.58 -24.05
N LEU A 316 11.14 30.46 -23.76
CA LEU A 316 12.51 30.23 -24.28
C LEU A 316 12.51 30.52 -25.78
N GLN A 317 11.47 30.06 -26.49
CA GLN A 317 11.37 30.29 -27.93
C GLN A 317 11.13 31.78 -28.15
N SER A 318 10.06 32.28 -27.55
CA SER A 318 9.71 33.71 -27.59
C SER A 318 10.93 34.61 -27.31
N LEU A 319 11.83 34.20 -26.42
CA LEU A 319 13.15 34.81 -26.22
C LEU A 319 14.09 34.60 -27.43
N GLN A 320 14.18 33.38 -27.96
CA GLN A 320 15.00 33.11 -29.15
C GLN A 320 14.55 33.92 -30.37
N THR A 321 13.26 34.25 -30.43
CA THR A 321 12.68 35.19 -31.40
C THR A 321 13.22 36.61 -31.20
N TYR A 322 13.14 37.11 -29.96
CA TYR A 322 13.72 38.45 -29.66
C TYR A 322 15.19 38.46 -30.06
N VAL A 323 15.94 37.44 -29.62
CA VAL A 323 17.41 37.37 -29.93
C VAL A 323 17.61 37.36 -31.45
N THR A 324 16.85 36.53 -32.16
CA THR A 324 17.00 36.43 -33.64
C THR A 324 16.76 37.80 -34.26
N GLN A 325 15.69 38.49 -33.84
CA GLN A 325 15.37 39.84 -34.38
C GLN A 325 16.56 40.77 -34.17
N GLN A 326 17.18 40.71 -32.98
CA GLN A 326 18.33 41.61 -32.68
C GLN A 326 19.46 41.33 -33.66
N LEU A 327 19.83 40.05 -33.84
CA LEU A 327 20.92 39.69 -34.79
C LEU A 327 20.54 40.21 -36.18
N ILE A 328 19.30 39.99 -36.61
CA ILE A 328 18.81 40.48 -37.91
C ILE A 328 18.98 42.00 -38.02
N ARG A 329 18.55 42.76 -37.00
CA ARG A 329 18.77 44.22 -36.94
C ARG A 329 20.26 44.57 -36.83
N ALA A 330 21.07 43.80 -36.11
CA ALA A 330 22.51 43.99 -36.03
C ALA A 330 23.19 43.85 -37.40
N ALA A 331 22.79 42.86 -38.19
CA ALA A 331 23.26 42.71 -39.57
C ALA A 331 22.83 43.89 -40.46
N GLU A 332 21.64 44.49 -40.27
CA GLU A 332 21.25 45.70 -40.99
C GLU A 332 21.98 46.96 -40.53
N ILE A 333 22.25 47.13 -39.23
CA ILE A 333 23.10 48.23 -38.72
C ILE A 333 24.50 48.13 -39.31
N ARG A 334 25.09 46.92 -39.33
CA ARG A 334 26.43 46.69 -39.86
C ARG A 334 26.49 46.77 -41.40
N ALA A 335 25.41 46.43 -42.11
CA ALA A 335 25.25 46.77 -43.52
C ALA A 335 25.07 48.30 -43.75
N SER A 336 24.38 48.99 -42.84
CA SER A 336 24.24 50.46 -42.86
C SER A 336 25.57 51.17 -42.58
N ALA A 337 26.43 50.60 -41.71
CA ALA A 337 27.80 51.05 -41.51
C ALA A 337 28.68 50.81 -42.76
N ASN A 338 28.53 49.67 -43.44
CA ASN A 338 29.18 49.43 -44.73
C ASN A 338 28.70 50.42 -45.81
N LEU A 339 27.41 50.74 -45.86
CA LEU A 339 26.83 51.77 -46.73
C LEU A 339 27.31 53.18 -46.38
N ALA A 340 27.45 53.51 -45.09
CA ALA A 340 28.00 54.78 -44.63
C ALA A 340 29.46 54.99 -45.09
N ALA A 341 30.26 53.93 -45.25
CA ALA A 341 31.63 54.06 -45.77
C ALA A 341 31.69 54.54 -47.23
N THR A 342 30.81 54.01 -48.08
CA THR A 342 30.75 54.46 -49.47
C THR A 342 30.12 55.85 -49.54
N LYS A 343 28.97 56.01 -48.89
CA LYS A 343 28.22 57.28 -48.84
C LYS A 343 29.04 58.46 -48.30
N MET A 344 29.88 58.20 -47.30
CA MET A 344 30.69 59.25 -46.69
C MET A 344 31.83 59.80 -47.56
N SER A 345 32.51 58.90 -48.27
CA SER A 345 33.64 59.31 -49.11
C SER A 345 33.26 59.75 -50.52
N GLU A 346 32.33 59.04 -51.15
CA GLU A 346 31.88 59.41 -52.48
C GLU A 346 31.27 60.81 -52.55
N CYS A 347 31.10 61.44 -51.37
CA CYS A 347 30.44 62.75 -51.25
C CYS A 347 31.21 63.80 -50.38
N VAL A 348 32.05 63.31 -49.47
CA VAL A 348 32.92 64.07 -48.57
C VAL A 348 34.32 64.22 -49.15
N LEU A 349 34.99 63.09 -49.35
CA LEU A 349 36.34 63.09 -49.93
C LEU A 349 36.33 63.40 -51.44
N GLY A 350 35.20 63.18 -52.11
CA GLY A 350 35.00 63.32 -53.55
C GLY A 350 33.73 64.09 -53.93
N GLN A 351 33.11 63.70 -55.06
CA GLN A 351 31.80 64.17 -55.55
C GLN A 351 31.18 63.06 -56.40
N SER A 352 30.00 62.57 -56.01
CA SER A 352 29.36 61.47 -56.74
C SER A 352 28.77 61.91 -58.09
N LYS A 353 28.73 60.99 -59.05
CA LYS A 353 28.22 61.29 -60.41
C LYS A 353 26.91 60.55 -60.70
N ARG A 354 26.37 59.99 -59.63
CA ARG A 354 25.13 59.20 -59.54
C ARG A 354 23.91 60.08 -59.27
N VAL A 355 22.72 59.45 -59.17
CA VAL A 355 21.46 60.24 -59.02
C VAL A 355 20.73 59.77 -57.75
N ASP A 356 20.23 60.72 -56.96
CA ASP A 356 19.48 60.40 -55.71
C ASP A 356 20.44 59.83 -54.66
N PHE A 357 21.67 59.49 -55.06
CA PHE A 357 22.68 59.01 -54.07
C PHE A 357 23.05 60.20 -53.18
N CYS A 358 23.36 59.93 -51.90
CA CYS A 358 23.68 61.02 -50.95
C CYS A 358 22.57 62.08 -51.00
N GLY A 359 21.32 61.67 -50.77
CA GLY A 359 20.20 62.63 -50.75
C GLY A 359 19.64 62.90 -52.14
N LYS A 360 18.37 63.32 -52.21
CA LYS A 360 17.73 63.62 -53.53
C LYS A 360 18.47 64.78 -54.19
N GLY A 361 18.63 64.74 -55.52
CA GLY A 361 19.30 65.82 -56.26
C GLY A 361 20.69 65.43 -56.70
N TYR A 362 21.27 66.19 -57.63
CA TYR A 362 22.63 65.87 -58.15
C TYR A 362 23.67 66.37 -57.14
N HIS A 363 24.33 65.45 -56.44
CA HIS A 363 25.28 65.83 -55.36
C HIS A 363 26.34 66.83 -55.84
N LEU A 364 26.68 67.80 -54.98
CA LEU A 364 27.76 68.77 -55.30
C LEU A 364 28.77 68.75 -54.14
N MET A 365 28.32 69.07 -52.93
CA MET A 365 29.19 69.07 -51.74
C MET A 365 28.53 68.36 -50.54
N SER A 366 29.30 67.99 -49.53
CA SER A 366 28.80 67.36 -48.31
C SER A 366 29.48 67.88 -47.04
N PHE A 367 28.73 67.93 -45.94
CA PHE A 367 29.24 68.23 -44.60
C PHE A 367 28.69 67.19 -43.59
N PRO A 368 29.49 66.20 -43.15
CA PRO A 368 29.04 65.19 -42.19
C PRO A 368 29.12 65.66 -40.73
N GLN A 369 28.25 65.12 -39.87
CA GLN A 369 28.26 65.31 -38.41
C GLN A 369 27.80 64.03 -37.70
N SER A 370 28.21 63.87 -36.43
CA SER A 370 27.90 62.61 -35.71
C SER A 370 26.43 62.51 -35.30
N ALA A 371 25.97 61.30 -35.00
CA ALA A 371 24.58 61.09 -34.54
C ALA A 371 24.61 60.12 -33.35
N PRO A 372 23.56 60.05 -32.50
CA PRO A 372 23.60 59.20 -31.29
C PRO A 372 24.25 57.83 -31.56
N HIS A 373 23.79 57.12 -32.60
CA HIS A 373 24.38 55.81 -32.96
C HIS A 373 24.52 55.71 -34.48
N GLY A 374 24.76 56.85 -35.14
CA GLY A 374 24.87 56.86 -36.61
C GLY A 374 25.58 58.08 -37.14
N VAL A 375 25.28 58.48 -38.38
CA VAL A 375 25.95 59.66 -39.01
C VAL A 375 24.90 60.49 -39.76
N VAL A 376 25.03 61.83 -39.70
CA VAL A 376 24.10 62.72 -40.39
C VAL A 376 24.88 63.50 -41.43
N PHE A 377 24.41 63.51 -42.67
CA PHE A 377 25.03 64.24 -43.78
C PHE A 377 24.17 65.45 -44.16
N LEU A 378 24.79 66.63 -44.21
CA LEU A 378 24.06 67.82 -44.72
C LEU A 378 24.50 68.00 -46.18
N HIS A 379 24.06 67.10 -47.08
CA HIS A 379 24.52 67.14 -48.50
C HIS A 379 24.06 68.40 -49.24
N VAL A 380 24.80 68.80 -50.27
CA VAL A 380 24.37 69.95 -51.12
C VAL A 380 24.13 69.40 -52.53
N THR A 381 23.09 69.89 -53.24
CA THR A 381 22.69 69.32 -54.52
C THR A 381 21.99 70.36 -55.40
N TYR A 382 21.66 70.00 -56.64
CA TYR A 382 20.67 70.71 -57.45
C TYR A 382 19.60 69.75 -57.99
N VAL A 383 18.38 70.27 -58.13
CA VAL A 383 17.17 69.52 -58.53
C VAL A 383 16.47 70.24 -59.69
N PRO A 384 15.72 69.52 -60.55
CA PRO A 384 14.90 70.15 -61.58
C PRO A 384 13.81 71.02 -60.95
N ALA A 385 13.91 72.33 -61.18
CA ALA A 385 12.85 73.31 -60.89
C ALA A 385 11.81 73.34 -62.01
N GLN A 386 12.31 73.08 -63.22
CA GLN A 386 11.52 73.01 -64.44
C GLN A 386 12.11 71.91 -65.35
N GLU A 387 11.26 71.00 -65.82
CA GLU A 387 11.68 69.88 -66.66
C GLU A 387 10.59 69.60 -67.70
N LYS A 388 10.99 69.09 -68.87
CA LYS A 388 10.12 68.96 -70.04
C LYS A 388 10.19 67.56 -70.63
N ASN A 389 9.05 67.08 -71.13
CA ASN A 389 9.00 65.77 -71.76
C ASN A 389 9.53 65.88 -73.17
N PHE A 390 10.41 64.96 -73.55
CA PHE A 390 10.97 64.92 -74.90
C PHE A 390 10.87 63.52 -75.50
N THR A 391 10.48 63.42 -76.77
CA THR A 391 10.51 62.09 -77.45
C THR A 391 11.98 61.72 -77.65
N THR A 392 12.44 60.68 -76.95
CA THR A 392 13.87 60.28 -77.00
C THR A 392 13.99 58.80 -77.34
N ALA A 393 15.08 58.40 -78.00
CA ALA A 393 15.32 56.97 -78.32
C ALA A 393 16.73 56.58 -77.86
N PRO A 394 16.90 55.44 -77.16
CA PRO A 394 18.25 54.99 -76.77
C PRO A 394 19.05 54.82 -78.06
N ALA A 395 18.57 53.98 -78.97
CA ALA A 395 19.23 53.79 -80.25
C ALA A 395 18.23 54.05 -81.39
N ILE A 396 18.81 54.24 -82.58
CA ILE A 396 18.11 54.45 -83.84
C ILE A 396 18.85 53.70 -84.95
N CYS A 397 18.20 52.68 -85.51
CA CYS A 397 18.78 51.83 -86.56
C CYS A 397 18.61 52.43 -87.97
N HIS A 398 19.69 52.98 -88.55
CA HIS A 398 19.58 53.56 -89.88
C HIS A 398 20.01 52.52 -90.92
N ASP A 399 19.11 52.19 -91.83
CA ASP A 399 19.33 51.20 -92.91
C ASP A 399 20.20 49.98 -92.55
N GLY A 400 19.92 49.37 -91.41
CA GLY A 400 20.68 48.22 -90.93
C GLY A 400 21.94 48.57 -90.16
N LYS A 401 22.10 49.86 -89.89
CA LYS A 401 23.25 50.38 -89.14
C LYS A 401 22.81 51.03 -87.84
N ALA A 402 22.75 50.22 -86.79
CA ALA A 402 22.35 50.64 -85.45
C ALA A 402 23.20 51.82 -84.96
N HIS A 403 22.57 52.84 -84.37
CA HIS A 403 23.24 54.08 -83.98
C HIS A 403 22.80 54.53 -82.58
N PHE A 404 23.76 54.72 -81.69
CA PHE A 404 23.52 55.17 -80.32
C PHE A 404 24.51 56.21 -79.87
N PRO A 405 24.21 56.89 -78.75
CA PRO A 405 25.04 58.00 -78.27
C PRO A 405 26.17 57.68 -77.32
N ARG A 406 26.93 58.73 -77.01
CA ARG A 406 28.07 58.65 -76.12
C ARG A 406 27.86 59.60 -74.95
N GLU A 407 27.79 59.02 -73.76
CA GLU A 407 27.61 59.75 -72.48
C GLU A 407 26.32 60.61 -72.39
N GLY A 408 25.25 60.21 -73.08
CA GLY A 408 24.00 60.97 -73.13
C GLY A 408 22.83 60.19 -73.74
N VAL A 409 21.79 60.91 -74.16
CA VAL A 409 20.55 60.41 -74.78
C VAL A 409 20.33 61.05 -76.15
N PHE A 410 19.63 60.39 -77.09
CA PHE A 410 19.05 61.12 -78.21
C PHE A 410 17.79 61.87 -77.78
N VAL A 411 17.64 63.12 -78.21
CA VAL A 411 16.49 64.00 -77.97
C VAL A 411 15.99 64.58 -79.30
N SER A 412 14.69 64.85 -79.46
CA SER A 412 14.12 65.21 -80.76
C SER A 412 13.39 66.55 -80.79
N ASN A 413 14.11 67.60 -81.13
CA ASN A 413 13.52 68.76 -81.80
C ASN A 413 12.90 68.27 -83.11
N GLY A 414 11.67 68.71 -83.37
CA GLY A 414 10.78 68.06 -84.33
C GLY A 414 11.39 67.58 -85.65
N THR A 415 12.34 68.34 -86.20
CA THR A 415 12.86 68.09 -87.56
C THR A 415 13.89 66.97 -87.62
N HIS A 416 14.72 66.84 -86.57
CA HIS A 416 15.84 65.88 -86.50
C HIS A 416 16.28 65.61 -85.06
N TRP A 417 17.02 64.50 -84.88
CA TRP A 417 17.66 64.13 -83.62
C TRP A 417 18.85 65.03 -83.26
N PHE A 418 19.08 65.19 -81.96
CA PHE A 418 20.32 65.67 -81.34
C PHE A 418 20.77 64.67 -80.28
N VAL A 419 22.05 64.65 -79.91
CA VAL A 419 22.47 64.08 -78.62
C VAL A 419 22.26 65.16 -77.55
N THR A 420 21.93 64.76 -76.32
CA THR A 420 21.97 65.68 -75.18
C THR A 420 22.39 64.99 -73.88
N GLN A 421 22.81 65.78 -72.90
CA GLN A 421 23.12 65.34 -71.54
C GLN A 421 21.84 64.85 -70.85
N ARG A 422 21.82 63.60 -70.35
CA ARG A 422 20.61 62.96 -69.77
C ARG A 422 19.90 63.83 -68.74
N ASN A 423 20.67 64.50 -67.88
CA ASN A 423 20.17 65.32 -66.78
C ASN A 423 20.22 66.84 -67.04
N PHE A 424 20.40 67.32 -68.28
CA PHE A 424 20.23 68.74 -68.62
C PHE A 424 19.98 68.96 -70.12
N TYR A 425 18.84 69.56 -70.48
CA TYR A 425 18.45 69.81 -71.86
C TYR A 425 19.37 70.87 -72.53
N GLU A 426 20.37 70.38 -73.26
CA GLU A 426 21.31 71.14 -74.09
C GLU A 426 21.60 70.35 -75.38
N PRO A 427 20.81 70.55 -76.45
CA PRO A 427 21.01 69.85 -77.73
C PRO A 427 22.42 70.02 -78.33
N GLN A 428 22.95 68.93 -78.85
CA GLN A 428 24.25 68.89 -79.50
C GLN A 428 24.09 68.19 -80.85
N ILE A 429 25.02 68.45 -81.77
CA ILE A 429 24.95 67.83 -83.11
C ILE A 429 25.56 66.41 -83.12
N ILE A 430 24.93 65.51 -83.87
CA ILE A 430 25.38 64.13 -84.08
C ILE A 430 26.67 64.10 -84.92
N THR A 431 27.68 63.38 -84.43
CA THR A 431 28.99 63.17 -85.07
C THR A 431 29.67 61.95 -84.44
N THR A 432 30.69 61.36 -85.08
CA THR A 432 31.37 60.16 -84.53
C THR A 432 32.02 60.43 -83.16
N ASP A 433 32.54 61.64 -82.92
CA ASP A 433 33.08 62.05 -81.60
C ASP A 433 32.03 62.09 -80.46
N ASN A 434 30.74 61.94 -80.80
CA ASN A 434 29.58 62.13 -79.93
C ASN A 434 28.61 60.93 -79.93
N THR A 435 28.89 59.89 -80.72
CA THR A 435 28.00 58.74 -81.00
C THR A 435 28.80 57.48 -81.32
N PHE A 436 28.14 56.32 -81.34
CA PHE A 436 28.66 55.04 -81.83
C PHE A 436 27.80 54.53 -82.99
N VAL A 437 28.42 53.79 -83.90
CA VAL A 437 27.81 53.21 -85.11
C VAL A 437 28.09 51.71 -85.14
N SER A 438 27.08 50.92 -85.45
CA SER A 438 27.23 49.47 -85.51
C SER A 438 26.90 48.94 -86.89
N GLY A 439 27.26 47.69 -87.14
CA GLY A 439 27.00 47.07 -88.43
C GLY A 439 25.69 46.32 -88.47
N ASN A 440 25.33 45.73 -87.32
CA ASN A 440 24.12 44.87 -87.26
C ASN A 440 22.99 45.54 -86.47
N CYS A 441 21.80 45.61 -87.06
CA CYS A 441 20.60 46.15 -86.42
C CYS A 441 20.10 45.30 -85.23
N ASP A 442 20.19 43.98 -85.39
CA ASP A 442 19.75 42.99 -84.37
C ASP A 442 20.04 43.38 -82.91
N VAL A 443 19.04 43.21 -82.06
CA VAL A 443 19.18 43.60 -80.65
C VAL A 443 19.37 42.35 -79.77
N VAL A 444 20.46 42.31 -78.99
CA VAL A 444 20.78 41.20 -78.06
C VAL A 444 19.92 41.28 -76.81
N ILE A 445 19.35 40.15 -76.35
CA ILE A 445 18.50 40.10 -75.15
C ILE A 445 19.19 39.33 -74.01
N GLY A 446 19.36 40.00 -72.86
CA GLY A 446 19.76 39.38 -71.59
C GLY A 446 18.61 39.27 -70.58
N ILE A 447 18.76 38.36 -69.61
CA ILE A 447 17.86 38.19 -68.45
C ILE A 447 18.70 38.07 -67.16
N VAL A 448 18.31 38.84 -66.13
CA VAL A 448 18.99 38.90 -64.83
C VAL A 448 17.93 38.79 -63.75
N ASN A 449 17.68 37.57 -63.29
CA ASN A 449 16.69 37.29 -62.25
C ASN A 449 17.37 37.23 -60.88
N ASN A 450 17.39 38.35 -60.15
CA ASN A 450 18.00 38.44 -58.81
C ASN A 450 17.19 37.66 -57.76
N THR A 451 17.35 36.34 -57.73
CA THR A 451 16.77 35.47 -56.70
C THR A 451 17.52 35.70 -55.39
N VAL A 452 16.93 36.50 -54.49
CA VAL A 452 17.32 36.48 -53.07
C VAL A 452 17.13 35.07 -52.52
N TYR A 453 17.99 34.65 -51.59
CA TYR A 453 18.18 33.23 -51.27
C TYR A 453 16.89 32.53 -50.82
N ASP A 454 16.56 31.41 -51.48
CA ASP A 454 15.46 30.53 -51.09
C ASP A 454 15.95 29.46 -50.11
N PRO A 455 15.69 29.57 -48.77
CA PRO A 455 16.25 28.62 -47.80
C PRO A 455 15.64 27.22 -47.88
N LEU A 456 16.37 26.23 -47.34
CA LEU A 456 15.83 24.84 -47.31
C LEU A 456 14.80 24.75 -46.19
N GLN A 457 13.58 25.25 -46.43
CA GLN A 457 12.55 25.28 -45.36
C GLN A 457 12.43 23.88 -44.75
N PRO A 458 12.30 23.77 -43.41
CA PRO A 458 12.11 22.49 -42.73
C PRO A 458 11.07 21.57 -43.40
N GLU A 459 11.20 20.26 -43.23
CA GLU A 459 10.30 19.31 -43.88
C GLU A 459 9.75 18.30 -42.84
N LEU A 460 9.00 18.81 -41.86
CA LEU A 460 8.40 18.00 -40.81
C LEU A 460 7.28 17.10 -41.35
N ASP A 461 7.22 15.86 -40.85
CA ASP A 461 6.09 14.93 -41.06
C ASP A 461 4.83 15.34 -40.27
N SER A 462 3.77 14.53 -40.29
CA SER A 462 2.76 14.57 -39.23
C SER A 462 3.38 14.17 -37.88
N PHE A 463 2.89 14.78 -36.79
CA PHE A 463 3.47 14.56 -35.45
C PHE A 463 3.41 13.09 -35.03
N LYS A 464 2.27 12.43 -35.24
CA LYS A 464 2.08 10.98 -35.03
C LYS A 464 3.20 10.14 -35.64
N GLU A 465 3.54 10.37 -36.91
CA GLU A 465 4.58 9.62 -37.61
C GLU A 465 5.97 9.80 -36.98
N GLU A 466 6.32 11.00 -36.48
CA GLU A 466 7.55 11.17 -35.70
C GLU A 466 7.44 10.62 -34.28
N LEU A 467 6.28 10.70 -33.64
CA LEU A 467 6.04 10.22 -32.27
C LEU A 467 6.26 8.71 -32.19
N ASP A 468 5.56 7.95 -33.03
CA ASP A 468 5.65 6.48 -33.08
C ASP A 468 7.04 5.94 -33.45
N LYS A 469 8.00 6.78 -33.89
CA LYS A 469 9.38 6.37 -34.14
C LYS A 469 10.05 5.81 -32.88
N TYR A 470 9.78 6.41 -31.71
CA TYR A 470 10.38 6.03 -30.42
C TYR A 470 9.42 6.01 -29.22
N PHE A 471 8.24 6.63 -29.30
CA PHE A 471 7.28 6.70 -28.20
C PHE A 471 6.78 5.31 -27.76
N LYS A 472 6.93 5.01 -26.48
CA LYS A 472 6.39 3.73 -25.95
C LYS A 472 5.12 4.00 -25.12
N ASN A 473 3.94 3.60 -25.63
CA ASN A 473 2.68 3.74 -24.86
C ASN A 473 2.74 2.76 -23.68
N HIS A 474 2.06 3.06 -22.57
CA HIS A 474 2.19 2.19 -21.38
C HIS A 474 0.91 2.16 -20.55
N THR A 475 0.32 0.96 -20.39
CA THR A 475 -0.85 0.82 -19.52
C THR A 475 -0.64 -0.32 -18.54
N SER A 476 -0.29 0.02 -17.30
CA SER A 476 -0.06 -0.97 -16.25
C SER A 476 -1.38 -1.68 -15.87
N PRO A 477 -1.33 -2.93 -15.39
CA PRO A 477 -2.54 -3.67 -15.07
C PRO A 477 -3.33 -3.04 -13.93
N ASP A 478 -4.64 -3.24 -13.94
CA ASP A 478 -5.49 -2.75 -12.87
C ASP A 478 -5.30 -3.69 -11.69
N VAL A 479 -4.21 -3.49 -10.95
CA VAL A 479 -3.86 -4.36 -9.82
C VAL A 479 -4.88 -4.35 -8.67
N ASP A 480 -5.11 -5.54 -8.12
CA ASP A 480 -6.03 -5.71 -7.00
C ASP A 480 -5.48 -6.74 -6.01
N LEU A 481 -5.89 -6.64 -4.76
CA LEU A 481 -5.45 -7.57 -3.72
C LEU A 481 -6.48 -8.68 -3.53
N GLY A 482 -6.10 -9.73 -2.81
CA GLY A 482 -7.01 -10.85 -2.58
C GLY A 482 -7.95 -10.60 -1.40
N ASP A 483 -9.25 -10.76 -1.64
CA ASP A 483 -10.27 -10.55 -0.62
C ASP A 483 -10.21 -11.56 0.53
N ILE A 484 -9.93 -11.06 1.73
CA ILE A 484 -9.85 -11.86 2.96
C ILE A 484 -11.23 -12.08 3.60
N SER A 485 -12.29 -11.40 3.16
CA SER A 485 -13.66 -11.55 3.72
C SER A 485 -14.26 -12.96 3.60
N GLY A 486 -13.63 -13.88 2.87
CA GLY A 486 -13.95 -15.31 2.92
C GLY A 486 -13.63 -15.98 4.28
N ILE A 487 -12.87 -15.31 5.15
CA ILE A 487 -12.63 -15.72 6.55
C ILE A 487 -13.93 -15.62 7.36
N ASN A 488 -14.46 -16.75 7.83
CA ASN A 488 -15.72 -16.80 8.59
C ASN A 488 -15.57 -16.51 10.10
N ALA A 489 -14.44 -16.93 10.69
CA ALA A 489 -14.16 -16.73 12.13
C ALA A 489 -15.36 -17.10 12.99
N SER A 490 -15.78 -18.36 12.90
CA SER A 490 -16.98 -18.81 13.60
C SER A 490 -16.95 -18.68 15.11
N VAL A 491 -18.09 -18.27 15.67
CA VAL A 491 -18.20 -18.06 17.14
C VAL A 491 -18.66 -19.37 17.79
N VAL A 492 -18.71 -19.40 19.12
CA VAL A 492 -19.09 -20.66 19.84
C VAL A 492 -20.31 -20.38 20.72
N ASN A 493 -21.20 -21.36 20.87
CA ASN A 493 -22.39 -21.21 21.77
C ASN A 493 -22.39 -22.39 22.74
N ILE A 494 -22.22 -22.11 24.04
CA ILE A 494 -22.11 -23.22 25.03
C ILE A 494 -23.15 -22.99 26.13
N GLN A 495 -23.87 -21.86 26.07
CA GLN A 495 -24.86 -21.52 27.13
C GLN A 495 -25.62 -22.78 27.58
N LYS A 496 -26.32 -23.45 26.66
CA LYS A 496 -27.12 -24.61 27.04
C LYS A 496 -26.33 -25.50 27.99
N GLU A 497 -25.13 -25.94 27.62
CA GLU A 497 -24.30 -26.79 28.46
C GLU A 497 -23.84 -26.11 29.75
N ILE A 498 -23.54 -24.80 29.75
CA ILE A 498 -23.17 -24.08 30.98
C ILE A 498 -24.37 -23.92 31.93
N ASP A 499 -25.56 -23.63 31.41
CA ASP A 499 -26.77 -23.58 32.23
C ASP A 499 -27.17 -24.97 32.72
N ARG A 500 -26.94 -25.98 31.89
CA ARG A 500 -27.23 -27.36 32.29
C ARG A 500 -26.27 -27.78 33.41
N LEU A 501 -25.01 -27.35 33.33
CA LEU A 501 -24.03 -27.66 34.35
C LEU A 501 -24.33 -26.95 35.67
N ASN A 502 -24.76 -25.69 35.64
CA ASN A 502 -25.22 -25.02 36.85
C ASN A 502 -26.53 -25.61 37.39
N GLU A 503 -27.42 -26.11 36.54
CA GLU A 503 -28.62 -26.79 36.98
C GLU A 503 -28.30 -28.13 37.65
N VAL A 504 -27.38 -28.95 37.13
CA VAL A 504 -26.97 -30.14 37.88
C VAL A 504 -26.21 -29.77 39.16
N ALA A 505 -25.36 -28.75 39.08
CA ALA A 505 -24.66 -28.29 40.31
C ALA A 505 -25.70 -27.99 41.38
N LYS A 506 -26.95 -27.78 40.98
CA LYS A 506 -28.05 -27.54 41.96
C LYS A 506 -28.88 -28.82 42.12
N ASN A 507 -29.00 -29.62 41.06
CA ASN A 507 -29.83 -30.86 41.10
C ASN A 507 -29.27 -31.85 42.13
N LEU A 508 -27.95 -32.08 42.13
CA LEU A 508 -27.35 -33.10 43.03
C LEU A 508 -27.51 -32.69 44.50
N ASN A 509 -27.80 -31.41 44.76
CA ASN A 509 -27.99 -30.91 46.15
C ASN A 509 -29.08 -31.73 46.83
N GLU A 510 -30.06 -32.20 46.06
CA GLU A 510 -31.18 -33.01 46.62
C GLU A 510 -30.65 -34.40 46.98
N SER A 511 -29.81 -34.99 46.12
CA SER A 511 -29.36 -36.35 46.37
C SER A 511 -28.63 -36.55 47.70
N LEU A 512 -28.36 -35.45 48.40
CA LEU A 512 -27.71 -35.54 49.73
C LEU A 512 -28.54 -36.49 50.61
N ILE A 513 -28.02 -37.69 50.89
CA ILE A 513 -28.81 -38.71 51.65
C ILE A 513 -29.18 -38.17 53.03
N ASP A 514 -30.43 -38.40 53.46
CA ASP A 514 -30.86 -38.02 54.83
C ASP A 514 -31.42 -39.28 55.48
N LEU A 515 -30.56 -40.12 56.07
CA LEU A 515 -31.03 -41.42 56.62
C LEU A 515 -32.01 -41.22 57.78
N GLN A 516 -32.70 -42.29 58.18
CA GLN A 516 -33.62 -42.22 59.35
C GLN A 516 -32.81 -42.53 60.60
N GLU A 517 -32.68 -41.57 61.52
CA GLU A 517 -31.85 -41.77 62.73
C GLU A 517 -32.18 -43.12 63.38
N LEU A 518 -31.17 -43.95 63.64
CA LEU A 518 -31.41 -45.22 64.31
C LEU A 518 -30.97 -45.26 65.76
N GLY A 519 -29.76 -44.81 66.05
CA GLY A 519 -29.28 -44.85 67.41
C GLY A 519 -28.32 -46.00 67.71
N LYS A 520 -27.29 -45.74 68.51
CA LYS A 520 -26.32 -46.78 68.85
C LYS A 520 -26.67 -47.38 70.21
N TYR A 521 -26.31 -46.64 71.26
CA TYR A 521 -26.59 -46.98 72.66
C TYR A 521 -25.99 -48.24 73.31
N GLU A 522 -24.68 -48.20 73.58
CA GLU A 522 -24.00 -49.28 74.27
C GLU A 522 -23.42 -48.50 75.45
N GLN A 523 -24.30 -47.79 76.16
CA GLN A 523 -23.83 -46.89 77.24
C GLN A 523 -23.79 -47.60 78.59
N TYR A 524 -24.28 -46.94 79.65
CA TYR A 524 -24.15 -47.52 81.01
C TYR A 524 -25.44 -48.16 81.51
N ILE A 525 -25.52 -49.49 81.47
CA ILE A 525 -26.65 -50.23 82.09
C ILE A 525 -25.95 -51.26 82.98
N LYS A 526 -24.65 -51.07 83.17
CA LYS A 526 -23.82 -51.97 83.96
C LYS A 526 -24.04 -52.11 85.46
N TRP A 527 -24.02 -53.37 85.91
CA TRP A 527 -24.14 -53.71 87.31
C TRP A 527 -22.84 -53.48 88.02
N PRO A 528 -22.91 -53.14 89.32
CA PRO A 528 -21.72 -52.89 90.14
C PRO A 528 -21.27 -54.16 90.86
N TRP A 529 -19.96 -54.33 91.04
CA TRP A 529 -19.42 -55.51 91.72
C TRP A 529 -19.90 -55.63 93.16
N TYR A 530 -20.18 -54.50 93.83
CA TYR A 530 -20.73 -54.44 95.18
C TYR A 530 -22.13 -55.04 95.32
N ILE A 531 -22.89 -55.07 94.23
CA ILE A 531 -24.26 -55.59 94.27
C ILE A 531 -24.48 -56.90 93.49
N TRP A 532 -23.47 -57.33 92.74
CA TRP A 532 -23.59 -58.56 91.96
C TRP A 532 -24.07 -59.80 92.74
N LEU A 533 -23.88 -59.78 94.07
CA LEU A 533 -24.32 -60.91 94.92
C LEU A 533 -25.85 -60.92 95.01
N GLY A 534 -26.52 -60.01 94.28
CA GLY A 534 -27.98 -59.92 94.33
C GLY A 534 -28.66 -61.24 93.99
N PHE A 535 -28.14 -61.96 92.99
CA PHE A 535 -28.75 -63.23 92.56
C PHE A 535 -28.32 -64.35 93.50
N ILE A 536 -27.14 -64.22 94.11
CA ILE A 536 -26.71 -65.24 95.13
C ILE A 536 -27.75 -65.20 96.25
N ALA A 537 -28.26 -64.00 96.58
CA ALA A 537 -29.32 -63.89 97.60
C ALA A 537 -30.55 -64.67 97.12
N GLY A 538 -30.80 -64.68 95.80
CA GLY A 538 -31.92 -65.48 95.28
C GLY A 538 -31.70 -66.94 95.59
N LEU A 539 -30.46 -67.43 95.39
CA LEU A 539 -30.14 -68.81 95.75
C LEU A 539 -30.40 -69.07 97.25
N ILE A 540 -30.18 -68.08 98.11
CA ILE A 540 -30.52 -68.16 99.53
C ILE A 540 -32.04 -68.23 99.75
N ALA A 541 -32.85 -67.59 98.91
CA ALA A 541 -34.30 -67.79 98.96
C ALA A 541 -34.72 -69.20 98.52
N ILE A 542 -34.02 -69.80 97.55
CA ILE A 542 -34.19 -71.22 97.20
C ILE A 542 -33.84 -72.11 98.41
N VAL A 543 -32.78 -71.79 99.15
CA VAL A 543 -32.47 -72.48 100.41
C VAL A 543 -33.58 -72.30 101.44
N MET A 544 -34.20 -71.11 101.55
CA MET A 544 -35.32 -70.89 102.48
C MET A 544 -36.54 -71.78 102.18
N VAL A 545 -36.95 -71.93 100.92
CA VAL A 545 -38.03 -72.88 100.56
C VAL A 545 -37.57 -74.35 100.63
N THR A 546 -36.27 -74.62 100.59
CA THR A 546 -35.73 -75.99 100.76
C THR A 546 -36.08 -76.56 102.15
N ILE A 547 -36.29 -75.69 103.15
CA ILE A 547 -36.80 -76.10 104.46
C ILE A 547 -38.30 -76.43 104.37
N MET A 548 -39.08 -75.60 103.67
CA MET A 548 -40.53 -75.79 103.50
C MET A 548 -40.87 -77.12 102.80
N LEU A 549 -40.05 -77.53 101.83
CA LEU A 549 -40.14 -78.83 101.16
C LEU A 549 -39.03 -79.80 101.60
N CYS A 550 -38.56 -79.72 102.84
CA CYS A 550 -37.57 -80.65 103.43
C CYS A 550 -38.02 -82.12 103.31
N CYS A 551 -39.33 -82.34 103.30
CA CYS A 551 -39.98 -83.47 102.63
C CYS A 551 -41.22 -82.96 101.88
N MET A 552 -41.70 -83.72 100.89
CA MET A 552 -42.87 -83.43 100.06
C MET A 552 -44.22 -83.76 100.74
N THR A 553 -44.22 -84.49 101.86
CA THR A 553 -45.47 -84.93 102.56
C THR A 553 -46.36 -83.76 102.97
N SER A 554 -45.82 -82.55 103.17
CA SER A 554 -46.62 -81.33 103.36
C SER A 554 -47.52 -81.03 102.17
N CYS A 555 -47.05 -81.26 100.94
CA CYS A 555 -47.87 -81.19 99.72
C CYS A 555 -48.93 -82.30 99.69
N CYS A 556 -48.59 -83.52 100.13
CA CYS A 556 -49.57 -84.59 100.31
C CYS A 556 -50.68 -84.20 101.31
N SER A 557 -50.35 -83.52 102.41
CA SER A 557 -51.35 -83.01 103.37
C SER A 557 -52.29 -81.95 102.75
N CYS A 558 -51.78 -81.15 101.80
CA CYS A 558 -52.59 -80.20 101.05
C CYS A 558 -53.50 -80.92 100.03
N LEU A 559 -53.01 -81.97 99.37
CA LEU A 559 -53.82 -82.84 98.51
C LEU A 559 -54.91 -83.60 99.29
N LYS A 560 -54.65 -84.03 100.53
CA LYS A 560 -55.69 -84.54 101.44
C LYS A 560 -56.76 -83.47 101.72
N GLY A 561 -56.36 -82.21 101.91
CA GLY A 561 -57.28 -81.07 101.94
C GLY A 561 -58.06 -80.86 100.65
N CYS A 562 -57.45 -81.11 99.49
CA CYS A 562 -58.13 -81.12 98.18
C CYS A 562 -59.18 -82.23 98.10
N CYS A 563 -58.95 -83.39 98.74
CA CYS A 563 -59.95 -84.45 98.88
C CYS A 563 -61.11 -84.03 99.81
N SER A 564 -60.80 -83.50 101.00
CA SER A 564 -61.79 -82.97 101.94
C SER A 564 -62.11 -81.51 101.65
N TYR B 10 51.67 47.99 -44.02
CA TYR B 10 51.34 49.24 -44.74
C TYR B 10 52.63 49.99 -45.12
N THR B 11 53.36 49.54 -46.15
CA THR B 11 54.60 50.23 -46.59
C THR B 11 54.29 51.37 -47.56
N MET B 12 55.04 52.48 -47.41
CA MET B 12 55.01 53.62 -48.35
C MET B 12 55.69 53.30 -49.70
N SER B 13 56.45 52.18 -49.75
CA SER B 13 57.24 51.75 -50.91
C SER B 13 57.34 50.23 -51.02
N LEU B 14 57.63 49.73 -52.23
CA LEU B 14 58.14 48.39 -52.51
C LEU B 14 58.97 48.45 -53.81
N GLY B 15 60.23 48.05 -53.69
CA GLY B 15 61.19 47.99 -54.79
C GLY B 15 61.51 49.22 -55.62
N ALA B 16 62.34 49.02 -56.63
CA ALA B 16 62.70 50.08 -57.56
C ALA B 16 62.39 49.59 -58.96
N GLU B 17 61.55 50.33 -59.67
CA GLU B 17 61.16 50.00 -61.04
C GLU B 17 60.58 48.58 -61.19
N ASN B 18 59.76 48.17 -60.22
CA ASN B 18 59.15 46.84 -60.23
C ASN B 18 57.97 46.74 -59.28
N SER B 19 56.77 46.70 -59.85
CA SER B 19 55.52 46.62 -59.07
C SER B 19 54.38 46.22 -60.01
N VAL B 20 53.27 45.70 -59.47
CA VAL B 20 52.03 45.49 -60.24
C VAL B 20 51.49 46.79 -60.88
N ALA B 21 51.86 47.96 -60.33
CA ALA B 21 51.54 49.26 -60.90
C ALA B 21 52.31 49.63 -62.19
N TYR B 22 53.47 49.01 -62.40
CA TYR B 22 54.30 49.36 -63.59
C TYR B 22 54.33 48.18 -64.57
N SER B 23 54.13 46.96 -64.07
CA SER B 23 54.08 45.78 -64.96
C SER B 23 52.93 45.97 -65.97
N ASN B 24 53.25 45.93 -67.27
CA ASN B 24 52.21 46.11 -68.31
C ASN B 24 51.80 44.74 -68.86
N ASN B 25 50.50 44.53 -69.11
CA ASN B 25 50.02 43.20 -69.58
C ASN B 25 48.83 43.39 -70.53
N SER B 26 48.29 42.30 -71.09
CA SER B 26 47.21 42.42 -72.09
C SER B 26 45.85 42.68 -71.42
N ILE B 27 45.00 43.50 -72.05
CA ILE B 27 43.63 43.76 -71.51
C ILE B 27 42.66 43.84 -72.70
N ALA B 28 41.38 43.53 -72.47
CA ALA B 28 40.39 43.52 -73.58
C ALA B 28 39.68 44.87 -73.67
N ILE B 29 39.98 45.65 -74.71
CA ILE B 29 39.30 46.93 -74.92
C ILE B 29 38.23 46.78 -76.02
N PRO B 30 36.96 47.16 -75.76
CA PRO B 30 35.91 47.21 -76.78
C PRO B 30 36.35 47.97 -78.03
N THR B 31 36.16 47.32 -79.19
CA THR B 31 36.55 47.95 -80.49
C THR B 31 35.27 48.34 -81.24
N ASN B 32 34.38 47.37 -81.50
CA ASN B 32 33.08 47.69 -82.14
C ASN B 32 31.94 47.36 -81.16
N PHE B 33 30.73 47.88 -81.38
CA PHE B 33 29.64 47.68 -80.40
C PHE B 33 28.38 47.13 -81.06
N THR B 34 27.42 46.66 -80.26
CA THR B 34 26.12 46.15 -80.78
C THR B 34 25.00 46.55 -79.82
N ILE B 35 23.88 47.03 -80.35
CA ILE B 35 22.73 47.46 -79.51
C ILE B 35 22.24 46.26 -78.69
N SER B 36 21.97 46.48 -77.39
CA SER B 36 21.50 45.40 -76.52
C SER B 36 20.46 45.88 -75.51
N VAL B 37 19.75 44.91 -74.94
CA VAL B 37 18.81 45.09 -73.84
C VAL B 37 19.03 44.01 -72.79
N THR B 38 18.55 44.25 -71.59
CA THR B 38 18.50 43.24 -70.52
C THR B 38 17.17 43.38 -69.81
N THR B 39 16.54 42.26 -69.46
CA THR B 39 15.45 42.24 -68.48
C THR B 39 16.06 41.92 -67.12
N GLU B 40 16.04 42.87 -66.19
CA GLU B 40 16.52 42.63 -64.81
C GLU B 40 15.37 42.65 -63.80
N ILE B 41 15.25 41.61 -62.98
CA ILE B 41 14.19 41.42 -62.00
C ILE B 41 14.75 41.59 -60.59
N LEU B 42 14.08 42.36 -59.74
CA LEU B 42 14.35 42.42 -58.29
C LEU B 42 13.05 42.26 -57.48
N PRO B 43 12.97 41.37 -56.47
CA PRO B 43 11.79 41.30 -55.61
C PRO B 43 11.86 42.41 -54.55
N VAL B 44 10.87 43.31 -54.53
CA VAL B 44 10.94 44.48 -53.59
C VAL B 44 9.97 44.24 -52.43
N SER B 45 8.96 43.39 -52.63
CA SER B 45 7.94 43.14 -51.57
C SER B 45 7.97 41.67 -51.16
N MET B 46 7.37 41.35 -50.01
CA MET B 46 7.34 39.94 -49.52
C MET B 46 6.03 39.70 -48.77
N THR B 47 5.17 38.83 -49.33
CA THR B 47 3.87 38.50 -48.65
C THR B 47 4.16 37.67 -47.40
N LYS B 48 4.47 38.32 -46.28
CA LYS B 48 4.84 37.55 -45.07
C LYS B 48 3.58 36.88 -44.52
N THR B 49 3.32 35.63 -44.91
CA THR B 49 2.09 34.93 -44.48
C THR B 49 2.20 34.51 -43.00
N SER B 50 1.06 34.34 -42.33
CA SER B 50 1.07 33.90 -40.91
C SER B 50 1.25 32.38 -40.85
N VAL B 51 1.40 31.84 -39.64
CA VAL B 51 1.59 30.39 -39.49
C VAL B 51 0.97 29.89 -38.19
N ASP B 52 0.24 28.78 -38.27
CA ASP B 52 -0.41 28.20 -37.10
C ASP B 52 0.50 27.14 -36.49
N CYS B 53 1.10 27.46 -35.35
CA CYS B 53 1.98 26.55 -34.64
C CYS B 53 1.34 25.18 -34.41
N THR B 54 0.06 25.18 -34.03
CA THR B 54 -0.63 23.90 -33.77
C THR B 54 -0.62 23.01 -35.03
N MET B 55 -0.89 23.57 -36.21
CA MET B 55 -0.82 22.85 -37.48
C MET B 55 0.63 22.47 -37.85
N TYR B 56 1.60 23.30 -37.47
CA TYR B 56 3.02 23.08 -37.77
C TYR B 56 3.65 22.01 -36.87
N ILE B 57 3.45 22.15 -35.56
CA ILE B 57 4.06 21.20 -34.58
C ILE B 57 3.25 19.90 -34.54
N CYS B 58 1.94 19.98 -34.29
CA CYS B 58 1.17 18.74 -34.14
C CYS B 58 0.40 18.27 -35.40
N GLY B 59 -0.12 19.21 -36.20
CA GLY B 59 -0.85 18.88 -37.44
C GLY B 59 -2.27 18.35 -37.19
N ASP B 60 -2.39 17.11 -36.76
CA ASP B 60 -3.67 16.40 -36.53
C ASP B 60 -3.62 15.40 -35.35
N SER B 61 -2.51 15.39 -34.60
CA SER B 61 -2.25 14.49 -33.48
C SER B 61 -2.88 15.02 -32.19
N THR B 62 -4.16 14.70 -31.95
CA THR B 62 -4.97 15.31 -30.88
C THR B 62 -4.34 15.19 -29.48
N GLU B 63 -3.55 14.14 -29.21
CA GLU B 63 -2.81 13.96 -27.95
C GLU B 63 -1.60 14.92 -27.75
N CYS B 64 -1.53 15.88 -28.68
CA CYS B 64 -0.54 16.95 -28.76
C CYS B 64 -1.25 18.31 -28.79
N SER B 65 -2.34 18.41 -29.56
CA SER B 65 -3.05 19.70 -29.70
C SER B 65 -3.27 20.32 -28.32
N ASN B 66 -3.73 19.53 -27.35
CA ASN B 66 -4.02 20.04 -25.99
C ASN B 66 -2.74 20.55 -25.33
N LEU B 67 -1.62 19.83 -25.48
CA LEU B 67 -0.37 20.21 -24.78
C LEU B 67 0.09 21.61 -25.21
N LEU B 68 -0.02 21.93 -26.50
CA LEU B 68 0.49 23.23 -27.02
C LEU B 68 -0.16 24.40 -26.25
N LEU B 69 -1.42 24.25 -25.84
CA LEU B 69 -2.13 25.35 -25.13
C LEU B 69 -1.30 25.75 -23.90
N GLN B 70 -0.78 24.77 -23.16
CA GLN B 70 -0.01 25.06 -21.92
C GLN B 70 1.30 25.78 -22.26
N TYR B 71 1.85 25.52 -23.45
CA TYR B 71 3.16 26.14 -23.84
C TYR B 71 3.01 27.67 -23.79
N GLY B 72 1.85 28.20 -24.18
CA GLY B 72 1.63 29.66 -24.08
C GLY B 72 1.25 30.29 -25.40
N SER B 73 1.51 31.60 -25.55
CA SER B 73 1.13 32.33 -26.79
C SER B 73 2.35 32.50 -27.69
N PHE B 74 3.38 31.67 -27.50
CA PHE B 74 4.58 31.73 -28.39
C PHE B 74 4.12 31.83 -29.84
N CYS B 75 2.98 31.22 -30.19
CA CYS B 75 2.52 31.22 -31.56
C CYS B 75 2.32 32.65 -32.02
N THR B 76 1.88 33.49 -31.08
CA THR B 76 1.62 34.89 -31.41
C THR B 76 2.96 35.61 -31.57
N GLN B 77 3.88 35.32 -30.66
CA GLN B 77 5.22 35.94 -30.71
C GLN B 77 5.93 35.64 -32.03
N LEU B 78 5.83 34.41 -32.50
CA LEU B 78 6.42 33.98 -33.77
C LEU B 78 5.67 34.58 -34.97
N ASN B 79 4.35 34.72 -34.91
CA ASN B 79 3.60 35.41 -35.98
C ASN B 79 3.83 36.93 -35.99
N ARG B 80 4.08 37.54 -34.81
CA ARG B 80 4.42 38.98 -34.75
C ARG B 80 5.76 39.18 -35.46
N ALA B 81 6.59 38.13 -35.47
CA ALA B 81 7.89 38.18 -36.14
C ALA B 81 7.70 38.02 -37.64
N LEU B 82 7.01 36.94 -38.04
CA LEU B 82 6.72 36.72 -39.47
C LEU B 82 5.96 37.92 -40.04
N THR B 83 4.90 38.36 -39.37
CA THR B 83 4.11 39.53 -39.86
C THR B 83 4.73 40.83 -39.32
N GLY B 84 4.08 41.97 -39.59
CA GLY B 84 4.58 43.26 -39.08
C GLY B 84 3.50 43.99 -38.30
N ILE B 85 2.35 43.33 -38.10
CA ILE B 85 1.20 43.98 -37.39
C ILE B 85 1.05 43.36 -35.99
N ALA B 86 1.05 44.19 -34.95
CA ALA B 86 0.84 43.68 -33.58
C ALA B 86 -0.61 43.17 -33.46
N VAL B 87 -0.85 41.92 -33.88
CA VAL B 87 -2.22 41.37 -33.85
C VAL B 87 -2.97 41.84 -32.59
N GLU B 88 -4.10 42.52 -32.79
CA GLU B 88 -4.90 43.01 -31.67
C GLU B 88 -5.70 41.87 -31.06
N GLN B 89 -5.07 41.11 -30.17
CA GLN B 89 -5.72 39.99 -29.50
C GLN B 89 -6.76 40.46 -28.50
N ASP B 90 -7.71 39.59 -28.17
CA ASP B 90 -8.77 39.91 -27.23
C ASP B 90 -8.33 39.65 -25.80
N LYS B 91 -9.22 39.90 -24.84
CA LYS B 91 -8.92 39.69 -23.43
C LYS B 91 -9.86 38.66 -22.81
N ASN B 92 -9.28 37.68 -22.12
CA ASN B 92 -10.05 36.62 -21.48
C ASN B 92 -9.61 36.38 -20.04
N THR B 93 -10.57 36.30 -19.13
CA THR B 93 -10.28 36.08 -17.72
C THR B 93 -10.80 34.72 -17.26
N GLN B 94 -10.04 33.68 -17.59
CA GLN B 94 -10.42 32.31 -17.21
C GLN B 94 -9.31 31.62 -16.42
N GLU B 95 -9.67 31.08 -15.27
CA GLU B 95 -8.71 30.38 -14.41
C GLU B 95 -9.35 29.12 -13.81
N VAL B 96 -8.73 27.97 -14.06
CA VAL B 96 -9.22 26.70 -13.55
C VAL B 96 -8.78 26.49 -12.10
N PHE B 97 -9.61 25.81 -11.31
CA PHE B 97 -9.29 25.57 -9.90
C PHE B 97 -9.82 24.21 -9.42
N ALA B 98 -8.96 23.41 -8.79
CA ALA B 98 -9.31 22.13 -8.19
C ALA B 98 -9.19 22.16 -6.65
N GLN B 99 -10.26 21.77 -5.97
CA GLN B 99 -10.27 21.77 -4.52
C GLN B 99 -9.36 20.67 -3.95
N GLY B 147 -14.79 -57.82 62.42
CA GLY B 147 -15.88 -58.56 63.04
C GLY B 147 -15.49 -59.98 63.49
N PHE B 148 -16.22 -60.48 64.48
CA PHE B 148 -15.95 -61.75 65.17
C PHE B 148 -16.29 -63.01 64.36
N ILE B 149 -17.02 -62.87 63.27
CA ILE B 149 -17.73 -63.97 62.59
C ILE B 149 -16.77 -65.09 62.20
N LYS B 150 -15.61 -64.76 61.62
CA LYS B 150 -14.62 -65.77 61.19
C LYS B 150 -14.06 -66.54 62.37
N GLN B 151 -13.82 -65.88 63.48
CA GLN B 151 -13.13 -66.45 64.65
C GLN B 151 -13.97 -67.53 65.30
N TYR B 152 -15.28 -67.33 65.35
CA TYR B 152 -16.24 -68.34 65.77
C TYR B 152 -16.13 -69.58 64.87
N GLY B 153 -16.04 -69.40 63.55
CA GLY B 153 -15.85 -70.52 62.64
C GLY B 153 -14.54 -71.24 62.92
N ASP B 154 -13.42 -70.52 62.81
CA ASP B 154 -12.11 -71.11 63.04
C ASP B 154 -11.97 -71.91 64.34
N CYS B 155 -12.68 -71.48 65.37
CA CYS B 155 -12.53 -72.17 66.68
C CYS B 155 -13.52 -73.33 66.77
N LEU B 156 -14.73 -73.17 66.22
CA LEU B 156 -15.73 -74.27 66.22
C LEU B 156 -15.36 -75.27 65.12
N GLY B 157 -15.55 -74.88 63.86
CA GLY B 157 -15.32 -75.83 62.74
C GLY B 157 -16.59 -76.58 62.43
N ASP B 158 -16.76 -77.78 62.98
CA ASP B 158 -18.00 -78.59 62.77
C ASP B 158 -18.03 -79.70 63.83
N ILE B 159 -17.35 -79.51 64.95
CA ILE B 159 -17.24 -80.59 65.98
C ILE B 159 -18.45 -80.54 66.92
N ALA B 160 -19.22 -81.64 66.98
CA ALA B 160 -20.37 -81.74 67.92
C ALA B 160 -21.08 -80.39 68.07
N ALA B 161 -21.09 -79.85 69.30
CA ALA B 161 -21.79 -78.56 69.56
C ALA B 161 -20.88 -77.62 70.35
N ARG B 162 -19.77 -77.18 69.75
CA ARG B 162 -18.89 -76.18 70.42
C ARG B 162 -19.53 -74.80 70.25
N ASP B 163 -20.70 -74.75 69.61
CA ASP B 163 -21.41 -73.48 69.34
C ASP B 163 -21.25 -72.49 70.49
N LEU B 164 -21.70 -72.85 71.70
CA LEU B 164 -21.67 -71.87 72.78
C LEU B 164 -20.26 -71.63 73.31
N ILE B 165 -19.43 -72.67 73.45
CA ILE B 165 -18.05 -72.54 73.95
C ILE B 165 -17.15 -71.75 73.00
N CYS B 166 -17.63 -71.50 71.79
CA CYS B 166 -16.88 -70.73 70.82
C CYS B 166 -17.30 -69.24 70.79
N ALA B 167 -18.28 -68.86 71.61
CA ALA B 167 -18.71 -67.46 71.65
C ALA B 167 -17.55 -66.50 71.89
N GLN B 168 -17.42 -65.49 71.04
CA GLN B 168 -16.39 -64.46 71.10
C GLN B 168 -16.84 -63.26 71.96
N LYS B 169 -16.00 -62.25 72.05
CA LYS B 169 -16.32 -61.09 72.87
C LYS B 169 -15.80 -59.77 72.30
N PHE B 170 -16.71 -58.87 72.01
CA PHE B 170 -16.39 -57.55 71.52
C PHE B 170 -16.75 -56.63 72.66
N ASN B 171 -15.81 -55.77 73.06
CA ASN B 171 -16.00 -54.84 74.16
C ASN B 171 -16.40 -55.60 75.44
N GLY B 172 -17.49 -55.17 76.07
CA GLY B 172 -17.95 -55.82 77.29
C GLY B 172 -19.11 -56.77 77.11
N LEU B 173 -19.29 -57.30 75.91
CA LEU B 173 -20.39 -58.22 75.65
C LEU B 173 -19.95 -59.47 74.88
N THR B 174 -20.62 -60.59 75.14
CA THR B 174 -20.31 -61.84 74.47
C THR B 174 -21.17 -61.95 73.21
N VAL B 175 -20.58 -62.40 72.12
CA VAL B 175 -21.30 -62.50 70.85
C VAL B 175 -21.12 -63.86 70.14
N LEU B 176 -22.16 -64.27 69.41
CA LEU B 176 -22.21 -65.41 68.50
C LEU B 176 -22.69 -64.93 67.14
N PRO B 177 -22.55 -65.79 66.11
CA PRO B 177 -23.04 -65.47 64.76
C PRO B 177 -24.55 -65.70 64.74
N PRO B 178 -25.28 -65.01 63.86
CA PRO B 178 -26.74 -65.14 63.79
C PRO B 178 -27.24 -66.22 62.82
N LEU B 179 -26.80 -67.46 63.01
CA LEU B 179 -27.21 -68.57 62.10
C LEU B 179 -27.30 -69.88 62.89
N LEU B 180 -28.48 -70.45 63.01
CA LEU B 180 -28.63 -71.78 63.67
C LEU B 180 -28.86 -72.84 62.59
N THR B 181 -28.14 -73.96 62.66
CA THR B 181 -28.27 -75.01 61.61
C THR B 181 -28.99 -76.22 62.19
N ASP B 182 -29.59 -77.06 61.33
CA ASP B 182 -30.34 -78.23 61.80
C ASP B 182 -29.58 -79.05 62.86
N GLU B 183 -28.25 -78.96 62.89
CA GLU B 183 -27.42 -79.61 63.88
C GLU B 183 -27.52 -78.92 65.24
N MET B 184 -27.41 -77.59 65.21
CA MET B 184 -27.43 -76.72 66.38
C MET B 184 -28.83 -76.64 66.98
N ILE B 185 -29.87 -76.50 66.15
CA ILE B 185 -31.24 -76.47 66.63
C ILE B 185 -31.60 -77.79 67.29
N ALA B 186 -31.14 -78.92 66.75
CA ALA B 186 -31.34 -80.22 67.39
C ALA B 186 -30.72 -80.21 68.78
N GLN B 187 -29.47 -79.75 68.89
CA GLN B 187 -28.78 -79.67 70.17
C GLN B 187 -29.59 -78.82 71.16
N TYR B 188 -29.87 -77.56 70.85
CA TYR B 188 -30.52 -76.65 71.78
C TYR B 188 -31.98 -76.94 72.04
N THR B 189 -32.79 -77.25 71.04
CA THR B 189 -34.20 -77.50 71.29
C THR B 189 -34.38 -78.81 72.06
N SER B 190 -33.61 -79.85 71.76
CA SER B 190 -33.65 -81.08 72.58
C SER B 190 -33.03 -80.88 73.97
N ALA B 191 -32.07 -79.96 74.12
CA ALA B 191 -31.57 -79.58 75.43
C ALA B 191 -32.65 -78.84 76.23
N LEU B 192 -33.34 -77.89 75.62
CA LEU B 192 -34.43 -77.16 76.26
C LEU B 192 -35.47 -78.15 76.74
N LEU B 193 -35.99 -79.00 75.86
CA LEU B 193 -36.98 -80.00 76.22
C LEU B 193 -36.45 -80.93 77.31
N ALA B 194 -35.24 -81.47 77.20
CA ALA B 194 -34.67 -82.35 78.22
C ALA B 194 -34.59 -81.67 79.59
N GLY B 195 -34.25 -80.38 79.65
CA GLY B 195 -34.34 -79.62 80.89
C GLY B 195 -35.76 -79.54 81.46
N THR B 196 -36.80 -79.48 80.64
CA THR B 196 -38.19 -79.55 81.12
C THR B 196 -38.60 -80.95 81.56
N ILE B 197 -38.02 -82.00 80.98
CA ILE B 197 -38.25 -83.39 81.43
C ILE B 197 -37.61 -83.63 82.79
N THR B 198 -36.32 -83.34 82.95
CA THR B 198 -35.57 -83.69 84.17
C THR B 198 -36.10 -83.00 85.40
N SER B 199 -36.50 -81.74 85.26
CA SER B 199 -36.99 -80.91 86.35
C SER B 199 -38.24 -81.46 87.04
N GLY B 200 -39.01 -82.33 86.37
CA GLY B 200 -40.20 -82.98 86.94
C GLY B 200 -39.87 -84.07 87.97
N TRP B 201 -38.72 -84.73 87.82
CA TRP B 201 -38.27 -85.79 88.73
C TRP B 201 -37.23 -85.31 89.74
N THR B 202 -36.25 -84.52 89.26
CA THR B 202 -35.11 -84.06 90.05
C THR B 202 -35.54 -83.15 91.21
N PHE B 203 -34.93 -83.33 92.40
CA PHE B 203 -35.27 -82.56 93.61
C PHE B 203 -35.05 -81.05 93.43
N GLY B 204 -34.07 -80.66 92.61
CA GLY B 204 -33.71 -79.28 92.31
C GLY B 204 -33.63 -78.99 90.82
N ALA B 205 -32.56 -78.34 90.40
CA ALA B 205 -32.35 -77.85 89.07
C ALA B 205 -31.89 -78.92 88.06
N GLY B 206 -32.79 -79.79 87.63
CA GLY B 206 -32.64 -80.51 86.34
C GLY B 206 -32.48 -79.54 85.16
N ALA B 207 -33.01 -78.33 85.30
CA ALA B 207 -32.87 -77.19 84.40
C ALA B 207 -31.43 -76.67 84.22
N ALA B 208 -30.43 -77.23 84.89
CA ALA B 208 -29.03 -76.98 84.51
C ALA B 208 -28.79 -77.25 83.01
N LEU B 209 -29.56 -78.17 82.40
CA LEU B 209 -29.57 -78.43 80.96
C LEU B 209 -30.06 -77.24 80.10
N GLN B 210 -30.71 -76.22 80.67
CA GLN B 210 -31.30 -75.12 79.90
C GLN B 210 -30.42 -73.89 79.76
N ILE B 211 -29.39 -73.77 80.59
CA ILE B 211 -28.37 -72.73 80.47
C ILE B 211 -27.89 -72.55 79.02
N PRO B 212 -27.52 -73.59 78.26
CA PRO B 212 -27.00 -73.38 76.93
C PRO B 212 -28.00 -72.78 75.97
N PHE B 213 -29.30 -73.14 76.06
CA PHE B 213 -30.34 -72.55 75.21
C PHE B 213 -30.55 -71.08 75.52
N ALA B 214 -30.66 -70.76 76.81
CA ALA B 214 -31.01 -69.43 77.25
C ALA B 214 -29.85 -68.46 77.02
N MET B 215 -28.62 -68.96 77.16
CA MET B 215 -27.40 -68.21 76.88
C MET B 215 -27.16 -68.02 75.39
N GLN B 216 -27.26 -69.08 74.57
CA GLN B 216 -27.01 -68.93 73.13
C GLN B 216 -28.01 -67.98 72.50
N MET B 217 -29.25 -67.94 72.99
CA MET B 217 -30.22 -66.93 72.57
C MET B 217 -29.72 -65.51 72.88
N ALA B 218 -29.30 -65.29 74.11
CA ALA B 218 -28.81 -63.97 74.52
C ALA B 218 -27.57 -63.53 73.75
N TYR B 219 -26.62 -64.45 73.58
CA TYR B 219 -25.35 -64.11 72.86
C TYR B 219 -25.67 -63.74 71.41
N ARG B 220 -26.54 -64.52 70.75
CA ARG B 220 -26.88 -64.25 69.32
C ARG B 220 -27.57 -62.89 69.20
N PHE B 221 -28.54 -62.61 70.07
CA PHE B 221 -29.16 -61.25 70.05
C PHE B 221 -28.05 -60.20 70.13
N ASN B 222 -27.04 -60.42 70.97
CA ASN B 222 -25.89 -59.49 71.07
C ASN B 222 -25.14 -59.50 69.73
N GLY B 223 -24.80 -60.67 69.22
CA GLY B 223 -24.15 -60.76 67.90
C GLY B 223 -24.93 -59.94 66.90
N ILE B 224 -26.27 -60.05 66.93
CA ILE B 224 -27.11 -59.29 66.01
C ILE B 224 -27.04 -57.81 66.35
N GLY B 225 -26.92 -57.44 67.61
CA GLY B 225 -26.72 -56.06 68.03
C GLY B 225 -25.42 -55.45 67.55
N VAL B 226 -24.30 -56.13 67.75
CA VAL B 226 -22.99 -55.61 67.31
C VAL B 226 -22.93 -55.51 65.78
N THR B 227 -23.52 -56.47 65.08
CA THR B 227 -23.59 -56.47 63.63
C THR B 227 -24.58 -55.47 63.08
N GLN B 228 -25.69 -55.15 63.74
CA GLN B 228 -26.51 -54.00 63.36
C GLN B 228 -25.84 -52.68 63.62
N ASN B 229 -25.19 -52.55 64.79
CA ASN B 229 -24.54 -51.27 65.17
C ASN B 229 -23.58 -50.83 64.05
N VAL B 230 -22.69 -51.73 63.62
CA VAL B 230 -21.72 -51.40 62.55
C VAL B 230 -22.48 -51.25 61.22
N LEU B 231 -23.42 -52.14 60.92
CA LEU B 231 -24.24 -51.96 59.69
C LEU B 231 -24.76 -50.52 59.69
N TYR B 232 -25.02 -49.97 60.87
CA TYR B 232 -25.49 -48.56 60.97
C TYR B 232 -24.28 -47.62 60.84
N GLU B 233 -23.14 -47.99 61.43
CA GLU B 233 -21.96 -47.14 61.36
C GLU B 233 -21.29 -47.22 59.99
N ASN B 234 -21.39 -48.35 59.29
CA ASN B 234 -21.08 -48.38 57.88
C ASN B 234 -22.06 -47.50 57.10
N GLN B 235 -23.36 -47.56 57.37
CA GLN B 235 -24.38 -46.79 56.67
C GLN B 235 -24.13 -45.29 56.83
N LYS B 236 -23.77 -44.86 58.04
CA LYS B 236 -23.42 -43.43 58.25
C LYS B 236 -22.18 -43.10 57.43
N LEU B 237 -21.17 -43.99 57.46
CA LEU B 237 -19.91 -43.75 56.72
C LEU B 237 -20.22 -43.60 55.22
N ILE B 238 -20.96 -44.57 54.65
CA ILE B 238 -21.29 -44.51 53.19
C ILE B 238 -22.07 -43.22 52.93
N ALA B 239 -23.09 -42.94 53.74
CA ALA B 239 -23.89 -41.71 53.57
C ALA B 239 -22.98 -40.49 53.60
N ASN B 240 -22.18 -40.35 54.66
CA ASN B 240 -21.31 -39.15 54.81
C ASN B 240 -20.36 -39.05 53.62
N GLN B 241 -19.68 -40.14 53.26
CA GLN B 241 -18.69 -40.04 52.19
C GLN B 241 -19.35 -39.78 50.84
N PHE B 242 -20.55 -40.28 50.57
CA PHE B 242 -21.32 -39.89 49.39
C PHE B 242 -21.82 -38.44 49.48
N ASN B 243 -22.28 -37.99 50.64
CA ASN B 243 -22.65 -36.59 50.87
C ASN B 243 -21.45 -35.66 50.69
N SER B 244 -20.27 -36.05 51.18
CA SER B 244 -19.02 -35.32 50.96
C SER B 244 -18.57 -35.34 49.51
N ALA B 245 -18.68 -36.49 48.84
CA ALA B 245 -18.34 -36.62 47.44
C ALA B 245 -19.24 -35.77 46.57
N ILE B 246 -20.56 -35.81 46.74
CA ILE B 246 -21.46 -34.94 45.99
C ILE B 246 -21.26 -33.47 46.38
N GLY B 247 -20.84 -33.15 47.60
CA GLY B 247 -20.35 -31.83 47.94
C GLY B 247 -19.13 -31.39 47.12
N LYS B 248 -18.20 -32.30 46.84
CA LYS B 248 -17.01 -32.03 46.00
C LYS B 248 -17.31 -32.07 44.51
N ILE B 249 -18.25 -32.90 44.06
CA ILE B 249 -18.69 -32.89 42.66
C ILE B 249 -19.57 -31.67 42.38
N GLN B 250 -20.22 -31.15 43.42
CA GLN B 250 -20.98 -29.91 43.27
C GLN B 250 -19.99 -28.76 43.02
N ASP B 251 -18.89 -28.76 43.76
CA ASP B 251 -17.85 -27.75 43.61
C ASP B 251 -17.27 -27.88 42.21
N SER B 252 -16.83 -29.09 41.87
CA SER B 252 -16.32 -29.40 40.55
C SER B 252 -17.18 -28.88 39.42
N LEU B 253 -18.49 -29.12 39.44
CA LEU B 253 -19.38 -28.67 38.36
C LEU B 253 -19.67 -27.18 38.42
N SER B 254 -19.63 -26.53 39.59
CA SER B 254 -19.61 -25.08 39.66
C SER B 254 -18.34 -24.50 39.02
N SER B 255 -17.22 -25.18 39.24
CA SER B 255 -15.95 -24.77 38.67
C SER B 255 -15.99 -24.99 37.14
N THR B 256 -16.34 -26.20 36.73
CA THR B 256 -16.43 -26.51 35.31
C THR B 256 -17.36 -25.55 34.62
N ALA B 257 -18.51 -25.20 35.21
CA ALA B 257 -19.41 -24.23 34.63
C ALA B 257 -18.74 -22.87 34.49
N SER B 258 -17.96 -22.46 35.50
CA SER B 258 -17.24 -21.19 35.48
C SER B 258 -16.13 -21.20 34.42
N ALA B 259 -15.39 -22.29 34.31
CA ALA B 259 -14.36 -22.47 33.30
C ALA B 259 -14.92 -22.43 31.88
N LEU B 260 -15.96 -23.22 31.58
CA LEU B 260 -16.66 -23.22 30.31
C LEU B 260 -17.24 -21.83 30.01
N GLY B 261 -17.84 -21.21 31.02
CA GLY B 261 -18.44 -19.86 30.83
C GLY B 261 -17.42 -18.83 30.38
N LYS B 262 -16.33 -18.68 31.13
CA LYS B 262 -15.31 -17.65 30.80
C LYS B 262 -14.67 -17.98 29.44
N LEU B 263 -14.38 -19.25 29.19
CA LEU B 263 -13.84 -19.64 27.85
C LEU B 263 -14.82 -19.15 26.79
N GLN B 264 -16.11 -19.47 26.94
CA GLN B 264 -17.12 -19.01 25.99
C GLN B 264 -17.03 -17.48 25.83
N ASP B 265 -16.86 -16.78 26.95
CA ASP B 265 -16.78 -15.29 26.90
C ASP B 265 -15.66 -14.86 25.96
N VAL B 266 -14.43 -15.34 26.20
CA VAL B 266 -13.26 -14.89 25.39
C VAL B 266 -13.35 -15.43 23.96
N VAL B 267 -13.52 -16.74 23.79
CA VAL B 267 -13.53 -17.32 22.41
C VAL B 267 -14.53 -16.51 21.59
N ASN B 268 -15.65 -16.13 22.19
CA ASN B 268 -16.68 -15.37 21.49
C ASN B 268 -16.30 -13.88 21.36
N GLN B 269 -15.54 -13.37 22.32
CA GLN B 269 -15.05 -12.00 22.26
C GLN B 269 -13.98 -11.91 21.16
N ASN B 270 -13.08 -12.90 21.12
CA ASN B 270 -12.01 -12.95 20.12
C ASN B 270 -12.56 -13.23 18.72
N ALA B 271 -13.62 -14.03 18.58
CA ALA B 271 -14.31 -14.14 17.29
C ALA B 271 -14.84 -12.78 16.82
N GLN B 272 -15.36 -11.99 17.76
CA GLN B 272 -15.83 -10.65 17.43
C GLN B 272 -14.63 -9.81 16.98
N ALA B 273 -13.52 -9.91 17.71
CA ALA B 273 -12.30 -9.18 17.38
C ALA B 273 -11.79 -9.55 15.99
N LEU B 274 -11.81 -10.83 15.60
CA LEU B 274 -11.45 -11.26 14.25
C LEU B 274 -12.44 -10.70 13.24
N ASN B 275 -13.73 -10.81 13.48
CA ASN B 275 -14.72 -10.18 12.60
C ASN B 275 -14.45 -8.69 12.44
N THR B 276 -14.26 -7.96 13.54
CA THR B 276 -14.02 -6.51 13.48
C THR B 276 -12.75 -6.20 12.69
N LEU B 277 -11.65 -6.92 12.96
CA LEU B 277 -10.40 -6.79 12.21
C LEU B 277 -10.63 -7.11 10.74
N VAL B 278 -11.33 -8.19 10.41
CA VAL B 278 -11.60 -8.54 9.02
C VAL B 278 -12.45 -7.47 8.35
N LYS B 279 -13.46 -6.91 9.03
CA LYS B 279 -14.28 -5.84 8.46
C LYS B 279 -13.41 -4.64 8.13
N GLN B 280 -12.60 -4.20 9.09
CA GLN B 280 -11.73 -3.04 8.87
C GLN B 280 -10.61 -3.29 7.85
N LEU B 281 -9.90 -4.40 8.03
CA LEU B 281 -8.79 -4.78 7.16
C LEU B 281 -9.20 -4.98 5.71
N SER B 282 -10.31 -5.67 5.46
CA SER B 282 -10.81 -5.84 4.09
C SER B 282 -11.25 -4.50 3.48
N SER B 283 -11.73 -3.57 4.30
CA SER B 283 -11.98 -2.19 3.86
C SER B 283 -10.67 -1.46 3.57
N ASN B 284 -9.67 -1.66 4.44
CA ASN B 284 -8.36 -1.03 4.36
C ASN B 284 -7.62 -1.45 3.08
N PHE B 285 -7.64 -2.74 2.77
CA PHE B 285 -7.09 -3.26 1.52
C PHE B 285 -7.84 -2.72 0.29
N GLY B 286 -9.15 -2.50 0.41
CA GLY B 286 -9.92 -1.79 -0.61
C GLY B 286 -9.46 -0.34 -0.79
N ALA B 287 -9.14 0.36 0.30
CA ALA B 287 -8.67 1.73 0.22
C ALA B 287 -7.32 1.83 -0.49
N ILE B 288 -6.33 1.06 -0.06
CA ILE B 288 -5.01 1.05 -0.77
C ILE B 288 -5.23 0.66 -2.24
N SER B 289 -6.06 -0.35 -2.51
CA SER B 289 -6.39 -0.74 -3.88
C SER B 289 -6.84 0.48 -4.71
N SER B 290 -7.74 1.30 -4.17
CA SER B 290 -8.14 2.53 -4.86
C SER B 290 -6.99 3.56 -4.98
N VAL B 291 -6.16 3.70 -3.95
CA VAL B 291 -5.10 4.71 -3.91
C VAL B 291 -3.95 4.32 -4.82
N LEU B 292 -3.53 3.06 -4.80
CA LEU B 292 -2.46 2.61 -5.74
C LEU B 292 -2.94 2.90 -7.17
N ASN B 293 -4.20 2.56 -7.47
CA ASN B 293 -4.76 2.78 -8.79
C ASN B 293 -4.63 4.22 -9.29
N ASP B 294 -4.89 5.21 -8.45
CA ASP B 294 -4.62 6.62 -8.77
C ASP B 294 -3.13 6.82 -9.11
N ILE B 295 -2.25 6.46 -8.18
CA ILE B 295 -0.79 6.57 -8.44
C ILE B 295 -0.48 5.98 -9.83
N LEU B 296 -0.83 4.71 -10.04
CA LEU B 296 -0.57 4.05 -11.35
C LEU B 296 -1.15 4.91 -12.49
N SER B 297 -2.44 5.26 -12.40
CA SER B 297 -3.10 6.00 -13.52
C SER B 297 -2.44 7.36 -13.76
N ARG B 298 -2.23 8.15 -12.71
CA ARG B 298 -1.67 9.52 -12.91
C ARG B 298 -0.27 9.43 -13.51
N LEU B 299 0.49 8.37 -13.17
CA LEU B 299 1.83 8.19 -13.75
C LEU B 299 1.74 7.84 -15.23
N ASP B 300 0.75 7.01 -15.61
CA ASP B 300 0.55 6.72 -17.06
C ASP B 300 0.41 8.08 -17.77
N LYS B 301 -0.36 8.99 -17.18
CA LYS B 301 -0.50 10.36 -17.77
C LYS B 301 0.88 11.00 -17.86
N VAL B 302 1.67 10.94 -16.77
CA VAL B 302 2.99 11.62 -16.76
C VAL B 302 3.88 10.97 -17.83
N GLU B 303 4.05 9.65 -17.79
CA GLU B 303 4.95 8.98 -18.73
C GLU B 303 4.56 9.16 -20.20
N ALA B 304 3.29 9.44 -20.51
CA ALA B 304 2.92 9.88 -21.86
C ALA B 304 3.36 11.33 -22.10
N GLU B 305 2.98 12.24 -21.20
CA GLU B 305 3.27 13.67 -21.38
C GLU B 305 4.78 13.96 -21.44
N VAL B 306 5.57 13.38 -20.53
CA VAL B 306 7.02 13.61 -20.48
C VAL B 306 7.77 13.09 -21.72
N GLN B 307 7.19 12.13 -22.47
CA GLN B 307 7.70 11.73 -23.80
C GLN B 307 7.25 12.70 -24.89
N ILE B 308 5.94 13.02 -24.95
CA ILE B 308 5.33 13.81 -26.03
C ILE B 308 5.91 15.24 -26.06
N ASP B 309 6.14 15.84 -24.88
CA ASP B 309 6.76 17.16 -24.73
C ASP B 309 8.19 17.25 -25.31
N ARG B 310 8.92 16.12 -25.44
CA ARG B 310 10.28 16.11 -26.03
C ARG B 310 10.24 16.26 -27.54
N LEU B 311 9.38 15.50 -28.22
CA LEU B 311 9.15 15.68 -29.66
C LEU B 311 8.60 17.08 -29.96
N ILE B 312 7.66 17.56 -29.14
CA ILE B 312 7.13 18.95 -29.32
C ILE B 312 8.30 19.92 -29.27
N THR B 313 9.19 19.76 -28.28
CA THR B 313 10.34 20.69 -28.12
C THR B 313 11.21 20.66 -29.37
N GLY B 314 11.47 19.47 -29.91
CA GLY B 314 12.26 19.35 -31.16
C GLY B 314 11.61 20.12 -32.29
N ARG B 315 10.28 19.99 -32.43
CA ARG B 315 9.55 20.73 -33.49
C ARG B 315 9.55 22.23 -33.18
N LEU B 316 9.39 22.61 -31.91
CA LEU B 316 9.47 24.04 -31.52
C LEU B 316 10.76 24.63 -32.13
N GLN B 317 11.86 23.89 -32.06
CA GLN B 317 13.13 24.35 -32.60
C GLN B 317 12.99 24.39 -34.11
N SER B 318 12.67 23.23 -34.69
CA SER B 318 12.42 23.09 -36.13
C SER B 318 11.52 24.21 -36.68
N LEU B 319 10.54 24.66 -35.90
CA LEU B 319 9.76 25.87 -36.18
C LEU B 319 10.59 27.16 -36.04
N GLN B 320 11.38 27.31 -34.97
CA GLN B 320 12.25 28.47 -34.80
C GLN B 320 13.29 28.59 -35.93
N THR B 321 13.68 27.47 -36.52
CA THR B 321 14.49 27.41 -37.75
C THR B 321 13.73 27.99 -38.96
N TYR B 322 12.50 27.52 -39.18
CA TYR B 322 11.67 28.08 -40.27
C TYR B 322 11.54 29.60 -40.07
N VAL B 323 11.18 30.02 -38.85
CA VAL B 323 10.99 31.47 -38.56
C VAL B 323 12.29 32.22 -38.82
N THR B 324 13.42 31.69 -38.34
CA THR B 324 14.73 32.36 -38.53
C THR B 324 15.00 32.52 -40.03
N GLN B 325 14.77 31.47 -40.81
CA GLN B 325 15.00 31.52 -42.29
C GLN B 325 14.16 32.65 -42.88
N GLN B 326 12.90 32.77 -42.44
CA GLN B 326 12.00 33.81 -43.00
C GLN B 326 12.58 35.20 -42.72
N LEU B 327 12.99 35.45 -41.47
CA LEU B 327 13.58 36.78 -41.10
C LEU B 327 14.83 37.00 -41.97
N ILE B 328 15.68 35.99 -42.09
CA ILE B 328 16.89 36.08 -42.94
C ILE B 328 16.52 36.46 -44.39
N ARG B 329 15.52 35.78 -44.98
CA ARG B 329 15.00 36.12 -46.31
C ARG B 329 14.32 37.50 -46.31
N ALA B 330 13.61 37.88 -45.25
CA ALA B 330 13.00 39.20 -45.12
C ALA B 330 14.05 40.33 -45.14
N ALA B 331 15.17 40.14 -44.45
CA ALA B 331 16.30 41.06 -44.51
C ALA B 331 16.92 41.13 -45.92
N GLU B 332 16.98 40.03 -46.69
CA GLU B 332 17.43 40.07 -48.09
C GLU B 332 16.42 40.73 -49.04
N ILE B 333 15.11 40.51 -48.86
CA ILE B 333 14.07 41.23 -49.62
C ILE B 333 14.17 42.73 -49.37
N ARG B 334 14.34 43.14 -48.10
CA ARG B 334 14.43 44.55 -47.72
C ARG B 334 15.77 45.18 -48.12
N ALA B 335 16.87 44.41 -48.16
CA ALA B 335 18.10 44.82 -48.83
C ALA B 335 17.94 44.91 -50.36
N SER B 336 17.16 44.03 -50.98
CA SER B 336 16.82 44.08 -52.42
C SER B 336 15.93 45.29 -52.75
N ALA B 337 15.02 45.68 -51.85
CA ALA B 337 14.27 46.93 -51.94
C ALA B 337 15.17 48.18 -51.81
N ASN B 338 16.15 48.15 -50.89
CA ASN B 338 17.17 49.21 -50.81
C ASN B 338 18.02 49.28 -52.10
N LEU B 339 18.40 48.13 -52.67
CA LEU B 339 19.10 48.04 -53.96
C LEU B 339 18.23 48.53 -55.13
N ALA B 340 16.94 48.21 -55.14
CA ALA B 340 15.99 48.70 -56.14
C ALA B 340 15.86 50.24 -56.14
N ALA B 341 16.04 50.92 -54.99
CA ALA B 341 16.02 52.38 -54.94
C ALA B 341 17.19 53.03 -55.71
N THR B 342 18.39 52.49 -55.57
CA THR B 342 19.54 53.00 -56.30
C THR B 342 19.43 52.60 -57.78
N LYS B 343 19.18 51.31 -58.03
CA LYS B 343 19.03 50.76 -59.38
C LYS B 343 17.94 51.45 -60.23
N MET B 344 16.84 51.83 -59.59
CA MET B 344 15.73 52.46 -60.30
C MET B 344 15.98 53.89 -60.75
N SER B 345 16.66 54.69 -59.93
CA SER B 345 16.93 56.08 -60.26
C SER B 345 18.20 56.31 -61.07
N GLU B 346 19.27 55.60 -60.71
CA GLU B 346 20.53 55.72 -61.45
C GLU B 346 20.40 55.34 -62.93
N CYS B 347 19.23 54.81 -63.32
CA CYS B 347 18.96 54.32 -64.67
C CYS B 347 17.64 54.84 -65.33
N VAL B 348 16.68 55.22 -64.49
CA VAL B 348 15.37 55.76 -64.83
C VAL B 348 15.40 57.29 -64.82
N LEU B 349 15.66 57.85 -63.65
CA LEU B 349 15.74 59.31 -63.49
C LEU B 349 17.02 59.90 -64.12
N GLY B 350 18.06 59.07 -64.28
CA GLY B 350 19.40 59.44 -64.78
C GLY B 350 19.94 58.50 -65.85
N GLN B 351 21.27 58.30 -65.85
CA GLN B 351 22.01 57.34 -66.67
C GLN B 351 23.29 56.95 -65.93
N SER B 352 23.47 55.67 -65.62
CA SER B 352 24.63 55.21 -64.86
C SER B 352 25.92 55.23 -65.68
N LYS B 353 27.06 55.36 -65.01
CA LYS B 353 28.37 55.32 -65.70
C LYS B 353 29.05 53.99 -65.37
N ARG B 354 28.33 53.08 -64.71
CA ARG B 354 28.92 51.77 -64.30
C ARG B 354 28.86 50.81 -65.50
N VAL B 355 29.58 49.69 -65.44
CA VAL B 355 29.67 48.77 -66.62
C VAL B 355 28.65 47.63 -66.51
N ASP B 356 28.41 47.11 -65.30
CA ASP B 356 27.51 45.93 -65.17
C ASP B 356 26.31 46.25 -64.27
N PHE B 357 26.27 47.46 -63.69
CA PHE B 357 25.09 47.85 -62.88
C PHE B 357 23.88 47.97 -63.81
N CYS B 358 22.67 47.75 -63.28
CA CYS B 358 21.45 47.79 -64.14
C CYS B 358 21.64 46.84 -65.32
N GLY B 359 22.07 45.60 -65.05
CA GLY B 359 22.29 44.61 -66.12
C GLY B 359 23.67 44.76 -66.73
N LYS B 360 24.32 43.64 -67.06
CA LYS B 360 25.67 43.70 -67.69
C LYS B 360 25.54 44.47 -69.02
N GLY B 361 26.42 45.44 -69.25
CA GLY B 361 26.35 46.27 -70.47
C GLY B 361 26.33 47.74 -70.14
N TYR B 362 26.89 48.58 -71.02
CA TYR B 362 26.96 50.04 -70.76
C TYR B 362 25.56 50.64 -70.82
N HIS B 363 24.95 50.91 -69.67
CA HIS B 363 23.55 51.43 -69.61
C HIS B 363 23.36 52.69 -70.45
N LEU B 364 22.18 52.82 -71.08
CA LEU B 364 21.84 54.05 -71.85
C LEU B 364 20.48 54.55 -71.36
N MET B 365 19.44 53.72 -71.50
CA MET B 365 18.08 54.08 -71.07
C MET B 365 17.41 52.95 -70.28
N SER B 366 16.34 53.25 -69.53
CA SER B 366 15.57 52.25 -68.77
C SER B 366 14.06 52.47 -68.85
N PHE B 367 13.30 51.38 -68.82
CA PHE B 367 11.85 51.38 -68.71
C PHE B 367 11.40 50.38 -67.63
N PRO B 368 11.01 50.83 -66.41
CA PRO B 368 10.58 49.95 -65.32
C PRO B 368 9.09 49.54 -65.44
N GLN B 369 8.80 48.32 -64.98
CA GLN B 369 7.39 47.85 -64.96
C GLN B 369 7.14 47.20 -63.60
N SER B 370 6.13 47.68 -62.86
CA SER B 370 5.88 47.18 -61.48
C SER B 370 5.51 45.69 -61.49
N ALA B 371 5.96 44.94 -60.47
CA ALA B 371 5.61 43.51 -60.37
C ALA B 371 4.88 43.29 -59.03
N PRO B 372 4.08 42.22 -58.86
CA PRO B 372 3.29 42.03 -57.63
C PRO B 372 4.13 42.19 -56.35
N HIS B 373 5.28 41.52 -56.28
CA HIS B 373 6.15 41.61 -55.08
C HIS B 373 7.58 41.95 -55.51
N GLY B 374 7.73 42.57 -56.68
CA GLY B 374 9.08 42.88 -57.19
C GLY B 374 9.07 44.02 -58.19
N VAL B 375 10.17 44.19 -58.94
CA VAL B 375 10.25 45.24 -60.00
C VAL B 375 11.03 44.67 -61.19
N VAL B 376 10.57 44.95 -62.41
CA VAL B 376 11.25 44.46 -63.61
C VAL B 376 11.72 45.65 -64.43
N PHE B 377 12.99 45.67 -64.79
CA PHE B 377 13.59 46.73 -65.60
C PHE B 377 13.88 46.22 -67.00
N LEU B 378 13.40 46.94 -68.02
CA LEU B 378 13.78 46.61 -69.42
C LEU B 378 14.91 47.57 -69.82
N HIS B 379 16.09 47.41 -69.23
CA HIS B 379 17.23 48.36 -69.48
C HIS B 379 17.70 48.34 -70.93
N VAL B 380 18.27 49.47 -71.39
CA VAL B 380 18.87 49.51 -72.77
C VAL B 380 20.37 49.74 -72.60
N THR B 381 21.20 49.12 -73.43
CA THR B 381 22.67 49.15 -73.25
C THR B 381 23.40 48.96 -74.58
N TYR B 382 24.73 49.07 -74.57
CA TYR B 382 25.59 48.55 -75.63
C TYR B 382 26.70 47.65 -75.05
N VAL B 383 27.08 46.63 -75.81
CA VAL B 383 28.04 45.59 -75.45
C VAL B 383 29.13 45.45 -76.52
N PRO B 384 30.39 45.07 -76.20
CA PRO B 384 31.45 45.05 -77.21
C PRO B 384 31.22 44.02 -78.33
N ALA B 385 30.83 44.48 -79.53
CA ALA B 385 30.68 43.56 -80.68
C ALA B 385 32.03 42.92 -80.95
N GLN B 386 33.05 43.75 -81.14
CA GLN B 386 34.43 43.24 -81.37
C GLN B 386 35.32 43.83 -80.28
N GLU B 387 36.17 43.02 -79.65
CA GLU B 387 37.10 43.58 -78.67
C GLU B 387 38.47 42.94 -78.87
N LYS B 388 39.53 43.68 -78.54
CA LYS B 388 40.91 43.29 -78.85
C LYS B 388 41.81 43.42 -77.62
N ASN B 389 42.77 42.50 -77.51
CA ASN B 389 43.72 42.53 -76.41
C ASN B 389 44.79 43.56 -76.71
N PHE B 390 45.10 44.41 -75.73
CA PHE B 390 46.15 45.41 -75.87
C PHE B 390 47.10 45.39 -74.68
N THR B 391 48.41 45.50 -74.94
CA THR B 391 49.37 45.61 -73.81
C THR B 391 49.18 47.01 -73.19
N THR B 392 48.67 47.08 -71.95
CA THR B 392 48.36 48.41 -71.35
C THR B 392 49.04 48.57 -70.00
N ALA B 393 48.98 49.78 -69.42
CA ALA B 393 49.71 50.01 -68.15
C ALA B 393 48.96 50.99 -67.23
N PRO B 394 48.74 50.64 -65.94
CA PRO B 394 48.17 51.56 -64.94
C PRO B 394 49.00 52.83 -64.79
N ALA B 395 50.33 52.66 -64.74
CA ALA B 395 51.32 53.73 -64.70
C ALA B 395 52.61 53.26 -65.39
N ILE B 396 53.43 54.26 -65.71
CA ILE B 396 54.75 54.10 -66.34
C ILE B 396 55.71 55.11 -65.70
N CYS B 397 56.71 54.60 -64.98
CA CYS B 397 57.70 55.43 -64.28
C CYS B 397 58.87 55.87 -65.18
N HIS B 398 58.88 57.14 -65.62
CA HIS B 398 59.96 57.60 -66.48
C HIS B 398 61.04 58.27 -65.63
N ASP B 399 62.25 57.73 -65.69
CA ASP B 399 63.43 58.22 -64.93
C ASP B 399 63.15 58.75 -63.51
N GLY B 400 62.38 57.99 -62.74
CA GLY B 400 62.03 58.39 -61.38
C GLY B 400 60.80 59.29 -61.29
N LYS B 401 60.16 59.50 -62.44
CA LYS B 401 58.97 60.34 -62.52
C LYS B 401 57.75 59.52 -62.96
N ALA B 402 57.04 59.00 -61.97
CA ALA B 402 55.85 58.17 -62.16
C ALA B 402 54.80 58.91 -63.01
N HIS B 403 54.20 58.23 -63.99
CA HIS B 403 53.28 58.85 -64.95
C HIS B 403 52.04 57.97 -65.17
N PHE B 404 50.87 58.53 -64.96
CA PHE B 404 49.59 57.86 -65.13
C PHE B 404 48.56 58.73 -65.84
N PRO B 405 47.46 58.12 -66.30
CA PRO B 405 46.45 58.82 -67.09
C PRO B 405 45.31 59.48 -66.34
N ARG B 406 44.50 60.20 -67.11
CA ARG B 406 43.34 60.90 -66.61
C ARG B 406 42.08 60.39 -67.30
N GLU B 407 41.19 59.81 -66.51
CA GLU B 407 39.90 59.25 -66.97
C GLU B 407 40.01 58.12 -68.04
N GLY B 408 41.09 57.34 -68.03
CA GLY B 408 41.34 56.30 -69.02
C GLY B 408 42.49 55.36 -68.65
N VAL B 409 43.01 54.65 -69.65
CA VAL B 409 44.12 53.68 -69.55
C VAL B 409 45.26 54.06 -70.51
N PHE B 410 46.51 53.69 -70.22
CA PHE B 410 47.53 53.66 -71.29
C PHE B 410 47.32 52.41 -72.17
N VAL B 411 47.43 52.58 -73.48
CA VAL B 411 47.34 51.53 -74.51
C VAL B 411 48.55 51.64 -75.45
N SER B 412 49.04 50.53 -76.01
CA SER B 412 50.31 50.52 -76.76
C SER B 412 50.22 50.02 -78.19
N ASN B 413 50.00 50.93 -79.13
CA ASN B 413 50.47 50.77 -80.50
C ASN B 413 51.99 50.62 -80.43
N GLY B 414 52.52 49.64 -81.17
CA GLY B 414 53.85 49.11 -80.93
C GLY B 414 54.98 50.09 -80.64
N THR B 415 54.96 51.27 -81.28
CA THR B 415 56.09 52.21 -81.23
C THR B 415 56.10 53.07 -79.96
N HIS B 416 54.92 53.43 -79.43
CA HIS B 416 54.75 54.32 -78.28
C HIS B 416 53.38 54.16 -77.61
N TRP B 417 53.27 54.64 -76.37
CA TRP B 417 52.02 54.72 -75.61
C TRP B 417 51.06 55.80 -76.14
N PHE B 418 49.77 55.54 -75.97
CA PHE B 418 48.68 56.51 -76.05
C PHE B 418 47.84 56.40 -74.76
N VAL B 419 47.10 57.45 -74.40
CA VAL B 419 45.95 57.30 -73.50
C VAL B 419 44.75 56.83 -74.33
N THR B 420 43.86 56.02 -73.76
CA THR B 420 42.56 55.74 -74.38
C THR B 420 41.43 55.57 -73.35
N GLN B 421 40.19 55.69 -73.81
CA GLN B 421 39.00 55.41 -73.03
C GLN B 421 38.93 53.91 -72.69
N ARG B 422 38.90 53.58 -71.40
CA ARG B 422 38.89 52.18 -70.95
C ARG B 422 37.93 51.22 -71.67
N ASN B 423 36.72 51.69 -71.95
CA ASN B 423 35.67 50.93 -72.59
C ASN B 423 35.46 51.25 -74.09
N PHE B 424 36.39 51.92 -74.78
CA PHE B 424 36.37 52.05 -76.24
C PHE B 424 37.75 52.41 -76.82
N TYR B 425 38.28 51.57 -77.71
CA TYR B 425 39.58 51.76 -78.33
C TYR B 425 39.60 52.96 -79.29
N GLU B 426 40.05 54.11 -78.78
CA GLU B 426 40.28 55.37 -79.50
C GLU B 426 41.57 56.01 -78.95
N PRO B 427 42.75 55.71 -79.54
CA PRO B 427 44.03 56.28 -79.11
C PRO B 427 44.05 57.83 -79.12
N GLN B 428 44.66 58.38 -78.08
CA GLN B 428 44.82 59.82 -77.91
C GLN B 428 46.29 60.10 -77.56
N ILE B 429 46.75 61.32 -77.81
CA ILE B 429 48.14 61.68 -77.53
C ILE B 429 48.35 62.08 -76.05
N ILE B 430 49.48 61.67 -75.48
CA ILE B 430 49.90 62.00 -74.11
C ILE B 430 50.25 63.50 -74.00
N THR B 431 49.65 64.18 -73.01
CA THR B 431 49.87 65.60 -72.67
C THR B 431 49.42 65.84 -71.23
N THR B 432 49.82 66.94 -70.59
CA THR B 432 49.43 67.23 -69.18
C THR B 432 47.91 67.36 -69.02
N ASP B 433 47.18 67.88 -70.01
CA ASP B 433 45.70 67.95 -70.02
C ASP B 433 45.01 66.56 -70.02
N ASN B 434 45.78 65.48 -70.21
CA ASN B 434 45.32 64.10 -70.45
C ASN B 434 45.97 63.07 -69.50
N THR B 435 46.89 63.51 -68.62
CA THR B 435 47.74 62.66 -67.77
C THR B 435 48.12 63.37 -66.47
N PHE B 436 48.67 62.63 -65.51
CA PHE B 436 49.29 63.15 -64.28
C PHE B 436 50.77 62.73 -64.22
N VAL B 437 51.59 63.56 -63.58
CA VAL B 437 53.04 63.36 -63.42
C VAL B 437 53.39 63.47 -61.93
N SER B 438 54.22 62.55 -61.45
CA SER B 438 54.62 62.54 -60.05
C SER B 438 56.13 62.69 -59.92
N GLY B 439 56.58 62.99 -58.70
CA GLY B 439 57.99 63.15 -58.44
C GLY B 439 58.67 61.86 -58.00
N ASN B 440 57.91 61.04 -57.26
CA ASN B 440 58.49 59.80 -56.69
C ASN B 440 57.98 58.55 -57.40
N CYS B 441 58.87 57.67 -57.83
CA CYS B 441 58.54 56.39 -58.45
C CYS B 441 57.87 55.40 -57.49
N ASP B 442 58.34 55.38 -56.25
CA ASP B 442 57.84 54.49 -55.18
C ASP B 442 56.32 54.26 -55.17
N VAL B 443 55.93 53.00 -55.03
CA VAL B 443 54.50 52.65 -55.06
C VAL B 443 53.99 52.36 -53.64
N VAL B 444 52.94 53.06 -53.21
CA VAL B 444 52.30 52.90 -51.89
C VAL B 444 51.43 51.63 -51.86
N ILE B 445 51.51 50.82 -50.81
CA ILE B 445 50.72 49.58 -50.67
C ILE B 445 49.68 49.71 -49.56
N GLY B 446 48.40 49.51 -49.91
CA GLY B 446 47.29 49.34 -48.97
C GLY B 446 46.79 47.89 -48.87
N ILE B 447 46.12 47.56 -47.77
CA ILE B 447 45.41 46.29 -47.55
C ILE B 447 44.01 46.56 -46.99
N VAL B 448 42.99 45.92 -47.57
CA VAL B 448 41.57 46.06 -47.20
C VAL B 448 40.97 44.67 -47.09
N ASN B 449 40.98 44.13 -45.88
CA ASN B 449 40.45 42.80 -45.59
C ASN B 449 39.00 42.91 -45.10
N ASN B 450 38.01 42.79 -46.00
CA ASN B 450 36.59 42.86 -45.67
C ASN B 450 36.12 41.63 -44.87
N THR B 451 36.41 41.62 -43.56
CA THR B 451 35.91 40.61 -42.63
C THR B 451 34.41 40.83 -42.42
N VAL B 452 33.58 40.04 -43.11
CA VAL B 452 32.17 39.87 -42.71
C VAL B 452 32.12 39.33 -41.27
N TYR B 453 31.12 39.73 -40.50
CA TYR B 453 31.15 39.63 -39.04
C TYR B 453 31.37 38.20 -38.55
N ASP B 454 32.37 38.01 -37.68
CA ASP B 454 32.64 36.74 -36.99
C ASP B 454 31.87 36.70 -35.65
N PRO B 455 30.74 35.98 -35.52
CA PRO B 455 29.94 36.03 -34.28
C PRO B 455 30.63 35.32 -33.11
N LEU B 456 30.28 35.70 -31.88
CA LEU B 456 30.83 35.00 -30.70
C LEU B 456 30.12 33.65 -30.57
N GLN B 457 30.56 32.66 -31.34
CA GLN B 457 29.87 31.34 -31.33
C GLN B 457 29.73 30.84 -29.90
N PRO B 458 28.61 30.19 -29.53
CA PRO B 458 28.41 29.62 -28.19
C PRO B 458 29.61 28.81 -27.68
N GLU B 459 29.76 28.71 -26.37
CA GLU B 459 30.91 28.01 -25.79
C GLU B 459 30.43 27.01 -24.71
N LEU B 460 29.66 26.01 -25.14
CA LEU B 460 29.13 24.97 -24.27
C LEU B 460 30.24 24.03 -23.75
N ASP B 461 30.14 23.65 -22.48
CA ASP B 461 30.96 22.58 -21.87
C ASP B 461 30.55 21.18 -22.35
N SER B 462 31.14 20.12 -21.80
CA SER B 462 30.50 18.79 -21.82
C SER B 462 29.19 18.81 -21.02
N PHE B 463 28.20 18.03 -21.45
CA PHE B 463 26.87 18.04 -20.84
C PHE B 463 26.90 17.66 -19.37
N LYS B 464 27.66 16.62 -19.01
CA LYS B 464 27.92 16.19 -17.63
C LYS B 464 28.34 17.35 -16.72
N GLU B 465 29.30 18.16 -17.14
CA GLU B 465 29.80 19.29 -16.37
C GLU B 465 28.72 20.37 -16.12
N GLU B 466 27.84 20.64 -17.08
CA GLU B 466 26.67 21.50 -16.82
C GLU B 466 25.58 20.81 -16.01
N LEU B 467 25.36 19.50 -16.19
CA LEU B 467 24.34 18.73 -15.48
C LEU B 467 24.61 18.73 -13.98
N ASP B 468 25.81 18.31 -13.58
CA ASP B 468 26.22 18.24 -12.17
C ASP B 468 26.26 19.60 -11.44
N LYS B 469 26.10 20.73 -12.15
CA LYS B 469 25.99 22.06 -11.52
C LYS B 469 24.78 22.14 -10.58
N TYR B 470 23.64 21.54 -10.96
CA TYR B 470 22.39 21.56 -10.19
C TYR B 470 21.63 20.22 -10.12
N PHE B 471 21.93 19.23 -10.98
CA PHE B 471 21.22 17.95 -10.99
C PHE B 471 21.38 17.17 -9.68
N LYS B 472 20.25 16.71 -9.12
CA LYS B 472 20.31 15.85 -7.92
C LYS B 472 19.94 14.40 -8.30
N ASN B 473 20.74 13.40 -7.90
CA ASN B 473 20.43 11.97 -8.15
C ASN B 473 19.68 11.45 -6.91
N HIS B 474 18.56 10.74 -7.08
CA HIS B 474 17.75 10.34 -5.90
C HIS B 474 17.31 8.87 -5.93
N THR B 475 18.04 7.97 -5.27
CA THR B 475 17.69 6.57 -5.19
C THR B 475 17.03 6.26 -3.84
N SER B 476 15.71 6.16 -3.84
CA SER B 476 14.96 5.86 -2.61
C SER B 476 15.24 4.43 -2.13
N PRO B 477 15.14 4.15 -0.81
CA PRO B 477 15.46 2.84 -0.28
C PRO B 477 14.51 1.76 -0.81
N ASP B 478 15.01 0.53 -0.89
CA ASP B 478 14.18 -0.60 -1.31
C ASP B 478 13.32 -0.96 -0.11
N VAL B 479 12.24 -0.22 0.08
CA VAL B 479 11.34 -0.42 1.22
C VAL B 479 10.63 -1.77 1.25
N ASP B 480 10.54 -2.33 2.45
CA ASP B 480 9.89 -3.62 2.68
C ASP B 480 9.10 -3.59 3.98
N LEU B 481 8.06 -4.43 4.08
CA LEU B 481 7.24 -4.51 5.27
C LEU B 481 7.71 -5.66 6.16
N GLY B 482 7.22 -5.70 7.40
CA GLY B 482 7.63 -6.75 8.33
C GLY B 482 6.80 -8.03 8.16
N ASP B 483 7.49 -9.16 7.98
CA ASP B 483 6.84 -10.45 7.79
C ASP B 483 6.06 -10.93 9.02
N ILE B 484 4.76 -11.06 8.85
CA ILE B 484 3.83 -11.54 9.90
C ILE B 484 3.77 -13.08 9.97
N SER B 485 4.33 -13.82 9.00
CA SER B 485 4.32 -15.29 8.98
C SER B 485 5.01 -15.98 10.18
N GLY B 486 5.72 -15.23 11.02
CA GLY B 486 6.17 -15.70 12.34
C GLY B 486 5.03 -15.99 13.34
N ILE B 487 3.80 -15.54 13.05
CA ILE B 487 2.58 -15.88 13.78
C ILE B 487 2.24 -17.37 13.60
N ASN B 488 2.30 -18.16 14.68
CA ASN B 488 2.05 -19.61 14.62
C ASN B 488 0.55 -20.00 14.70
N ALA B 489 -0.24 -19.23 15.45
CA ALA B 489 -1.68 -19.48 15.64
C ALA B 489 -1.96 -20.96 15.94
N SER B 490 -1.39 -21.45 17.04
CA SER B 490 -1.52 -22.89 17.38
C SER B 490 -2.97 -23.39 17.39
N VAL B 491 -3.18 -24.66 17.06
CA VAL B 491 -4.55 -25.25 17.11
C VAL B 491 -4.67 -26.07 18.41
N VAL B 492 -5.89 -26.46 18.78
CA VAL B 492 -6.10 -27.18 20.07
C VAL B 492 -6.55 -28.62 19.79
N ASN B 493 -6.21 -29.57 20.67
CA ASN B 493 -6.66 -30.98 20.50
C ASN B 493 -7.19 -31.49 21.84
N ILE B 494 -8.50 -31.78 21.91
CA ILE B 494 -9.13 -32.27 23.17
C ILE B 494 -9.73 -33.65 22.90
N GLN B 495 -9.73 -34.09 21.64
CA GLN B 495 -10.35 -35.39 21.27
C GLN B 495 -10.18 -36.42 22.41
N LYS B 496 -8.94 -36.85 22.67
CA LYS B 496 -8.71 -37.86 23.71
C LYS B 496 -9.58 -37.60 24.92
N GLU B 497 -9.52 -36.40 25.50
CA GLU B 497 -10.32 -36.04 26.66
C GLU B 497 -11.83 -36.03 26.38
N ILE B 498 -12.28 -35.60 25.21
CA ILE B 498 -13.71 -35.62 24.86
C ILE B 498 -14.22 -37.06 24.67
N ASP B 499 -13.33 -37.91 24.18
CA ASP B 499 -13.67 -39.29 23.98
C ASP B 499 -13.73 -39.95 25.32
N ARG B 500 -12.74 -39.65 26.15
CA ARG B 500 -12.67 -40.27 27.50
C ARG B 500 -13.91 -39.82 28.29
N LEU B 501 -14.34 -38.58 28.09
CA LEU B 501 -15.49 -38.09 28.83
C LEU B 501 -16.78 -38.77 28.36
N ASN B 502 -16.96 -39.01 27.07
CA ASN B 502 -18.08 -39.81 26.60
C ASN B 502 -17.98 -41.27 27.01
N GLU B 503 -16.77 -41.83 27.12
CA GLU B 503 -16.59 -43.19 27.62
C GLU B 503 -16.93 -43.30 29.11
N VAL B 504 -16.55 -42.36 29.97
CA VAL B 504 -17.03 -42.39 31.36
C VAL B 504 -18.53 -42.12 31.43
N ALA B 505 -19.11 -41.30 30.56
CA ALA B 505 -20.56 -41.15 30.49
C ALA B 505 -21.29 -42.43 30.05
N LYS B 506 -20.66 -43.30 29.25
CA LYS B 506 -21.14 -44.67 28.99
C LYS B 506 -20.88 -45.61 30.17
N ASN B 507 -19.69 -45.61 30.75
CA ASN B 507 -19.28 -46.58 31.77
C ASN B 507 -19.82 -46.30 33.16
N LEU B 508 -20.17 -45.04 33.47
CA LEU B 508 -20.81 -44.75 34.77
C LEU B 508 -22.10 -45.58 34.89
N ASN B 509 -22.68 -45.95 33.75
CA ASN B 509 -23.96 -46.73 33.73
C ASN B 509 -23.79 -48.03 34.51
N GLU B 510 -22.62 -48.66 34.44
CA GLU B 510 -22.40 -49.97 35.11
C GLU B 510 -22.53 -49.81 36.63
N SER B 511 -22.21 -48.63 37.17
CA SER B 511 -22.19 -48.46 38.62
C SER B 511 -23.57 -48.31 39.24
N LEU B 512 -24.61 -48.19 38.39
CA LEU B 512 -26.00 -48.06 38.90
C LEU B 512 -26.28 -49.23 39.85
N ILE B 513 -26.51 -48.94 41.12
CA ILE B 513 -26.68 -50.01 42.14
C ILE B 513 -27.88 -50.90 41.80
N ASP B 514 -27.72 -52.22 41.94
CA ASP B 514 -28.86 -53.16 41.73
C ASP B 514 -28.90 -54.06 42.96
N LEU B 515 -29.52 -53.61 44.06
CA LEU B 515 -29.49 -54.38 45.32
C LEU B 515 -30.28 -55.70 45.18
N GLN B 516 -30.11 -56.61 46.14
CA GLN B 516 -30.89 -57.88 46.14
C GLN B 516 -32.20 -57.62 46.88
N GLU B 517 -33.34 -57.74 46.18
CA GLU B 517 -34.66 -57.45 46.80
C GLU B 517 -34.77 -58.16 48.16
N LEU B 518 -35.11 -57.42 49.22
CA LEU B 518 -35.29 -58.04 50.52
C LEU B 518 -36.73 -58.19 50.96
N GLY B 519 -37.50 -57.11 50.84
CA GLY B 519 -38.88 -57.19 51.28
C GLY B 519 -39.15 -56.54 52.64
N LYS B 520 -40.31 -55.90 52.81
CA LYS B 520 -40.62 -55.36 54.16
C LYS B 520 -41.65 -56.26 54.85
N TYR B 521 -42.90 -56.24 54.38
CA TYR B 521 -44.00 -57.07 54.94
C TYR B 521 -44.34 -56.72 56.40
N GLU B 522 -45.13 -55.66 56.58
CA GLU B 522 -45.64 -55.31 57.94
C GLU B 522 -47.11 -54.91 57.76
N GLN B 523 -47.96 -55.84 57.35
CA GLN B 523 -49.36 -55.44 57.01
C GLN B 523 -50.40 -56.44 57.56
N TYR B 524 -51.00 -57.26 56.69
CA TYR B 524 -52.10 -58.16 57.12
C TYR B 524 -51.61 -59.27 58.05
N ILE B 525 -51.64 -59.03 59.36
CA ILE B 525 -51.27 -60.08 60.36
C ILE B 525 -51.94 -59.69 61.68
N LYS B 526 -53.20 -59.24 61.63
CA LYS B 526 -53.85 -58.74 62.88
C LYS B 526 -55.06 -59.55 63.32
N TRP B 527 -54.98 -60.20 64.49
CA TRP B 527 -56.10 -60.86 65.09
C TRP B 527 -57.24 -59.89 65.29
N PRO B 528 -58.48 -60.40 65.23
CA PRO B 528 -59.68 -59.58 65.42
C PRO B 528 -60.13 -59.58 66.88
N TRP B 529 -60.68 -58.46 67.35
CA TRP B 529 -61.14 -58.35 68.73
C TRP B 529 -62.26 -59.35 69.06
N TYR B 530 -63.08 -59.72 68.07
CA TYR B 530 -64.14 -60.72 68.19
C TYR B 530 -63.64 -62.14 68.51
N ILE B 531 -62.39 -62.43 68.13
CA ILE B 531 -61.83 -63.77 68.37
C ILE B 531 -60.70 -63.83 69.39
N TRP B 532 -60.23 -62.68 69.86
CA TRP B 532 -59.15 -62.64 70.84
C TRP B 532 -59.36 -63.52 72.09
N LEU B 533 -60.63 -63.81 72.40
CA LEU B 533 -60.94 -64.67 73.58
C LEU B 533 -60.54 -66.11 73.28
N GLY B 534 -59.89 -66.35 72.14
CA GLY B 534 -59.48 -67.72 71.76
C GLY B 534 -58.60 -68.36 72.82
N PHE B 535 -57.66 -67.60 73.37
CA PHE B 535 -56.72 -68.16 74.39
C PHE B 535 -57.43 -68.23 75.74
N ILE B 536 -58.46 -67.41 75.95
CA ILE B 536 -59.25 -67.50 77.22
C ILE B 536 -59.91 -68.89 77.22
N ALA B 537 -60.36 -69.36 76.06
CA ALA B 537 -60.94 -70.72 75.96
C ALA B 537 -59.86 -71.73 76.38
N GLY B 538 -58.60 -71.48 75.99
CA GLY B 538 -57.50 -72.36 76.43
C GLY B 538 -57.46 -72.43 77.95
N LEU B 539 -57.53 -71.27 78.62
CA LEU B 539 -57.59 -71.27 80.09
C LEU B 539 -58.79 -72.09 80.60
N ILE B 540 -59.91 -72.09 79.88
CA ILE B 540 -61.06 -72.95 80.20
C ILE B 540 -60.74 -74.44 80.00
N ALA B 541 -59.89 -74.80 79.04
CA ALA B 541 -59.41 -76.18 78.93
C ALA B 541 -58.48 -76.56 80.10
N ILE B 542 -57.66 -75.63 80.61
CA ILE B 542 -56.91 -75.82 81.86
C ILE B 542 -57.86 -76.05 83.03
N VAL B 543 -58.97 -75.30 83.11
CA VAL B 543 -60.02 -75.57 84.11
C VAL B 543 -60.63 -76.96 83.93
N MET B 544 -60.86 -77.43 82.70
CA MET B 544 -61.39 -78.77 82.45
C MET B 544 -60.47 -79.89 82.98
N VAL B 545 -59.15 -79.82 82.76
CA VAL B 545 -58.22 -80.78 83.38
C VAL B 545 -58.02 -80.56 84.89
N THR B 546 -58.34 -79.37 85.41
CA THR B 546 -58.30 -79.11 86.86
C THR B 546 -59.28 -80.00 87.63
N ILE B 547 -60.35 -80.46 86.98
CA ILE B 547 -61.25 -81.48 87.55
C ILE B 547 -60.60 -82.87 87.53
N MET B 548 -59.93 -83.23 86.41
CA MET B 548 -59.25 -84.53 86.27
C MET B 548 -58.13 -84.73 87.31
N LEU B 549 -57.41 -83.67 87.67
CA LEU B 549 -56.42 -83.64 88.74
C LEU B 549 -56.91 -82.89 90.01
N CYS B 550 -58.22 -82.92 90.28
CA CYS B 550 -58.82 -82.33 91.51
C CYS B 550 -58.16 -82.88 92.79
N CYS B 551 -57.66 -84.11 92.73
CA CYS B 551 -56.53 -84.58 93.52
C CYS B 551 -55.58 -85.39 92.61
N MET B 552 -54.32 -85.54 93.04
CA MET B 552 -53.26 -86.28 92.33
C MET B 552 -53.34 -87.82 92.52
N THR B 553 -54.15 -88.33 93.46
CA THR B 553 -54.26 -89.77 93.76
C THR B 553 -54.65 -90.62 92.55
N SER B 554 -55.35 -90.06 91.56
CA SER B 554 -55.59 -90.72 90.28
C SER B 554 -54.29 -91.07 89.53
N CYS B 555 -53.27 -90.20 89.59
CA CYS B 555 -51.93 -90.49 89.09
C CYS B 555 -51.24 -91.59 89.92
N CYS B 556 -51.42 -91.59 91.25
CA CYS B 556 -50.96 -92.69 92.11
C CYS B 556 -51.61 -94.03 91.72
N SER B 557 -52.90 -94.06 91.38
CA SER B 557 -53.57 -95.27 90.89
C SER B 557 -53.00 -95.79 89.56
N CYS B 558 -52.54 -94.87 88.70
CA CYS B 558 -51.84 -95.23 87.46
C CYS B 558 -50.43 -95.77 87.73
N LEU B 559 -49.70 -95.20 88.70
CA LEU B 559 -48.42 -95.73 89.18
C LEU B 559 -48.55 -97.12 89.84
N LYS B 560 -49.64 -97.38 90.57
CA LYS B 560 -49.98 -98.74 91.05
C LYS B 560 -50.18 -99.70 89.87
N GLY B 561 -50.84 -99.25 88.79
CA GLY B 561 -50.87 -99.98 87.51
C GLY B 561 -49.50 -100.20 86.86
N CYS B 562 -48.58 -99.23 86.98
CA CYS B 562 -47.18 -99.38 86.57
C CYS B 562 -46.45 -100.45 87.40
N CYS B 563 -46.78 -100.61 88.68
CA CYS B 563 -46.30 -101.70 89.53
C CYS B 563 -46.86 -103.06 89.09
N SER B 564 -48.18 -103.16 88.90
CA SER B 564 -48.85 -104.36 88.39
C SER B 564 -48.89 -104.37 86.86
N TYR C 10 9.49 69.45 -44.69
CA TYR C 10 9.90 69.57 -46.11
C TYR C 10 9.62 70.98 -46.64
N THR C 11 10.42 71.99 -46.28
CA THR C 11 10.22 73.36 -46.79
C THR C 11 10.89 73.58 -48.16
N MET C 12 10.21 74.33 -49.02
CA MET C 12 10.74 74.79 -50.32
C MET C 12 11.82 75.89 -50.16
N SER C 13 11.93 76.47 -48.95
CA SER C 13 12.84 77.58 -48.63
C SER C 13 13.31 77.55 -47.17
N LEU C 14 14.44 78.21 -46.90
CA LEU C 14 14.90 78.63 -45.57
C LEU C 14 15.78 79.88 -45.73
N GLY C 15 15.37 80.96 -45.08
CA GLY C 15 16.06 82.24 -45.06
C GLY C 15 16.36 82.98 -46.35
N ALA C 16 17.06 84.09 -46.19
CA ALA C 16 17.48 84.90 -47.34
C ALA C 16 18.98 85.08 -47.23
N GLU C 17 19.71 84.66 -48.27
CA GLU C 17 21.16 84.76 -48.33
C GLU C 17 21.88 84.13 -47.12
N ASN C 18 21.39 82.97 -46.68
CA ASN C 18 21.96 82.26 -45.54
C ASN C 18 21.52 80.80 -45.49
N SER C 19 22.44 79.91 -45.82
CA SER C 19 22.17 78.47 -45.83
C SER C 19 23.50 77.71 -45.88
N VAL C 20 23.53 76.43 -45.51
CA VAL C 20 24.70 75.54 -45.71
C VAL C 20 25.09 75.43 -47.21
N ALA C 21 24.12 75.66 -48.09
CA ALA C 21 24.37 75.56 -49.55
C ALA C 21 25.27 76.71 -50.02
N TYR C 22 25.32 77.79 -49.24
CA TYR C 22 26.26 78.91 -49.54
C TYR C 22 27.26 78.97 -48.39
N SER C 23 27.53 77.83 -47.74
CA SER C 23 28.43 77.81 -46.56
C SER C 23 29.78 78.45 -46.87
N ASN C 24 30.40 78.05 -47.99
CA ASN C 24 31.71 78.66 -48.40
C ASN C 24 32.73 78.43 -47.28
N ASN C 25 33.18 77.19 -47.12
CA ASN C 25 34.18 76.86 -46.07
C ASN C 25 35.38 76.17 -46.72
N SER C 26 36.40 75.84 -45.91
CA SER C 26 37.62 75.18 -46.41
C SER C 26 37.34 73.73 -46.81
N ILE C 27 38.14 73.18 -47.73
CA ILE C 27 37.99 71.79 -48.17
C ILE C 27 39.29 71.34 -48.86
N ALA C 28 39.85 70.20 -48.48
CA ALA C 28 41.10 69.71 -49.07
C ALA C 28 40.89 69.29 -50.55
N ILE C 29 41.71 69.86 -51.45
CA ILE C 29 41.77 69.46 -52.86
C ILE C 29 43.15 68.86 -53.17
N PRO C 30 43.23 67.64 -53.74
CA PRO C 30 44.50 67.05 -54.22
C PRO C 30 45.27 68.01 -55.12
N THR C 31 46.56 68.20 -54.78
CA THR C 31 47.41 69.12 -55.59
C THR C 31 48.43 68.28 -56.38
N ASN C 32 49.18 67.41 -55.70
CA ASN C 32 50.12 66.50 -56.41
C ASN C 32 49.71 65.05 -56.12
N PHE C 33 50.20 64.08 -56.89
CA PHE C 33 49.73 62.68 -56.72
C PHE C 33 50.91 61.71 -56.60
N THR C 34 50.65 60.48 -56.16
CA THR C 34 51.70 59.44 -56.07
C THR C 34 51.09 58.09 -56.44
N ILE C 35 51.77 57.31 -57.27
CA ILE C 35 51.24 55.98 -57.72
C ILE C 35 50.97 55.10 -56.48
N SER C 36 49.86 54.36 -56.50
CA SER C 36 49.53 53.48 -55.38
C SER C 36 48.82 52.20 -55.83
N VAL C 37 48.82 51.22 -54.94
CA VAL C 37 48.08 49.97 -55.07
C VAL C 37 47.36 49.66 -53.76
N THR C 38 46.36 48.80 -53.83
CA THR C 38 45.69 48.24 -52.66
C THR C 38 45.46 46.76 -52.91
N THR C 39 45.67 45.92 -51.88
CA THR C 39 45.14 44.55 -51.89
C THR C 39 43.80 44.57 -51.17
N GLU C 40 42.70 44.31 -51.87
CA GLU C 40 41.37 44.21 -51.24
C GLU C 40 40.83 42.79 -51.29
N ILE C 41 40.41 42.26 -50.13
CA ILE C 41 39.93 40.88 -49.97
C ILE C 41 38.43 40.90 -49.71
N LEU C 42 37.66 40.05 -50.41
CA LEU C 42 36.25 39.77 -50.09
C LEU C 42 36.00 38.25 -50.04
N PRO C 43 35.32 37.73 -49.00
CA PRO C 43 34.78 36.37 -49.03
C PRO C 43 33.53 36.33 -49.93
N VAL C 44 33.38 35.23 -50.68
CA VAL C 44 32.22 35.10 -51.61
C VAL C 44 31.52 33.77 -51.30
N SER C 45 32.26 32.83 -50.73
CA SER C 45 31.67 31.52 -50.34
C SER C 45 32.07 31.21 -48.90
N MET C 46 31.47 30.17 -48.31
CA MET C 46 31.75 29.83 -46.88
C MET C 46 31.85 28.31 -46.74
N THR C 47 32.43 27.84 -45.64
CA THR C 47 32.54 26.38 -45.39
C THR C 47 31.31 25.91 -44.60
N LYS C 48 30.20 25.64 -45.30
CA LYS C 48 28.99 25.13 -44.61
C LYS C 48 29.26 23.69 -44.17
N THR C 49 29.37 23.46 -42.85
CA THR C 49 29.70 22.11 -42.33
C THR C 49 28.52 21.55 -41.54
N SER C 50 28.35 20.23 -41.57
CA SER C 50 27.24 19.58 -40.81
C SER C 50 27.58 19.56 -39.31
N VAL C 51 26.57 19.71 -38.45
CA VAL C 51 26.80 19.67 -36.97
C VAL C 51 26.02 18.49 -36.39
N ASP C 52 26.67 17.68 -35.54
CA ASP C 52 25.96 16.55 -34.89
C ASP C 52 25.34 17.04 -33.58
N CYS C 53 24.03 17.31 -33.60
CA CYS C 53 23.35 17.76 -32.39
C CYS C 53 23.73 16.92 -31.17
N THR C 54 23.80 15.61 -31.35
CA THR C 54 24.16 14.73 -30.22
C THR C 54 25.52 15.11 -29.63
N MET C 55 26.53 15.35 -30.48
CA MET C 55 27.85 15.82 -30.04
C MET C 55 27.81 17.24 -29.46
N TYR C 56 26.92 18.10 -29.98
CA TYR C 56 26.79 19.48 -29.54
C TYR C 56 26.05 19.61 -28.19
N ILE C 57 24.89 18.95 -28.09
CA ILE C 57 24.07 19.05 -26.84
C ILE C 57 24.66 18.13 -25.77
N CYS C 58 24.84 16.85 -26.06
CA CYS C 58 25.30 15.94 -24.99
C CYS C 58 26.82 15.63 -24.98
N GLY C 59 27.46 15.56 -26.16
CA GLY C 59 28.91 15.33 -26.25
C GLY C 59 29.30 13.87 -25.99
N ASP C 60 29.30 13.46 -24.72
CA ASP C 60 29.71 12.11 -24.27
C ASP C 60 28.91 11.60 -23.04
N SER C 61 27.87 12.33 -22.65
CA SER C 61 27.00 12.05 -21.50
C SER C 61 25.90 11.05 -21.86
N THR C 62 26.20 9.75 -21.76
CA THR C 62 25.33 8.66 -22.28
C THR C 62 23.89 8.71 -21.73
N GLU C 63 23.68 9.23 -20.51
CA GLU C 63 22.35 9.43 -19.92
C GLU C 63 21.50 10.56 -20.54
N CYS C 64 22.05 11.09 -21.64
CA CYS C 64 21.51 12.15 -22.48
C CYS C 64 21.39 11.67 -23.94
N SER C 65 22.40 10.91 -24.39
CA SER C 65 22.49 10.38 -25.76
C SER C 65 21.28 9.53 -26.13
N ASN C 66 20.82 8.72 -25.16
CA ASN C 66 19.64 7.88 -25.28
C ASN C 66 18.32 8.67 -25.31
N LEU C 67 18.28 9.82 -24.62
CA LEU C 67 17.03 10.63 -24.52
C LEU C 67 16.93 11.59 -25.70
N LEU C 68 18.03 12.25 -26.08
CA LEU C 68 18.01 13.24 -27.18
C LEU C 68 17.44 12.59 -28.44
N LEU C 69 17.63 11.29 -28.59
CA LEU C 69 17.15 10.55 -29.79
C LEU C 69 15.64 10.71 -29.94
N GLN C 70 14.90 10.70 -28.82
CA GLN C 70 13.41 10.77 -28.89
C GLN C 70 12.96 12.18 -29.29
N TYR C 71 13.79 13.20 -29.08
CA TYR C 71 13.39 14.60 -29.38
C TYR C 71 12.92 14.72 -30.83
N GLY C 72 13.52 13.96 -31.74
CA GLY C 72 13.06 13.96 -33.15
C GLY C 72 14.20 14.14 -34.13
N SER C 73 13.88 14.53 -35.37
CA SER C 73 14.92 14.71 -36.42
C SER C 73 15.30 16.18 -36.53
N PHE C 74 15.03 16.98 -35.49
CA PHE C 74 15.42 18.41 -35.49
C PHE C 74 16.86 18.54 -36.00
N CYS C 75 17.71 17.56 -35.69
CA CYS C 75 19.11 17.64 -36.08
C CYS C 75 19.19 17.78 -37.59
N THR C 76 18.27 17.13 -38.28
CA THR C 76 18.26 17.18 -39.73
C THR C 76 17.77 18.54 -40.18
N GLN C 77 16.72 19.03 -39.52
CA GLN C 77 16.15 20.35 -39.86
C GLN C 77 17.19 21.46 -39.71
N LEU C 78 17.99 21.40 -38.65
CA LEU C 78 19.06 22.38 -38.39
C LEU C 78 20.22 22.20 -39.37
N ASN C 79 20.57 20.97 -39.76
CA ASN C 79 21.58 20.75 -40.81
C ASN C 79 21.10 21.16 -42.21
N ARG C 80 19.80 21.04 -42.47
CA ARG C 80 19.25 21.46 -43.74
C ARG C 80 19.41 22.97 -43.85
N ALA C 81 19.40 23.64 -42.69
CA ALA C 81 19.55 25.08 -42.61
C ALA C 81 21.03 25.45 -42.82
N LEU C 82 21.88 24.95 -41.93
CA LEU C 82 23.34 25.27 -42.00
C LEU C 82 23.86 24.94 -43.40
N THR C 83 23.63 23.70 -43.87
CA THR C 83 24.14 23.26 -45.19
C THR C 83 22.98 23.25 -46.19
N GLY C 84 23.12 23.97 -47.31
CA GLY C 84 22.06 24.02 -48.33
C GLY C 84 21.98 22.74 -49.12
N ILE C 85 21.89 21.59 -48.44
CA ILE C 85 21.81 20.27 -49.13
C ILE C 85 20.62 19.49 -48.56
N ALA C 86 19.61 19.20 -49.39
CA ALA C 86 18.46 18.38 -48.93
C ALA C 86 18.95 16.95 -48.71
N VAL C 87 19.39 16.62 -47.49
CA VAL C 87 19.96 15.28 -47.24
C VAL C 87 18.94 14.18 -47.56
N GLU C 88 19.31 13.30 -48.49
CA GLU C 88 18.44 12.19 -48.88
C GLU C 88 18.46 11.09 -47.82
N GLN C 89 17.64 11.27 -46.79
CA GLN C 89 17.57 10.28 -45.71
C GLN C 89 16.88 9.00 -46.16
N ASP C 90 17.15 7.90 -45.45
CA ASP C 90 16.55 6.61 -45.77
C ASP C 90 15.18 6.45 -45.12
N LYS C 91 14.56 5.31 -45.34
CA LYS C 91 13.23 5.04 -44.77
C LYS C 91 13.27 3.83 -43.84
N ASN C 92 12.72 4.00 -42.64
CA ASN C 92 12.68 2.92 -41.66
C ASN C 92 11.30 2.77 -41.02
N THR C 93 10.82 1.53 -40.96
CA THR C 93 9.52 1.25 -40.37
C THR C 93 9.64 0.45 -39.09
N GLN C 94 9.98 1.15 -38.00
CA GLN C 94 10.13 0.50 -36.71
C GLN C 94 9.25 1.14 -35.64
N GLU C 95 8.47 0.33 -34.95
CA GLU C 95 7.58 0.81 -33.90
C GLU C 95 7.58 -0.15 -32.69
N VAL C 96 7.92 0.39 -31.53
CA VAL C 96 7.97 -0.39 -30.30
C VAL C 96 6.58 -0.55 -29.71
N PHE C 97 6.32 -1.68 -29.06
CA PHE C 97 5.01 -1.94 -28.46
C PHE C 97 5.12 -2.77 -27.17
N ALA C 98 4.49 -2.30 -26.09
CA ALA C 98 4.42 -3.00 -24.80
C ALA C 98 2.98 -3.45 -24.49
N GLN C 99 2.82 -4.73 -24.19
CA GLN C 99 1.51 -5.29 -23.87
C GLN C 99 1.01 -4.78 -22.51
N GLY C 147 -35.60 -43.45 65.58
CA GLY C 147 -35.61 -44.76 66.20
C GLY C 147 -35.76 -44.75 67.72
N PHE C 148 -36.27 -45.84 68.27
CA PHE C 148 -36.62 -45.98 69.68
C PHE C 148 -35.44 -46.14 70.64
N ILE C 149 -34.25 -46.41 70.13
CA ILE C 149 -33.10 -46.92 70.89
C ILE C 149 -32.76 -46.03 72.07
N LYS C 150 -32.71 -44.70 71.86
CA LYS C 150 -32.38 -43.75 72.93
C LYS C 150 -33.41 -43.76 74.05
N GLN C 151 -34.68 -43.88 73.69
CA GLN C 151 -35.80 -43.73 74.63
C GLN C 151 -35.83 -44.88 75.64
N TYR C 152 -35.49 -46.08 75.18
CA TYR C 152 -35.27 -47.23 76.04
C TYR C 152 -34.16 -46.94 77.06
N GLY C 153 -33.04 -46.34 76.62
CA GLY C 153 -31.97 -45.96 77.53
C GLY C 153 -32.47 -44.93 78.55
N ASP C 154 -32.93 -43.79 78.07
CA ASP C 154 -33.41 -42.72 78.94
C ASP C 154 -34.41 -43.16 80.02
N CYS C 155 -35.19 -44.20 79.72
CA CYS C 155 -36.22 -44.64 80.69
C CYS C 155 -35.66 -45.73 81.60
N LEU C 156 -34.89 -46.68 81.06
CA LEU C 156 -34.35 -47.79 81.88
C LEU C 156 -33.10 -47.32 82.62
N GLY C 157 -32.34 -46.39 82.03
CA GLY C 157 -31.12 -45.86 82.67
C GLY C 157 -30.06 -46.93 82.81
N ASP C 158 -29.74 -47.32 84.05
CA ASP C 158 -28.69 -48.34 84.29
C ASP C 158 -29.30 -49.53 85.04
N ILE C 159 -30.61 -49.50 85.28
CA ILE C 159 -31.28 -50.59 86.05
C ILE C 159 -31.59 -51.75 85.08
N ALA C 160 -30.69 -52.73 85.01
CA ALA C 160 -30.90 -53.90 84.11
C ALA C 160 -32.31 -54.44 84.29
N ALA C 161 -32.83 -54.43 85.51
CA ALA C 161 -34.17 -54.98 85.79
C ALA C 161 -35.23 -54.26 84.93
N ARG C 162 -35.18 -52.93 84.87
CA ARG C 162 -36.20 -52.17 84.12
C ARG C 162 -36.30 -52.57 82.64
N ASP C 163 -35.48 -53.52 82.25
CA ASP C 163 -35.38 -53.99 80.86
C ASP C 163 -36.69 -54.10 80.06
N LEU C 164 -37.57 -54.98 80.51
CA LEU C 164 -38.83 -55.25 79.81
C LEU C 164 -39.85 -54.12 79.98
N ILE C 165 -39.96 -53.53 81.17
CA ILE C 165 -40.91 -52.42 81.44
C ILE C 165 -40.56 -51.15 80.67
N CYS C 166 -39.38 -51.12 80.07
CA CYS C 166 -38.96 -49.97 79.27
C CYS C 166 -39.20 -50.18 77.77
N ALA C 167 -39.72 -51.34 77.38
CA ALA C 167 -40.00 -51.60 75.96
C ALA C 167 -40.87 -50.51 75.32
N GLN C 168 -40.42 -49.96 74.21
CA GLN C 168 -41.09 -48.91 73.45
C GLN C 168 -42.05 -49.52 72.41
N LYS C 169 -42.69 -48.65 71.63
CA LYS C 169 -43.64 -49.13 70.63
C LYS C 169 -43.66 -48.28 69.36
N PHE C 170 -43.35 -48.92 68.25
CA PHE C 170 -43.37 -48.27 66.94
C PHE C 170 -44.54 -48.93 66.23
N ASN C 171 -45.44 -48.11 65.69
CA ASN C 171 -46.63 -48.60 64.99
C ASN C 171 -47.44 -49.53 65.92
N GLY C 172 -47.76 -50.71 65.42
CA GLY C 172 -48.54 -51.66 66.21
C GLY C 172 -47.74 -52.79 66.84
N LEU C 173 -46.45 -52.57 67.05
CA LEU C 173 -45.58 -53.59 67.65
C LEU C 173 -44.69 -53.04 68.76
N THR C 174 -44.41 -53.87 69.76
CA THR C 174 -43.55 -53.49 70.88
C THR C 174 -42.11 -53.82 70.52
N VAL C 175 -41.20 -52.92 70.85
CA VAL C 175 -39.77 -53.12 70.52
C VAL C 175 -38.83 -52.84 71.70
N LEU C 176 -37.72 -53.57 71.74
CA LEU C 176 -36.57 -53.41 72.62
C LEU C 176 -35.30 -53.30 71.76
N PRO C 177 -34.19 -52.86 72.38
CA PRO C 177 -32.90 -52.77 71.70
C PRO C 177 -32.32 -54.18 71.62
N PRO C 178 -31.48 -54.46 70.61
CA PRO C 178 -30.92 -55.81 70.45
C PRO C 178 -29.57 -56.04 71.13
N LEU C 179 -29.51 -55.91 72.46
CA LEU C 179 -28.25 -56.10 73.21
C LEU C 179 -28.56 -56.58 74.63
N LEU C 180 -28.17 -57.81 74.97
CA LEU C 180 -28.35 -58.32 76.36
C LEU C 180 -27.01 -58.26 77.08
N THR C 181 -26.98 -57.70 78.29
CA THR C 181 -25.70 -57.54 79.03
C THR C 181 -25.65 -58.57 80.17
N ASP C 182 -24.45 -58.87 80.68
CA ASP C 182 -24.30 -59.87 81.75
C ASP C 182 -25.29 -59.66 82.91
N GLU C 183 -25.79 -58.43 83.07
CA GLU C 183 -26.78 -58.13 84.14
C GLU C 183 -28.15 -58.64 83.71
N MET C 184 -28.54 -58.37 82.47
CA MET C 184 -29.81 -58.72 81.88
C MET C 184 -29.91 -60.22 81.65
N ILE C 185 -28.87 -60.85 81.12
CA ILE C 185 -28.85 -62.29 80.91
C ILE C 185 -28.96 -63.02 82.25
N ALA C 186 -28.32 -62.52 83.31
CA ALA C 186 -28.47 -63.11 84.64
C ALA C 186 -29.94 -63.04 85.05
N GLN C 187 -30.59 -61.89 84.90
CA GLN C 187 -31.99 -61.71 85.23
C GLN C 187 -32.84 -62.73 84.47
N TYR C 188 -32.81 -62.73 83.14
CA TYR C 188 -33.70 -63.57 82.34
C TYR C 188 -33.37 -65.05 82.38
N THR C 189 -32.11 -65.46 82.29
CA THR C 189 -31.78 -66.88 82.29
C THR C 189 -32.07 -67.48 83.67
N SER C 190 -31.77 -66.78 84.77
CA SER C 190 -32.16 -67.27 86.10
C SER C 190 -33.67 -67.17 86.33
N ALA C 191 -34.38 -66.25 85.69
CA ALA C 191 -35.83 -66.23 85.71
C ALA C 191 -36.40 -67.44 84.95
N LEU C 192 -35.88 -67.74 83.76
CA LEU C 192 -36.30 -68.89 82.99
C LEU C 192 -36.12 -70.16 83.82
N LEU C 193 -34.91 -70.40 84.35
CA LEU C 193 -34.64 -71.56 85.17
C LEU C 193 -35.54 -71.59 86.40
N ALA C 194 -35.69 -70.48 87.14
CA ALA C 194 -36.57 -70.44 88.32
C ALA C 194 -38.02 -70.81 87.97
N GLY C 195 -38.53 -70.37 86.83
CA GLY C 195 -39.84 -70.82 86.36
C GLY C 195 -39.91 -72.33 86.12
N THR C 196 -38.83 -72.97 85.66
CA THR C 196 -38.79 -74.44 85.55
C THR C 196 -38.67 -75.14 86.89
N ILE C 197 -38.04 -74.51 87.90
CA ILE C 197 -37.99 -75.05 89.27
C ILE C 197 -39.38 -75.00 89.91
N THR C 198 -40.03 -73.83 89.94
CA THR C 198 -41.27 -73.63 90.69
C THR C 198 -42.41 -74.51 90.18
N SER C 199 -42.48 -74.68 88.87
CA SER C 199 -43.54 -75.44 88.21
C SER C 199 -43.59 -76.91 88.64
N GLY C 200 -42.49 -77.47 89.16
CA GLY C 200 -42.44 -78.84 89.65
C GLY C 200 -43.17 -79.05 90.98
N TRP C 201 -43.25 -78.01 91.82
CA TRP C 201 -43.92 -78.07 93.12
C TRP C 201 -45.30 -77.42 93.08
N THR C 202 -45.41 -76.26 92.43
CA THR C 202 -46.64 -75.45 92.40
C THR C 202 -47.79 -76.17 91.70
N PHE C 203 -49.01 -76.08 92.23
CA PHE C 203 -50.20 -76.75 91.70
C PHE C 203 -50.53 -76.30 90.26
N GLY C 204 -50.23 -75.05 89.93
CA GLY C 204 -50.46 -74.45 88.60
C GLY C 204 -49.20 -73.80 88.03
N ALA C 205 -49.37 -72.58 87.54
CA ALA C 205 -48.36 -71.83 86.81
C ALA C 205 -47.32 -71.15 87.73
N GLY C 206 -46.39 -71.93 88.28
CA GLY C 206 -45.09 -71.38 88.72
C GLY C 206 -44.32 -70.69 87.58
N ALA C 207 -44.61 -71.09 86.34
CA ALA C 207 -44.16 -70.49 85.09
C ALA C 207 -44.61 -69.05 84.85
N ALA C 208 -45.40 -68.43 85.73
CA ALA C 208 -45.59 -66.98 85.70
C ALA C 208 -44.23 -66.22 85.68
N LEU C 209 -43.18 -66.81 86.27
CA LEU C 209 -41.80 -66.33 86.20
C LEU C 209 -41.20 -66.31 84.79
N GLN C 210 -41.77 -67.01 83.79
CA GLN C 210 -41.18 -67.14 82.45
C GLN C 210 -41.69 -66.13 81.44
N ILE C 211 -42.82 -65.48 81.71
CA ILE C 211 -43.33 -64.37 80.90
C ILE C 211 -42.23 -63.37 80.53
N PRO C 212 -41.37 -62.88 81.43
CA PRO C 212 -40.41 -61.87 81.05
C PRO C 212 -39.36 -62.38 80.07
N PHE C 213 -38.92 -63.64 80.15
CA PHE C 213 -37.96 -64.21 79.20
C PHE C 213 -38.59 -64.36 77.82
N ALA C 214 -39.79 -64.91 77.77
CA ALA C 214 -40.44 -65.24 76.52
C ALA C 214 -40.88 -63.98 75.78
N MET C 215 -41.29 -62.95 76.54
CA MET C 215 -41.64 -61.64 76.02
C MET C 215 -40.42 -60.84 75.57
N GLN C 216 -39.36 -60.74 76.38
CA GLN C 216 -38.19 -59.96 75.98
C GLN C 216 -37.54 -60.53 74.74
N MET C 217 -37.59 -61.85 74.55
CA MET C 217 -37.16 -62.48 73.29
C MET C 217 -38.00 -61.98 72.11
N ALA C 218 -39.32 -62.01 72.24
CA ALA C 218 -40.21 -61.57 71.18
C ALA C 218 -40.04 -60.08 70.84
N TYR C 219 -39.97 -59.25 71.88
CA TYR C 219 -39.83 -57.78 71.66
C TYR C 219 -38.52 -57.50 70.92
N ARG C 220 -37.42 -58.12 71.35
CA ARG C 220 -36.10 -57.87 70.72
C ARG C 220 -36.12 -58.32 69.26
N PHE C 221 -36.67 -59.49 68.97
CA PHE C 221 -36.81 -59.91 67.55
C PHE C 221 -37.52 -58.78 66.79
N ASN C 222 -38.56 -58.20 67.40
CA ASN C 222 -39.29 -57.07 66.77
C ASN C 222 -38.35 -55.87 66.63
N GLY C 223 -37.61 -55.54 67.69
CA GLY C 223 -36.62 -54.44 67.61
C GLY C 223 -35.69 -54.69 66.45
N ILE C 224 -35.19 -55.92 66.32
CA ILE C 224 -34.32 -56.27 65.16
C ILE C 224 -35.13 -56.04 63.88
N GLY C 225 -36.39 -56.50 63.85
CA GLY C 225 -37.21 -56.33 62.65
C GLY C 225 -37.37 -54.89 62.24
N VAL C 226 -37.73 -53.99 63.15
CA VAL C 226 -37.90 -52.57 62.84
C VAL C 226 -36.59 -51.95 62.42
N THR C 227 -35.49 -52.33 63.08
CA THR C 227 -34.15 -51.85 62.75
C THR C 227 -33.60 -52.45 61.46
N GLN C 228 -33.93 -53.68 61.07
CA GLN C 228 -33.62 -54.16 59.74
C GLN C 228 -34.44 -53.49 58.66
N ASN C 229 -35.74 -53.30 58.93
CA ASN C 229 -36.65 -52.68 57.93
C ASN C 229 -36.06 -51.33 57.48
N VAL C 230 -35.72 -50.47 58.44
CA VAL C 230 -35.17 -49.11 58.09
C VAL C 230 -33.76 -49.28 57.51
N LEU C 231 -32.90 -50.09 58.13
CA LEU C 231 -31.57 -50.34 57.53
C LEU C 231 -31.78 -50.62 56.04
N TYR C 232 -32.85 -51.35 55.71
CA TYR C 232 -33.17 -51.62 54.32
C TYR C 232 -33.76 -50.40 53.62
N GLU C 233 -34.64 -49.65 54.27
CA GLU C 233 -35.20 -48.45 53.68
C GLU C 233 -34.17 -47.32 53.60
N ASN C 234 -33.19 -47.28 54.51
CA ASN C 234 -32.02 -46.47 54.29
C ASN C 234 -31.22 -46.99 53.09
N GLN C 235 -31.03 -48.31 52.94
CA GLN C 235 -30.27 -48.89 51.83
C GLN C 235 -30.90 -48.53 50.50
N LYS C 236 -32.23 -48.57 50.40
CA LYS C 236 -32.98 -48.09 49.24
C LYS C 236 -32.82 -46.58 49.04
N LEU C 237 -32.73 -45.76 50.09
CA LEU C 237 -32.43 -44.35 49.94
C LEU C 237 -31.03 -44.12 49.39
N ILE C 238 -30.00 -44.71 50.01
CA ILE C 238 -28.61 -44.43 49.56
C ILE C 238 -28.42 -44.99 48.15
N ALA C 239 -29.09 -46.11 47.85
CA ALA C 239 -28.99 -46.72 46.49
C ALA C 239 -29.67 -45.79 45.47
N ASN C 240 -30.90 -45.37 45.76
CA ASN C 240 -31.65 -44.52 44.80
C ASN C 240 -30.94 -43.18 44.61
N GLN C 241 -30.57 -42.52 45.72
CA GLN C 241 -29.95 -41.20 45.61
C GLN C 241 -28.58 -41.28 44.92
N PHE C 242 -27.81 -42.34 45.10
CA PHE C 242 -26.60 -42.56 44.31
C PHE C 242 -26.91 -42.89 42.86
N ASN C 243 -27.93 -43.71 42.58
CA ASN C 243 -28.40 -43.97 41.22
C ASN C 243 -28.88 -42.69 40.54
N SER C 244 -29.61 -41.83 41.25
CA SER C 244 -30.03 -40.51 40.76
C SER C 244 -28.86 -39.56 40.57
N ALA C 245 -27.90 -39.55 41.49
CA ALA C 245 -26.72 -38.72 41.39
C ALA C 245 -25.88 -39.14 40.21
N ILE C 246 -25.57 -40.42 40.01
CA ILE C 246 -24.84 -40.87 38.83
C ILE C 246 -25.65 -40.66 37.55
N GLY C 247 -26.98 -40.70 37.60
CA GLY C 247 -27.82 -40.22 36.51
C GLY C 247 -27.60 -38.74 36.16
N LYS C 248 -27.41 -37.87 37.16
CA LYS C 248 -27.12 -36.44 36.96
C LYS C 248 -25.66 -36.17 36.62
N ILE C 249 -24.72 -36.95 37.13
CA ILE C 249 -23.32 -36.84 36.73
C ILE C 249 -23.10 -37.41 35.33
N GLN C 250 -23.96 -38.33 34.91
CA GLN C 250 -23.91 -38.83 33.54
C GLN C 250 -24.34 -37.70 32.59
N ASP C 251 -25.37 -36.96 32.98
CA ASP C 251 -25.85 -35.83 32.20
C ASP C 251 -24.74 -34.80 32.14
N SER C 252 -24.26 -34.40 33.31
CA SER C 252 -23.15 -33.47 33.43
C SER C 252 -21.98 -33.79 32.51
N LEU C 253 -21.49 -35.03 32.48
CA LEU C 253 -20.36 -35.40 31.63
C LEU C 253 -20.73 -35.52 30.16
N SER C 254 -21.97 -35.84 29.80
CA SER C 254 -22.44 -35.69 28.43
C SER C 254 -22.44 -34.22 28.01
N SER C 255 -22.82 -33.32 28.92
CA SER C 255 -22.85 -31.87 28.68
C SER C 255 -21.45 -31.27 28.68
N THR C 256 -20.56 -31.70 29.55
CA THR C 256 -19.18 -31.29 29.53
C THR C 256 -18.51 -31.79 28.26
N ALA C 257 -18.74 -33.02 27.83
CA ALA C 257 -18.20 -33.52 26.59
C ALA C 257 -18.67 -32.70 25.40
N SER C 258 -19.95 -32.32 25.38
CA SER C 258 -20.52 -31.49 24.32
C SER C 258 -19.93 -30.09 24.32
N ALA C 259 -19.77 -29.49 25.48
CA ALA C 259 -19.14 -28.18 25.67
C ALA C 259 -17.68 -28.17 25.19
N LEU C 260 -16.87 -29.10 25.68
CA LEU C 260 -15.48 -29.27 25.25
C LEU C 260 -15.40 -29.53 23.75
N GLY C 261 -16.29 -30.38 23.24
CA GLY C 261 -16.32 -30.65 21.78
C GLY C 261 -16.59 -29.39 20.98
N LYS C 262 -17.64 -28.64 21.36
CA LYS C 262 -18.00 -27.39 20.63
C LYS C 262 -16.81 -26.43 20.67
N LEU C 263 -16.24 -26.21 21.86
CA LEU C 263 -15.07 -25.31 21.99
C LEU C 263 -13.97 -25.78 21.04
N GLN C 264 -13.65 -27.08 21.06
CA GLN C 264 -12.59 -27.61 20.21
C GLN C 264 -12.88 -27.29 18.74
N ASP C 265 -14.14 -27.49 18.34
CA ASP C 265 -14.51 -27.25 16.91
C ASP C 265 -14.17 -25.81 16.53
N VAL C 266 -14.65 -24.83 17.29
CA VAL C 266 -14.44 -23.39 16.93
C VAL C 266 -12.97 -23.00 17.12
N VAL C 267 -12.42 -23.25 18.31
CA VAL C 267 -11.01 -22.81 18.57
C VAL C 267 -10.14 -23.32 17.41
N ASN C 268 -10.41 -24.53 16.94
CA ASN C 268 -9.65 -25.11 15.80
C ASN C 268 -10.02 -24.38 14.51
N GLN C 269 -11.32 -24.19 14.27
CA GLN C 269 -11.79 -23.47 13.04
C GLN C 269 -11.16 -22.08 13.02
N ASN C 270 -11.20 -21.37 14.16
CA ASN C 270 -10.64 -20.02 14.21
C ASN C 270 -9.12 -20.04 14.07
N ALA C 271 -8.41 -21.05 14.58
CA ALA C 271 -7.00 -21.23 14.28
C ALA C 271 -6.77 -21.38 12.77
N GLN C 272 -7.65 -22.12 12.10
CA GLN C 272 -7.57 -22.28 10.66
C GLN C 272 -7.80 -20.92 10.01
N ALA C 273 -8.80 -20.17 10.49
CA ALA C 273 -9.10 -18.84 9.97
C ALA C 273 -7.91 -17.89 10.13
N LEU C 274 -7.21 -17.92 11.26
CA LEU C 274 -5.99 -17.13 11.46
C LEU C 274 -4.89 -17.59 10.50
N ASN C 275 -4.65 -18.90 10.38
CA ASN C 275 -3.71 -19.40 9.40
C ASN C 275 -4.06 -18.92 8.00
N THR C 276 -5.32 -19.08 7.57
CA THR C 276 -5.74 -18.66 6.22
C THR C 276 -5.53 -17.16 6.02
N LEU C 277 -5.95 -16.34 6.99
CA LEU C 277 -5.71 -14.90 6.97
C LEU C 277 -4.22 -14.60 6.91
N VAL C 278 -3.39 -15.23 7.72
CA VAL C 278 -1.96 -15.01 7.71
C VAL C 278 -1.37 -15.42 6.37
N LYS C 279 -1.80 -16.54 5.77
CA LYS C 279 -1.30 -16.96 4.46
C LYS C 279 -1.62 -15.89 3.42
N GLN C 280 -2.88 -15.46 3.37
CA GLN C 280 -3.29 -14.44 2.39
C GLN C 280 -2.67 -13.06 2.64
N LEU C 281 -2.76 -12.60 3.88
CA LEU C 281 -2.25 -11.31 4.29
C LEU C 281 -0.74 -11.16 4.08
N SER C 282 0.05 -12.17 4.46
CA SER C 282 1.49 -12.14 4.23
C SER C 282 1.82 -12.16 2.73
N SER C 283 0.99 -12.81 1.92
CA SER C 283 1.09 -12.72 0.46
C SER C 283 0.71 -11.32 -0.03
N ASN C 284 -0.40 -10.79 0.51
CA ASN C 284 -0.88 -9.44 0.09
C ASN C 284 0.21 -8.38 0.32
N PHE C 285 0.82 -8.38 1.50
CA PHE C 285 1.93 -7.41 1.76
C PHE C 285 3.05 -7.68 0.74
N GLY C 286 3.36 -8.95 0.48
CA GLY C 286 4.36 -9.27 -0.56
C GLY C 286 3.97 -8.63 -1.88
N ALA C 287 2.66 -8.55 -2.16
CA ALA C 287 2.18 -7.92 -3.41
C ALA C 287 2.30 -6.40 -3.29
N ILE C 288 1.83 -5.84 -2.16
CA ILE C 288 1.95 -4.38 -1.93
C ILE C 288 3.44 -4.01 -2.06
N SER C 289 4.32 -4.77 -1.40
CA SER C 289 5.77 -4.50 -1.47
C SER C 289 6.19 -4.37 -2.94
N SER C 290 5.98 -5.42 -3.74
CA SER C 290 6.39 -5.39 -5.14
C SER C 290 5.84 -4.17 -5.91
N VAL C 291 4.59 -3.78 -5.65
CA VAL C 291 3.93 -2.71 -6.39
C VAL C 291 4.48 -1.35 -5.98
N LEU C 292 4.70 -1.08 -4.69
CA LEU C 292 5.28 0.19 -4.27
C LEU C 292 6.70 0.32 -4.80
N ASN C 293 7.44 -0.78 -4.93
CA ASN C 293 8.76 -0.78 -5.52
C ASN C 293 8.76 -0.31 -6.98
N ASP C 294 7.85 -0.86 -7.78
CA ASP C 294 7.74 -0.45 -9.21
C ASP C 294 7.53 1.07 -9.26
N ILE C 295 6.63 1.58 -8.42
CA ILE C 295 6.30 3.04 -8.43
C ILE C 295 7.56 3.83 -8.07
N LEU C 296 8.10 3.63 -6.86
CA LEU C 296 9.29 4.40 -6.41
C LEU C 296 10.36 4.32 -7.48
N SER C 297 10.60 3.11 -8.01
CA SER C 297 11.63 2.91 -9.03
C SER C 297 11.37 3.69 -10.32
N ARG C 298 10.10 3.84 -10.69
CA ARG C 298 9.75 4.61 -11.88
C ARG C 298 9.66 6.11 -11.60
N LEU C 299 9.26 6.48 -10.39
CA LEU C 299 9.18 7.88 -10.00
C LEU C 299 10.59 8.45 -10.05
N ASP C 300 11.55 7.65 -9.60
CA ASP C 300 12.95 8.05 -9.61
C ASP C 300 13.42 8.26 -11.04
N LYS C 301 13.00 7.36 -11.93
CA LYS C 301 13.36 7.46 -13.33
C LYS C 301 12.84 8.78 -13.88
N VAL C 302 11.56 9.04 -13.63
CA VAL C 302 10.94 10.29 -14.07
C VAL C 302 11.64 11.51 -13.47
N GLU C 303 12.08 11.45 -12.21
CA GLU C 303 12.81 12.58 -11.59
C GLU C 303 14.22 12.78 -12.16
N ALA C 304 14.84 11.75 -12.76
CA ALA C 304 16.06 11.96 -13.53
C ALA C 304 15.74 12.62 -14.88
N GLU C 305 14.80 12.05 -15.63
CA GLU C 305 14.47 12.54 -16.99
C GLU C 305 13.96 13.99 -16.97
N VAL C 306 13.03 14.31 -16.06
CA VAL C 306 12.44 15.65 -15.97
C VAL C 306 13.46 16.74 -15.58
N GLN C 307 14.58 16.38 -14.93
CA GLN C 307 15.73 17.29 -14.74
C GLN C 307 16.60 17.39 -16.00
N ILE C 308 16.99 16.25 -16.58
CA ILE C 308 17.95 16.19 -17.68
C ILE C 308 17.40 16.88 -18.95
N ASP C 309 16.10 16.73 -19.22
CA ASP C 309 15.39 17.40 -20.32
C ASP C 309 15.42 18.94 -20.23
N ARG C 310 15.60 19.54 -19.04
CA ARG C 310 15.68 21.00 -18.86
C ARG C 310 17.02 21.55 -19.36
N LEU C 311 18.13 20.93 -18.95
CA LEU C 311 19.45 21.27 -19.47
C LEU C 311 19.53 21.04 -21.00
N ILE C 312 18.97 19.92 -21.47
CA ILE C 312 18.94 19.65 -22.94
C ILE C 312 18.22 20.81 -23.62
N THR C 313 17.08 21.25 -23.08
CA THR C 313 16.29 22.34 -23.72
C THR C 313 17.15 23.62 -23.77
N GLY C 314 17.88 23.92 -22.68
CA GLY C 314 18.76 25.10 -22.68
C GLY C 314 19.80 25.01 -23.78
N ARG C 315 20.41 23.84 -23.94
CA ARG C 315 21.43 23.63 -25.01
C ARG C 315 20.75 23.70 -26.38
N LEU C 316 19.54 23.13 -26.51
CA LEU C 316 18.79 23.22 -27.78
C LEU C 316 18.73 24.68 -28.21
N GLN C 317 18.47 25.59 -27.26
CA GLN C 317 18.42 27.02 -27.58
C GLN C 317 19.82 27.46 -27.96
N SER C 318 20.76 27.25 -27.05
CA SER C 318 22.19 27.54 -27.27
C SER C 318 22.67 27.04 -28.64
N LEU C 319 22.17 25.89 -29.11
CA LEU C 319 22.35 25.41 -30.48
C LEU C 319 21.59 26.28 -31.51
N GLN C 320 20.33 26.63 -31.26
CA GLN C 320 19.56 27.50 -32.16
C GLN C 320 20.21 28.89 -32.31
N THR C 321 20.93 29.34 -31.28
CA THR C 321 21.78 30.54 -31.32
C THR C 321 22.96 30.35 -32.28
N TYR C 322 23.70 29.25 -32.14
CA TYR C 322 24.80 28.95 -33.09
C TYR C 322 24.23 28.92 -34.51
N VAL C 323 23.12 28.20 -34.70
CA VAL C 323 22.50 28.07 -36.05
C VAL C 323 22.12 29.46 -36.57
N THR C 324 21.46 30.26 -35.74
CA THR C 324 21.02 31.62 -36.17
C THR C 324 22.25 32.43 -36.59
N GLN C 325 23.31 32.39 -35.79
CA GLN C 325 24.55 33.15 -36.10
C GLN C 325 25.07 32.74 -37.48
N GLN C 326 25.06 31.43 -37.76
CA GLN C 326 25.58 30.92 -39.07
C GLN C 326 24.75 31.51 -40.20
N LEU C 327 23.42 31.45 -40.10
CA LEU C 327 22.54 32.01 -41.16
C LEU C 327 22.84 33.51 -41.31
N ILE C 328 22.95 34.23 -40.20
CA ILE C 328 23.29 35.66 -40.23
C ILE C 328 24.61 35.90 -40.97
N ARG C 329 25.67 35.13 -40.65
CA ARG C 329 26.95 35.18 -41.38
C ARG C 329 26.80 34.71 -42.83
N ALA C 330 25.97 33.71 -43.11
CA ALA C 330 25.69 33.26 -44.47
C ALA C 330 25.05 34.36 -45.33
N ALA C 331 24.11 35.11 -44.77
CA ALA C 331 23.54 36.27 -45.43
C ALA C 331 24.58 37.39 -45.67
N GLU C 332 25.56 37.60 -44.78
CA GLU C 332 26.66 38.53 -45.03
C GLU C 332 27.68 38.03 -46.07
N ILE C 333 28.01 36.74 -46.09
CA ILE C 333 28.85 36.15 -47.15
C ILE C 333 28.17 36.32 -48.51
N ARG C 334 26.86 36.04 -48.59
CA ARG C 334 26.10 36.15 -49.83
C ARG C 334 25.85 37.61 -50.25
N ALA C 335 25.72 38.54 -49.30
CA ALA C 335 25.81 39.97 -49.59
C ALA C 335 27.23 40.40 -50.04
N SER C 336 28.28 39.82 -49.48
CA SER C 336 29.67 40.04 -49.91
C SER C 336 29.94 39.48 -51.32
N ALA C 337 29.32 38.36 -51.69
CA ALA C 337 29.31 37.84 -53.05
C ALA C 337 28.55 38.76 -54.03
N ASN C 338 27.41 39.32 -53.60
CA ASN C 338 26.70 40.35 -54.39
C ASN C 338 27.56 41.62 -54.56
N LEU C 339 28.28 42.06 -53.51
CA LEU C 339 29.23 43.18 -53.56
C LEU C 339 30.44 42.86 -54.46
N ALA C 340 30.96 41.63 -54.41
CA ALA C 340 32.05 41.19 -55.29
C ALA C 340 31.66 41.24 -56.78
N ALA C 341 30.39 41.06 -57.15
CA ALA C 341 29.95 41.19 -58.54
C ALA C 341 30.07 42.62 -59.09
N THR C 342 29.69 43.62 -58.29
CA THR C 342 29.84 45.01 -58.70
C THR C 342 31.32 45.42 -58.66
N LYS C 343 31.98 45.13 -57.54
CA LYS C 343 33.40 45.44 -57.33
C LYS C 343 34.34 44.82 -58.38
N MET C 344 34.03 43.62 -58.84
CA MET C 344 34.86 42.93 -59.83
C MET C 344 34.80 43.51 -61.25
N SER C 345 33.60 43.90 -61.69
CA SER C 345 33.43 44.43 -63.04
C SER C 345 33.68 45.94 -63.16
N GLU C 346 33.21 46.70 -62.18
CA GLU C 346 33.41 48.15 -62.19
C GLU C 346 34.91 48.54 -62.19
N CYS C 347 35.79 47.56 -62.15
CA CYS C 347 37.23 47.85 -62.15
C CYS C 347 37.98 46.94 -63.12
N VAL C 348 37.57 45.68 -63.17
CA VAL C 348 38.17 44.67 -64.03
C VAL C 348 37.73 44.86 -65.48
N LEU C 349 36.43 44.73 -65.71
CA LEU C 349 35.86 44.91 -67.05
C LEU C 349 35.84 46.38 -67.48
N GLY C 350 35.86 47.31 -66.52
CA GLY C 350 35.77 48.76 -66.71
C GLY C 350 36.82 49.56 -65.92
N GLN C 351 36.43 50.76 -65.47
CA GLN C 351 37.19 51.64 -64.57
C GLN C 351 36.20 52.50 -63.78
N SER C 352 36.22 52.40 -62.44
CA SER C 352 35.27 53.14 -61.61
C SER C 352 35.59 54.64 -61.54
N LYS C 353 34.55 55.47 -61.37
CA LYS C 353 34.72 56.93 -61.30
C LYS C 353 34.40 57.49 -59.91
N ARG C 354 34.29 56.56 -58.99
CA ARG C 354 33.99 56.72 -57.56
C ARG C 354 35.27 56.91 -56.72
N VAL C 355 35.10 57.04 -55.40
CA VAL C 355 36.22 57.27 -54.48
C VAL C 355 36.25 56.27 -53.31
N ASP C 356 37.41 55.68 -53.07
CA ASP C 356 37.61 54.72 -51.94
C ASP C 356 36.88 53.40 -52.25
N PHE C 357 35.99 53.39 -53.23
CA PHE C 357 35.34 52.11 -53.62
C PHE C 357 36.29 51.30 -54.50
N CYS C 358 36.33 49.98 -54.32
CA CYS C 358 37.16 49.12 -55.21
C CYS C 358 38.60 49.67 -55.25
N GLY C 359 39.17 49.94 -54.08
CA GLY C 359 40.54 50.51 -54.01
C GLY C 359 40.53 51.91 -53.44
N LYS C 360 41.20 52.12 -52.31
CA LYS C 360 41.23 53.45 -51.65
C LYS C 360 41.77 54.48 -52.65
N GLY C 361 41.14 55.65 -52.72
CA GLY C 361 41.60 56.72 -53.64
C GLY C 361 40.83 56.70 -54.95
N TYR C 362 41.53 56.93 -56.07
CA TYR C 362 40.86 56.99 -57.39
C TYR C 362 41.25 55.74 -58.21
N HIS C 363 40.27 54.90 -58.53
CA HIS C 363 40.58 53.61 -59.22
C HIS C 363 41.18 53.82 -60.61
N LEU C 364 42.07 52.91 -61.04
CA LEU C 364 42.66 52.99 -62.40
C LEU C 364 42.53 51.61 -63.05
N MET C 365 43.40 50.66 -62.68
CA MET C 365 43.35 49.29 -63.20
C MET C 365 43.17 48.25 -62.08
N SER C 366 42.78 47.02 -62.43
CA SER C 366 42.62 45.92 -61.47
C SER C 366 43.13 44.58 -62.02
N PHE C 367 43.65 43.76 -61.11
CA PHE C 367 44.03 42.36 -61.40
C PHE C 367 43.47 41.43 -60.30
N PRO C 368 42.39 40.67 -60.56
CA PRO C 368 41.79 39.77 -59.58
C PRO C 368 42.51 38.41 -59.50
N GLN C 369 42.47 37.76 -58.35
CA GLN C 369 42.94 36.40 -58.10
C GLN C 369 42.07 35.69 -57.06
N SER C 370 42.03 34.35 -57.06
CA SER C 370 41.18 33.56 -56.16
C SER C 370 41.81 33.28 -54.78
N ALA C 371 40.96 33.03 -53.80
CA ALA C 371 41.28 32.53 -52.46
C ALA C 371 40.28 31.43 -52.05
N PRO C 372 40.57 30.57 -51.04
CA PRO C 372 39.81 29.35 -50.76
C PRO C 372 38.28 29.52 -50.67
N HIS C 373 37.81 30.64 -50.12
CA HIS C 373 36.39 31.03 -50.09
C HIS C 373 36.17 32.52 -50.45
N GLY C 374 37.01 33.08 -51.32
CA GLY C 374 37.02 34.52 -51.60
C GLY C 374 37.68 34.93 -52.92
N VAL C 375 37.70 36.23 -53.15
CA VAL C 375 38.43 36.92 -54.23
C VAL C 375 39.33 37.99 -53.63
N VAL C 376 40.53 38.11 -54.17
CA VAL C 376 41.53 39.13 -53.81
C VAL C 376 41.78 40.00 -55.03
N PHE C 377 41.68 41.31 -54.87
CA PHE C 377 41.92 42.28 -55.94
C PHE C 377 43.23 43.02 -55.69
N LEU C 378 44.11 43.03 -56.70
CA LEU C 378 45.34 43.85 -56.59
C LEU C 378 45.07 45.15 -57.37
N HIS C 379 44.21 46.02 -56.85
CA HIS C 379 43.79 47.25 -57.58
C HIS C 379 44.95 48.23 -57.79
N VAL C 380 44.86 49.06 -58.83
CA VAL C 380 45.88 50.12 -59.05
C VAL C 380 45.17 51.48 -58.93
N THR C 381 45.82 52.49 -58.33
CA THR C 381 45.16 53.77 -58.03
C THR C 381 46.17 54.91 -57.97
N TYR C 382 45.68 56.14 -57.80
CA TYR C 382 46.51 57.28 -57.36
C TYR C 382 45.86 57.97 -56.16
N VAL C 383 46.71 58.50 -55.27
CA VAL C 383 46.34 59.13 -54.00
C VAL C 383 46.99 60.51 -53.87
N PRO C 384 46.40 61.46 -53.11
CA PRO C 384 47.04 62.74 -52.84
C PRO C 384 48.34 62.54 -52.04
N ALA C 385 49.46 62.88 -52.66
CA ALA C 385 50.76 63.01 -52.01
C ALA C 385 50.91 64.36 -51.32
N GLN C 386 50.26 65.35 -51.93
CA GLN C 386 50.20 66.74 -51.45
C GLN C 386 48.81 67.29 -51.78
N GLU C 387 48.15 67.89 -50.78
CA GLU C 387 46.80 68.44 -50.91
C GLU C 387 46.70 69.70 -50.06
N LYS C 388 45.84 70.64 -50.48
CA LYS C 388 45.78 71.99 -49.90
C LYS C 388 44.35 72.38 -49.57
N ASN C 389 44.18 73.11 -48.47
CA ASN C 389 42.86 73.57 -48.07
C ASN C 389 42.49 74.79 -48.90
N PHE C 390 41.27 74.80 -49.44
CA PHE C 390 40.78 75.94 -50.20
C PHE C 390 39.39 76.37 -49.74
N THR C 391 39.17 77.69 -49.62
CA THR C 391 37.80 78.16 -49.30
C THR C 391 36.92 77.92 -50.53
N THR C 392 35.95 77.00 -50.44
CA THR C 392 35.14 76.64 -51.64
C THR C 392 33.64 76.78 -51.37
N ALA C 393 32.82 76.65 -52.40
CA ALA C 393 31.36 76.87 -52.22
C ALA C 393 30.51 75.95 -53.10
N PRO C 394 29.52 75.23 -52.54
CA PRO C 394 28.56 74.44 -53.31
C PRO C 394 27.79 75.30 -54.33
N ALA C 395 27.35 76.47 -53.89
CA ALA C 395 26.69 77.49 -54.69
C ALA C 395 27.02 78.89 -54.13
N ILE C 396 26.77 79.88 -54.98
CA ILE C 396 26.94 81.30 -54.69
C ILE C 396 25.77 82.07 -55.32
N CYS C 397 24.93 82.67 -54.48
CA CYS C 397 23.74 83.41 -54.92
C CYS C 397 24.05 84.87 -55.30
N HIS C 398 24.09 85.19 -56.59
CA HIS C 398 24.39 86.56 -56.99
C HIS C 398 23.08 87.31 -57.23
N ASP C 399 22.87 88.40 -56.48
CA ASP C 399 21.67 89.24 -56.54
C ASP C 399 20.33 88.53 -56.80
N GLY C 400 20.10 87.44 -56.07
CA GLY C 400 18.89 86.65 -56.23
C GLY C 400 18.95 85.60 -57.32
N LYS C 401 20.15 85.45 -57.90
CA LYS C 401 20.39 84.48 -58.97
C LYS C 401 21.40 83.43 -58.53
N ALA C 402 20.89 82.35 -57.95
CA ALA C 402 21.68 81.22 -57.45
C ALA C 402 22.59 80.66 -58.56
N HIS C 403 23.86 80.39 -58.25
CA HIS C 403 24.87 79.98 -59.22
C HIS C 403 25.71 78.81 -58.69
N PHE C 404 25.76 77.72 -59.43
CA PHE C 404 26.54 76.54 -59.08
C PHE C 404 27.27 75.95 -60.27
N PRO C 405 28.21 75.04 -60.01
CA PRO C 405 29.07 74.48 -61.07
C PRO C 405 28.59 73.22 -61.77
N ARG C 406 29.37 72.85 -62.78
CA ARG C 406 29.10 71.67 -63.59
C ARG C 406 30.29 70.72 -63.50
N GLU C 407 30.03 69.53 -62.96
CA GLU C 407 31.02 68.45 -62.79
C GLU C 407 32.25 68.82 -61.92
N GLY C 408 32.10 69.73 -60.96
CA GLY C 408 33.20 70.20 -60.12
C GLY C 408 32.74 71.02 -58.91
N VAL C 409 33.67 71.79 -58.34
CA VAL C 409 33.48 72.67 -57.16
C VAL C 409 33.86 74.11 -57.50
N PHE C 410 33.30 75.12 -56.82
CA PHE C 410 33.92 76.43 -56.81
C PHE C 410 35.12 76.45 -55.85
N VAL C 411 36.23 77.05 -56.28
CA VAL C 411 37.47 77.24 -55.51
C VAL C 411 37.90 78.71 -55.58
N SER C 412 38.55 79.25 -54.53
CA SER C 412 38.80 80.70 -54.42
C SER C 412 40.27 81.08 -54.26
N ASN C 413 40.93 81.33 -55.40
CA ASN C 413 42.05 82.26 -55.43
C ASN C 413 41.54 83.61 -54.96
N GLY C 414 42.28 84.26 -54.08
CA GLY C 414 41.79 85.34 -53.24
C GLY C 414 40.88 86.38 -53.89
N THR C 415 41.14 86.74 -55.15
CA THR C 415 40.47 87.87 -55.82
C THR C 415 39.08 87.50 -56.35
N HIS C 416 38.90 86.26 -56.83
CA HIS C 416 37.67 85.78 -57.46
C HIS C 416 37.56 84.25 -57.45
N TRP C 417 36.34 83.75 -57.67
CA TRP C 417 36.05 82.32 -57.84
C TRP C 417 36.55 81.75 -59.17
N PHE C 418 36.90 80.47 -59.15
CA PHE C 418 37.05 79.59 -60.32
C PHE C 418 36.20 78.33 -60.12
N VAL C 419 35.84 77.65 -61.20
CA VAL C 419 35.45 76.22 -61.09
C VAL C 419 36.72 75.38 -61.06
N THR C 420 36.73 74.25 -60.35
CA THR C 420 37.79 73.25 -60.48
C THR C 420 37.28 71.82 -60.32
N GLN C 421 38.08 70.86 -60.79
CA GLN C 421 37.84 69.43 -60.62
C GLN C 421 37.96 69.07 -59.13
N ARG C 422 36.92 68.46 -58.54
CA ARG C 422 36.84 68.15 -57.09
C ARG C 422 38.11 67.47 -56.54
N ASN C 423 38.63 66.52 -57.30
CA ASN C 423 39.78 65.70 -56.91
C ASN C 423 41.11 66.10 -57.58
N PHE C 424 41.23 67.30 -58.18
CA PHE C 424 42.53 67.83 -58.64
C PHE C 424 42.50 69.35 -58.81
N TYR C 425 43.36 70.08 -58.09
CA TYR C 425 43.44 71.53 -58.13
C TYR C 425 43.97 72.04 -59.49
N GLU C 426 43.03 72.40 -60.38
CA GLU C 426 43.26 73.02 -61.69
C GLU C 426 42.17 74.09 -61.93
N PRO C 427 42.38 75.35 -61.53
CA PRO C 427 41.42 76.44 -61.72
C PRO C 427 41.00 76.64 -63.19
N GLN C 428 39.70 76.87 -63.37
CA GLN C 428 39.11 77.12 -64.67
C GLN C 428 38.24 78.37 -64.56
N ILE C 429 37.98 79.04 -65.69
CA ILE C 429 37.16 80.26 -65.69
C ILE C 429 35.65 79.94 -65.71
N ILE C 430 34.86 80.72 -64.96
CA ILE C 430 33.40 80.63 -64.90
C ILE C 430 32.78 81.07 -66.24
N THR C 431 31.89 80.25 -66.79
CA THR C 431 31.12 80.49 -68.03
C THR C 431 29.91 79.55 -68.05
N THR C 432 28.89 79.81 -68.88
CA THR C 432 27.68 78.96 -68.94
C THR C 432 27.99 77.52 -69.33
N ASP C 433 28.99 77.28 -70.19
CA ASP C 433 29.46 75.92 -70.55
C ASP C 433 30.08 75.12 -69.37
N ASN C 434 30.29 75.78 -68.22
CA ASN C 434 31.03 75.29 -67.05
C ASN C 434 30.24 75.42 -65.74
N THR C 435 29.03 75.98 -65.78
CA THR C 435 28.21 76.36 -64.61
C THR C 435 26.71 76.30 -64.93
N PHE C 436 25.86 76.37 -63.90
CA PHE C 436 24.42 76.55 -64.01
C PHE C 436 23.98 77.84 -63.29
N VAL C 437 22.90 78.45 -63.77
CA VAL C 437 22.33 79.70 -63.26
C VAL C 437 20.84 79.48 -62.97
N SER C 438 20.38 79.98 -61.81
CA SER C 438 18.96 79.83 -61.41
C SER C 438 18.43 81.18 -60.94
N GLY C 439 17.20 81.54 -61.32
CA GLY C 439 16.65 82.86 -60.96
C GLY C 439 16.11 82.91 -59.54
N ASN C 440 16.16 81.80 -58.81
CA ASN C 440 15.61 81.74 -57.43
C ASN C 440 16.75 81.48 -56.44
N CYS C 441 16.91 82.34 -55.43
CA CYS C 441 17.94 82.11 -54.41
C CYS C 441 17.57 81.03 -53.40
N ASP C 442 16.28 81.00 -53.02
CA ASP C 442 15.73 80.04 -52.04
C ASP C 442 16.30 78.62 -52.12
N VAL C 443 16.63 78.05 -50.96
CA VAL C 443 17.23 76.71 -50.93
C VAL C 443 16.20 75.68 -50.46
N VAL C 444 15.98 74.63 -51.25
CA VAL C 444 15.03 73.53 -50.94
C VAL C 444 15.65 72.57 -49.91
N ILE C 445 14.90 72.17 -48.88
CA ILE C 445 15.37 71.25 -47.84
C ILE C 445 14.67 69.89 -47.94
N GLY C 446 15.46 68.82 -48.08
CA GLY C 446 15.03 67.42 -47.95
C GLY C 446 15.51 66.76 -46.64
N ILE C 447 14.82 65.69 -46.23
CA ILE C 447 15.21 64.82 -45.11
C ILE C 447 15.10 63.35 -45.54
N VAL C 448 16.13 62.56 -45.26
CA VAL C 448 16.23 61.13 -45.61
C VAL C 448 16.71 60.37 -44.38
N ASN C 449 15.76 59.86 -43.60
CA ASN C 449 16.03 59.12 -42.38
C ASN C 449 16.05 57.61 -42.67
N ASN C 450 17.22 57.03 -42.95
CA ASN C 450 17.38 55.60 -43.24
C ASN C 450 17.14 54.73 -41.99
N THR C 451 15.88 54.51 -41.64
CA THR C 451 15.47 53.58 -40.58
C THR C 451 15.72 52.15 -41.05
N VAL C 452 16.83 51.55 -40.62
CA VAL C 452 16.98 50.09 -40.66
C VAL C 452 15.85 49.45 -39.84
N TYR C 453 15.38 48.27 -40.27
CA TYR C 453 14.08 47.75 -39.85
C TYR C 453 13.95 47.60 -38.33
N ASP C 454 12.89 48.18 -37.75
CA ASP C 454 12.53 48.03 -36.35
C ASP C 454 11.57 46.82 -36.18
N PRO C 455 12.05 45.68 -35.65
CA PRO C 455 11.22 44.48 -35.49
C PRO C 455 10.10 44.67 -34.47
N LEU C 456 8.96 44.00 -34.73
CA LEU C 456 7.87 44.00 -33.72
C LEU C 456 8.33 43.07 -32.59
N GLN C 457 9.18 43.58 -31.69
CA GLN C 457 9.77 42.73 -30.62
C GLN C 457 8.66 42.02 -29.81
N PRO C 458 8.92 40.79 -29.31
CA PRO C 458 7.93 40.04 -28.53
C PRO C 458 7.31 40.87 -27.39
N GLU C 459 6.08 40.51 -26.98
CA GLU C 459 5.36 41.27 -25.96
C GLU C 459 4.83 40.32 -24.87
N LEU C 460 5.75 39.66 -24.17
CA LEU C 460 5.41 38.72 -23.09
C LEU C 460 4.84 39.44 -21.86
N ASP C 461 3.84 38.83 -21.23
CA ASP C 461 3.31 39.24 -19.92
C ASP C 461 4.27 38.89 -18.77
N SER C 462 3.87 39.10 -17.52
CA SER C 462 4.45 38.37 -16.38
C SER C 462 4.16 36.87 -16.50
N PHE C 463 5.10 36.02 -16.06
CA PHE C 463 4.98 34.57 -16.20
C PHE C 463 3.74 34.01 -15.51
N LYS C 464 3.45 34.45 -14.29
CA LYS C 464 2.23 34.13 -13.53
C LYS C 464 0.96 34.32 -14.37
N GLU C 465 0.80 35.46 -15.02
CA GLU C 465 -0.38 35.75 -15.83
C GLU C 465 -0.54 34.79 -17.03
N GLU C 466 0.55 34.36 -17.67
CA GLU C 466 0.47 33.29 -18.69
C GLU C 466 0.29 31.89 -18.07
N LEU C 467 0.88 31.62 -16.91
CA LEU C 467 0.79 30.33 -16.24
C LEU C 467 -0.66 30.01 -15.84
N ASP C 468 -1.30 30.93 -15.12
CA ASP C 468 -2.68 30.77 -14.66
C ASP C 468 -3.72 30.69 -15.80
N LYS C 469 -3.35 30.93 -17.06
CA LYS C 469 -4.25 30.74 -18.22
C LYS C 469 -4.72 29.29 -18.34
N TYR C 470 -3.83 28.32 -18.07
CA TYR C 470 -4.12 26.88 -18.19
C TYR C 470 -3.57 26.00 -17.06
N PHE C 471 -2.63 26.48 -16.24
CA PHE C 471 -2.01 25.69 -15.16
C PHE C 471 -3.04 25.25 -14.11
N LYS C 472 -3.15 23.94 -13.90
CA LYS C 472 -4.06 23.43 -12.83
C LYS C 472 -3.22 23.06 -11.60
N ASN C 473 -3.17 23.95 -10.60
CA ASN C 473 -2.45 23.62 -9.34
C ASN C 473 -3.16 22.44 -8.67
N HIS C 474 -2.46 21.67 -7.84
CA HIS C 474 -3.12 20.46 -7.28
C HIS C 474 -2.55 20.09 -5.92
N THR C 475 -3.39 19.49 -5.06
CA THR C 475 -2.96 18.98 -3.77
C THR C 475 -3.88 17.85 -3.32
N SER C 476 -3.42 16.61 -3.49
CA SER C 476 -4.20 15.42 -3.11
C SER C 476 -4.34 15.34 -1.57
N PRO C 477 -5.41 14.73 -1.04
CA PRO C 477 -5.64 14.67 0.39
C PRO C 477 -4.55 13.87 1.11
N ASP C 478 -4.30 14.22 2.38
CA ASP C 478 -3.35 13.49 3.19
C ASP C 478 -4.05 12.21 3.61
N VAL C 479 -4.06 11.22 2.72
CA VAL C 479 -4.74 9.95 2.98
C VAL C 479 -4.17 9.13 4.14
N ASP C 480 -5.07 8.53 4.91
CA ASP C 480 -4.70 7.71 6.05
C ASP C 480 -5.62 6.49 6.15
N LEU C 481 -5.13 5.42 6.75
CA LEU C 481 -5.92 4.20 6.92
C LEU C 481 -6.57 4.17 8.30
N GLY C 482 -7.51 3.25 8.50
CA GLY C 482 -8.19 3.15 9.80
C GLY C 482 -7.41 2.32 10.80
N ASP C 483 -7.17 2.88 11.98
CA ASP C 483 -6.44 2.21 13.05
C ASP C 483 -7.16 0.99 13.62
N ILE C 484 -6.53 -0.17 13.43
CA ILE C 484 -7.03 -1.47 13.92
C ILE C 484 -6.66 -1.73 15.40
N SER C 485 -5.78 -0.93 16.00
CA SER C 485 -5.35 -1.10 17.41
C SER C 485 -6.47 -0.99 18.46
N GLY C 486 -7.68 -0.57 18.07
CA GLY C 486 -8.88 -0.70 18.90
C GLY C 486 -9.32 -2.15 19.15
N ILE C 487 -8.78 -3.12 18.41
CA ILE C 487 -8.95 -4.56 18.65
C ILE C 487 -8.25 -4.97 19.95
N ASN C 488 -9.03 -5.41 20.95
CA ASN C 488 -8.50 -5.79 22.27
C ASN C 488 -7.98 -7.23 22.35
N ALA C 489 -8.60 -8.16 21.62
CA ALA C 489 -8.23 -9.59 21.60
C ALA C 489 -7.99 -10.13 23.02
N SER C 490 -9.03 -10.06 23.84
CA SER C 490 -8.90 -10.45 25.24
C SER C 490 -8.49 -11.89 25.50
N VAL C 491 -7.62 -12.06 26.50
CA VAL C 491 -7.09 -13.41 26.85
C VAL C 491 -8.02 -14.03 27.91
N VAL C 492 -7.77 -15.29 28.28
CA VAL C 492 -8.67 -15.98 29.27
C VAL C 492 -7.84 -16.48 30.45
N ASN C 493 -8.41 -16.49 31.65
CA ASN C 493 -7.71 -17.02 32.85
C ASN C 493 -8.64 -18.04 33.54
N ILE C 494 -8.25 -19.31 33.56
CA ILE C 494 -9.15 -20.36 34.13
C ILE C 494 -8.26 -21.22 35.04
N GLN C 495 -7.09 -20.69 35.44
CA GLN C 495 -6.12 -21.47 36.20
C GLN C 495 -6.58 -21.75 37.62
N LYS C 496 -7.40 -20.87 38.21
CA LYS C 496 -8.13 -21.15 39.46
C LYS C 496 -9.01 -22.38 39.27
N GLU C 497 -9.89 -22.41 38.28
CA GLU C 497 -10.78 -23.54 38.02
C GLU C 497 -10.03 -24.82 37.63
N ILE C 498 -8.94 -24.75 36.88
CA ILE C 498 -8.14 -25.94 36.53
C ILE C 498 -7.40 -26.50 37.76
N ASP C 499 -6.84 -25.61 38.58
CA ASP C 499 -6.18 -26.06 39.83
C ASP C 499 -7.26 -26.65 40.75
N ARG C 500 -8.44 -26.03 40.76
CA ARG C 500 -9.56 -26.51 41.62
C ARG C 500 -9.98 -27.91 41.15
N LEU C 501 -10.03 -28.13 39.83
CA LEU C 501 -10.40 -29.47 39.31
C LEU C 501 -9.34 -30.48 39.76
N ASN C 502 -8.06 -30.11 39.68
CA ASN C 502 -6.98 -31.01 40.17
C ASN C 502 -7.17 -31.23 41.67
N GLU C 503 -7.49 -30.16 42.40
CA GLU C 503 -7.73 -30.28 43.87
C GLU C 503 -8.80 -31.35 44.12
N VAL C 504 -9.96 -31.22 43.48
CA VAL C 504 -11.05 -32.18 43.72
C VAL C 504 -10.69 -33.56 43.17
N ALA C 505 -9.94 -33.68 42.07
CA ALA C 505 -9.43 -34.98 41.61
C ALA C 505 -8.44 -35.63 42.60
N LYS C 506 -7.69 -34.85 43.38
CA LYS C 506 -6.92 -35.34 44.53
C LYS C 506 -7.81 -35.65 45.74
N ASN C 507 -8.74 -34.78 46.11
CA ASN C 507 -9.52 -34.90 47.33
C ASN C 507 -10.68 -35.88 47.26
N LEU C 508 -11.19 -36.17 46.06
CA LEU C 508 -12.24 -37.21 45.92
C LEU C 508 -11.70 -38.54 46.47
N ASN C 509 -10.37 -38.69 46.47
CA ASN C 509 -9.72 -39.94 46.94
C ASN C 509 -10.13 -40.24 48.39
N GLU C 510 -10.26 -39.20 49.22
CA GLU C 510 -10.58 -39.40 50.66
C GLU C 510 -11.96 -40.07 50.80
N SER C 511 -12.87 -39.83 49.85
CA SER C 511 -14.23 -40.34 50.00
C SER C 511 -14.38 -41.83 49.71
N LEU C 512 -13.30 -42.45 49.24
CA LEU C 512 -13.33 -43.89 48.94
C LEU C 512 -13.75 -44.66 50.19
N ILE C 513 -14.90 -45.32 50.09
CA ILE C 513 -15.47 -46.06 51.26
C ILE C 513 -14.53 -47.14 51.77
N ASP C 514 -14.36 -47.22 53.08
CA ASP C 514 -13.55 -48.24 53.75
C ASP C 514 -14.39 -48.78 54.91
N LEU C 515 -15.30 -49.70 54.59
CA LEU C 515 -16.24 -50.24 55.61
C LEU C 515 -15.49 -51.06 56.68
N GLN C 516 -16.17 -51.37 57.78
CA GLN C 516 -15.56 -52.22 58.83
C GLN C 516 -15.86 -53.68 58.49
N GLU C 517 -14.82 -54.48 58.21
CA GLU C 517 -15.02 -55.89 57.80
C GLU C 517 -16.02 -56.58 58.74
N LEU C 518 -17.07 -57.19 58.19
CA LEU C 518 -18.02 -57.93 59.02
C LEU C 518 -17.90 -59.43 58.96
N GLY C 519 -17.83 -59.98 57.76
CA GLY C 519 -17.74 -61.43 57.63
C GLY C 519 -19.06 -62.09 57.26
N LYS C 520 -19.02 -63.06 56.34
CA LYS C 520 -20.30 -63.63 55.84
C LYS C 520 -20.64 -64.95 56.53
N TYR C 521 -19.67 -65.87 56.62
CA TYR C 521 -19.89 -67.22 57.21
C TYR C 521 -20.84 -68.05 56.33
N GLU C 522 -21.45 -69.10 56.89
CA GLU C 522 -22.30 -70.04 56.10
C GLU C 522 -21.36 -71.02 55.39
N GLN C 523 -20.37 -71.55 56.14
CA GLN C 523 -19.36 -72.47 55.54
C GLN C 523 -19.68 -73.90 55.97
N TYR C 524 -18.66 -74.72 56.23
CA TYR C 524 -18.90 -76.15 56.58
C TYR C 524 -19.18 -76.29 58.09
N ILE C 525 -20.44 -76.20 58.49
CA ILE C 525 -20.82 -76.45 59.90
C ILE C 525 -21.95 -77.49 59.85
N LYS C 526 -21.84 -78.44 58.93
CA LYS C 526 -22.92 -79.45 58.72
C LYS C 526 -22.59 -80.76 59.43
N TRP C 527 -23.61 -81.45 59.94
CA TRP C 527 -23.39 -82.79 60.55
C TRP C 527 -23.53 -83.84 59.46
N PRO C 528 -22.97 -85.04 59.68
CA PRO C 528 -22.97 -86.11 58.70
C PRO C 528 -24.14 -87.07 58.92
N TRP C 529 -24.69 -87.62 57.84
CA TRP C 529 -25.81 -88.56 57.94
C TRP C 529 -25.46 -89.83 58.73
N TYR C 530 -24.21 -90.25 58.71
CA TYR C 530 -23.68 -91.39 59.47
C TYR C 530 -23.75 -91.19 60.99
N ILE C 531 -23.74 -89.95 61.45
CA ILE C 531 -23.77 -89.67 62.89
C ILE C 531 -25.06 -89.02 63.40
N TRP C 532 -25.94 -88.63 62.49
CA TRP C 532 -27.20 -87.99 62.89
C TRP C 532 -28.02 -88.76 63.96
N LEU C 533 -27.80 -90.06 64.05
CA LEU C 533 -28.53 -90.89 65.06
C LEU C 533 -28.00 -90.56 66.47
N GLY C 534 -27.10 -89.58 66.58
CA GLY C 534 -26.51 -89.22 67.88
C GLY C 534 -27.58 -88.85 68.90
N PHE C 535 -28.62 -88.12 68.48
CA PHE C 535 -29.69 -87.68 69.41
C PHE C 535 -30.65 -88.84 69.66
N ILE C 536 -30.81 -89.73 68.67
CA ILE C 536 -31.65 -90.94 68.89
C ILE C 536 -31.04 -91.72 70.06
N ALA C 537 -29.71 -91.75 70.13
CA ALA C 537 -29.03 -92.41 71.27
C ALA C 537 -29.44 -91.70 72.57
N GLY C 538 -29.66 -90.38 72.51
CA GLY C 538 -30.14 -89.66 73.70
C GLY C 538 -31.50 -90.19 74.11
N LEU C 539 -32.39 -90.38 73.13
CA LEU C 539 -33.70 -90.99 73.43
C LEU C 539 -33.54 -92.37 74.09
N ILE C 540 -32.52 -93.14 73.70
CA ILE C 540 -32.20 -94.42 74.35
C ILE C 540 -31.71 -94.20 75.80
N ALA C 541 -31.03 -93.11 76.12
CA ALA C 541 -30.72 -92.78 77.50
C ALA C 541 -31.97 -92.41 78.31
N ILE C 542 -32.96 -91.75 77.69
CA ILE C 542 -34.28 -91.53 78.31
C ILE C 542 -34.96 -92.87 78.58
N VAL C 543 -34.88 -93.84 77.65
CA VAL C 543 -35.35 -95.21 77.90
C VAL C 543 -34.60 -95.87 79.08
N MET C 544 -33.28 -95.67 79.21
CA MET C 544 -32.52 -96.22 80.33
C MET C 544 -32.99 -95.70 81.69
N VAL C 545 -33.25 -94.40 81.85
CA VAL C 545 -33.86 -93.88 83.11
C VAL C 545 -35.34 -94.23 83.25
N THR C 546 -36.03 -94.59 82.16
CA THR C 546 -37.43 -95.05 82.24
C THR C 546 -37.56 -96.34 83.05
N ILE C 547 -36.49 -97.14 83.13
CA ILE C 547 -36.43 -98.29 84.04
C ILE C 547 -36.24 -97.85 85.50
N MET C 548 -35.36 -96.86 85.73
CA MET C 548 -35.10 -96.32 87.09
C MET C 548 -36.36 -95.72 87.73
N LEU C 549 -37.20 -95.06 86.93
CA LEU C 549 -38.52 -94.54 87.35
C LEU C 549 -39.69 -95.38 86.80
N CYS C 550 -39.50 -96.70 86.63
CA CYS C 550 -40.56 -97.63 86.21
C CYS C 550 -41.80 -97.56 87.13
N CYS C 551 -41.58 -97.21 88.40
CA CYS C 551 -42.53 -96.53 89.25
C CYS C 551 -41.81 -95.41 90.02
N MET C 552 -42.56 -94.42 90.52
CA MET C 552 -42.07 -93.27 91.29
C MET C 552 -41.80 -93.59 92.78
N THR C 553 -42.24 -94.74 93.31
CA THR C 553 -42.09 -95.12 94.73
C THR C 553 -40.63 -95.12 95.19
N SER C 554 -39.66 -95.33 94.30
CA SER C 554 -38.24 -95.15 94.61
C SER C 554 -37.90 -93.72 95.04
N CYS C 555 -38.51 -92.70 94.44
CA CYS C 555 -38.43 -91.31 94.89
C CYS C 555 -39.11 -91.12 96.26
N CYS C 556 -40.25 -91.77 96.51
CA CYS C 556 -40.87 -91.79 97.83
C CYS C 556 -39.95 -92.41 98.90
N SER C 557 -39.20 -93.47 98.59
CA SER C 557 -38.21 -94.04 99.51
C SER C 557 -37.06 -93.07 99.83
N CYS C 558 -36.68 -92.23 98.86
CA CYS C 558 -35.70 -91.16 99.08
C CYS C 558 -36.26 -90.03 99.95
N LEU C 559 -37.52 -89.66 99.76
CA LEU C 559 -38.24 -88.71 100.63
C LEU C 559 -38.42 -89.24 102.06
N LYS C 560 -38.64 -90.54 102.25
CA LYS C 560 -38.59 -91.18 103.58
C LYS C 560 -37.19 -91.04 104.21
N GLY C 561 -36.12 -91.19 103.41
CA GLY C 561 -34.76 -90.84 103.82
C GLY C 561 -34.56 -89.35 104.18
N CYS C 562 -35.25 -88.44 103.47
CA CYS C 562 -35.29 -87.01 103.81
C CYS C 562 -35.99 -86.77 105.16
N CYS C 563 -37.00 -87.57 105.51
CA CYS C 563 -37.63 -87.56 106.84
C CYS C 563 -36.67 -88.07 107.93
N SER C 564 -36.04 -89.24 107.71
CA SER C 564 -35.02 -89.80 108.61
C SER C 564 -33.62 -89.27 108.29
#